data_7E25
# 
_entry.id   7E25 
# 
_audit_conform.dict_name       mmcif_pdbx.dic 
_audit_conform.dict_version    5.380 
_audit_conform.dict_location   http://mmcif.pdb.org/dictionaries/ascii/mmcif_pdbx.dic 
# 
loop_
_database_2.database_id 
_database_2.database_code 
_database_2.pdbx_database_accession 
_database_2.pdbx_DOI 
PDB   7E25         pdb_00007e25 10.2210/pdb7e25/pdb 
WWPDB D_1300020653 ?            ?                   
# 
_pdbx_database_status.status_code                     REL 
_pdbx_database_status.status_code_sf                  REL 
_pdbx_database_status.status_code_mr                  ? 
_pdbx_database_status.entry_id                        7E25 
_pdbx_database_status.recvd_initial_deposition_date   2021-02-04 
_pdbx_database_status.SG_entry                        N 
_pdbx_database_status.deposit_site                    PDBJ 
_pdbx_database_status.process_site                    PDBJ 
_pdbx_database_status.status_code_cs                  ? 
_pdbx_database_status.status_code_nmr_data            ? 
_pdbx_database_status.methods_development_category    ? 
_pdbx_database_status.pdb_format_compatible           Y 
# 
_audit_author.name               'Nam, K.H.' 
_audit_author.pdbx_ordinal       1 
_audit_author.identifier_ORCID   0000-0003-3268-354X 
# 
_citation.abstract                  ? 
_citation.abstract_id_CAS           ? 
_citation.book_id_ISBN              ? 
_citation.book_publisher            ? 
_citation.book_publisher_city       ? 
_citation.book_title                ? 
_citation.coordinate_linkage        ? 
_citation.country                   ? 
_citation.database_id_Medline       ? 
_citation.details                   ? 
_citation.id                        primary 
_citation.journal_abbrev            'Acta Crystallogr D Struct Biol' 
_citation.journal_id_ASTM           ? 
_citation.journal_id_CSD            ? 
_citation.journal_id_ISSN           2059-7983 
_citation.journal_full              ? 
_citation.journal_issue             ? 
_citation.journal_volume            77 
_citation.language                  ? 
_citation.page_first                954 
_citation.page_last                 965 
_citation.title                     
'Crystal structure of human brain-type fatty acid-binding protein FABP7 complexed with palmitic acid.' 
_citation.year                      2021 
_citation.database_id_CSD           ? 
_citation.pdbx_database_id_DOI      10.1107/S2059798321005763 
_citation.pdbx_database_id_PubMed   34196621 
_citation.unpublished_flag          ? 
# 
_citation_author.citation_id        primary 
_citation_author.name               'Nam, K.H.' 
_citation_author.ordinal            1 
_citation_author.identifier_ORCID   0000-0003-3268-354X 
# 
_cell.angle_alpha                  90.000 
_cell.angle_alpha_esd              ? 
_cell.angle_beta                   98.790 
_cell.angle_beta_esd               ? 
_cell.angle_gamma                  90.000 
_cell.angle_gamma_esd              ? 
_cell.entry_id                     7E25 
_cell.details                      ? 
_cell.formula_units_Z              ? 
_cell.length_a                     91.895 
_cell.length_a_esd                 ? 
_cell.length_b                     45.356 
_cell.length_b_esd                 ? 
_cell.length_c                     42.846 
_cell.length_c_esd                 ? 
_cell.volume                       ? 
_cell.volume_esd                   ? 
_cell.Z_PDB                        4 
_cell.reciprocal_angle_alpha       ? 
_cell.reciprocal_angle_beta        ? 
_cell.reciprocal_angle_gamma       ? 
_cell.reciprocal_angle_alpha_esd   ? 
_cell.reciprocal_angle_beta_esd    ? 
_cell.reciprocal_angle_gamma_esd   ? 
_cell.reciprocal_length_a          ? 
_cell.reciprocal_length_b          ? 
_cell.reciprocal_length_c          ? 
_cell.reciprocal_length_a_esd      ? 
_cell.reciprocal_length_b_esd      ? 
_cell.reciprocal_length_c_esd      ? 
_cell.pdbx_unique_axis             ? 
# 
_symmetry.entry_id                         7E25 
_symmetry.cell_setting                     ? 
_symmetry.Int_Tables_number                5 
_symmetry.space_group_name_Hall            ? 
_symmetry.space_group_name_H-M             'C 1 2 1' 
_symmetry.pdbx_full_space_group_name_H-M   ? 
# 
loop_
_entity.id 
_entity.type 
_entity.src_method 
_entity.pdbx_description 
_entity.formula_weight 
_entity.pdbx_number_of_molecules 
_entity.pdbx_ec 
_entity.pdbx_mutation 
_entity.pdbx_fragment 
_entity.details 
1 polymer     man 'Fatty acid-binding protein, brain' 15674.811 1   ? ? ? ? 
2 non-polymer syn GLYCEROL                            92.094    1   ? ? ? ? 
3 non-polymer syn 'PALMITIC ACID'                     256.424   1   ? ? ? ? 
4 non-polymer syn 'SULFATE ION'                       96.063    3   ? ? ? ? 
5 water       nat water                               18.015    169 ? ? ? ? 
# 
_entity_name_com.entity_id   1 
_entity_name_com.name        
;Brain lipid-binding protein,BLBP,Brain-type fatty acid-binding protein,B-FABP,Fatty acid-binding protein 7,Mammary-derived growth inhibitor related
;
# 
_entity_poly.entity_id                      1 
_entity_poly.type                           'polypeptide(L)' 
_entity_poly.nstd_linkage                   no 
_entity_poly.nstd_monomer                   no 
_entity_poly.pdbx_seq_one_letter_code       
;VPRGSHMMVEAFCATWKLTNSQNFDEYMKALGVGFATRQVGNVTKPTVIISQEGDKVVIRTLSTFKNTEISFQLGEEFDE
TTADDRNCKSVVSLDGDKLVHIQKWDGKETNFVREIKDGKMVMTLTFGDVVAVRHYEKA
;
_entity_poly.pdbx_seq_one_letter_code_can   
;VPRGSHMMVEAFCATWKLTNSQNFDEYMKALGVGFATRQVGNVTKPTVIISQEGDKVVIRTLSTFKNTEISFQLGEEFDE
TTADDRNCKSVVSLDGDKLVHIQKWDGKETNFVREIKDGKMVMTLTFGDVVAVRHYEKA
;
_entity_poly.pdbx_strand_id                 A 
_entity_poly.pdbx_target_identifier         ? 
# 
loop_
_entity_poly_seq.entity_id 
_entity_poly_seq.num 
_entity_poly_seq.mon_id 
_entity_poly_seq.hetero 
1 1   VAL n 
1 2   PRO n 
1 3   ARG n 
1 4   GLY n 
1 5   SER n 
1 6   HIS n 
1 7   MET n 
1 8   MET n 
1 9   VAL n 
1 10  GLU n 
1 11  ALA n 
1 12  PHE n 
1 13  CYS n 
1 14  ALA n 
1 15  THR n 
1 16  TRP n 
1 17  LYS n 
1 18  LEU n 
1 19  THR n 
1 20  ASN n 
1 21  SER n 
1 22  GLN n 
1 23  ASN n 
1 24  PHE n 
1 25  ASP n 
1 26  GLU n 
1 27  TYR n 
1 28  MET n 
1 29  LYS n 
1 30  ALA n 
1 31  LEU n 
1 32  GLY n 
1 33  VAL n 
1 34  GLY n 
1 35  PHE n 
1 36  ALA n 
1 37  THR n 
1 38  ARG n 
1 39  GLN n 
1 40  VAL n 
1 41  GLY n 
1 42  ASN n 
1 43  VAL n 
1 44  THR n 
1 45  LYS n 
1 46  PRO n 
1 47  THR n 
1 48  VAL n 
1 49  ILE n 
1 50  ILE n 
1 51  SER n 
1 52  GLN n 
1 53  GLU n 
1 54  GLY n 
1 55  ASP n 
1 56  LYS n 
1 57  VAL n 
1 58  VAL n 
1 59  ILE n 
1 60  ARG n 
1 61  THR n 
1 62  LEU n 
1 63  SER n 
1 64  THR n 
1 65  PHE n 
1 66  LYS n 
1 67  ASN n 
1 68  THR n 
1 69  GLU n 
1 70  ILE n 
1 71  SER n 
1 72  PHE n 
1 73  GLN n 
1 74  LEU n 
1 75  GLY n 
1 76  GLU n 
1 77  GLU n 
1 78  PHE n 
1 79  ASP n 
1 80  GLU n 
1 81  THR n 
1 82  THR n 
1 83  ALA n 
1 84  ASP n 
1 85  ASP n 
1 86  ARG n 
1 87  ASN n 
1 88  CYS n 
1 89  LYS n 
1 90  SER n 
1 91  VAL n 
1 92  VAL n 
1 93  SER n 
1 94  LEU n 
1 95  ASP n 
1 96  GLY n 
1 97  ASP n 
1 98  LYS n 
1 99  LEU n 
1 100 VAL n 
1 101 HIS n 
1 102 ILE n 
1 103 GLN n 
1 104 LYS n 
1 105 TRP n 
1 106 ASP n 
1 107 GLY n 
1 108 LYS n 
1 109 GLU n 
1 110 THR n 
1 111 ASN n 
1 112 PHE n 
1 113 VAL n 
1 114 ARG n 
1 115 GLU n 
1 116 ILE n 
1 117 LYS n 
1 118 ASP n 
1 119 GLY n 
1 120 LYS n 
1 121 MET n 
1 122 VAL n 
1 123 MET n 
1 124 THR n 
1 125 LEU n 
1 126 THR n 
1 127 PHE n 
1 128 GLY n 
1 129 ASP n 
1 130 VAL n 
1 131 VAL n 
1 132 ALA n 
1 133 VAL n 
1 134 ARG n 
1 135 HIS n 
1 136 TYR n 
1 137 GLU n 
1 138 LYS n 
1 139 ALA n 
# 
_entity_src_gen.entity_id                          1 
_entity_src_gen.pdbx_src_id                        1 
_entity_src_gen.pdbx_alt_source_flag               sample 
_entity_src_gen.pdbx_seq_type                      'Biological sequence' 
_entity_src_gen.pdbx_beg_seq_num                   1 
_entity_src_gen.pdbx_end_seq_num                   139 
_entity_src_gen.gene_src_common_name               Human 
_entity_src_gen.gene_src_genus                     ? 
_entity_src_gen.pdbx_gene_src_gene                 'FABP7, BLBP, FABPB, MRG' 
_entity_src_gen.gene_src_species                   ? 
_entity_src_gen.gene_src_strain                    ? 
_entity_src_gen.gene_src_tissue                    ? 
_entity_src_gen.gene_src_tissue_fraction           ? 
_entity_src_gen.gene_src_details                   ? 
_entity_src_gen.pdbx_gene_src_fragment             ? 
_entity_src_gen.pdbx_gene_src_scientific_name      'Homo sapiens' 
_entity_src_gen.pdbx_gene_src_ncbi_taxonomy_id     9606 
_entity_src_gen.pdbx_gene_src_variant              ? 
_entity_src_gen.pdbx_gene_src_cell_line            ? 
_entity_src_gen.pdbx_gene_src_atcc                 ? 
_entity_src_gen.pdbx_gene_src_organ                ? 
_entity_src_gen.pdbx_gene_src_organelle            ? 
_entity_src_gen.pdbx_gene_src_cell                 ? 
_entity_src_gen.pdbx_gene_src_cellular_location    ? 
_entity_src_gen.host_org_common_name               ? 
_entity_src_gen.pdbx_host_org_scientific_name      'Escherichia coli BL21(DE3)' 
_entity_src_gen.pdbx_host_org_ncbi_taxonomy_id     469008 
_entity_src_gen.host_org_genus                     ? 
_entity_src_gen.pdbx_host_org_gene                 ? 
_entity_src_gen.pdbx_host_org_organ                ? 
_entity_src_gen.host_org_species                   ? 
_entity_src_gen.pdbx_host_org_tissue               ? 
_entity_src_gen.pdbx_host_org_tissue_fraction      ? 
_entity_src_gen.pdbx_host_org_strain               ? 
_entity_src_gen.pdbx_host_org_variant              ? 
_entity_src_gen.pdbx_host_org_cell_line            ? 
_entity_src_gen.pdbx_host_org_atcc                 ? 
_entity_src_gen.pdbx_host_org_culture_collection   ? 
_entity_src_gen.pdbx_host_org_cell                 ? 
_entity_src_gen.pdbx_host_org_organelle            ? 
_entity_src_gen.pdbx_host_org_cellular_location    ? 
_entity_src_gen.pdbx_host_org_vector_type          ? 
_entity_src_gen.pdbx_host_org_vector               ? 
_entity_src_gen.host_org_details                   ? 
_entity_src_gen.expression_system_id               ? 
_entity_src_gen.plasmid_name                       ? 
_entity_src_gen.plasmid_details                    ? 
_entity_src_gen.pdbx_description                   ? 
# 
_struct_ref.id                         1 
_struct_ref.db_name                    UNP 
_struct_ref.db_code                    FABP7_HUMAN 
_struct_ref.pdbx_db_accession          O15540 
_struct_ref.pdbx_db_isoform            ? 
_struct_ref.entity_id                  1 
_struct_ref.pdbx_seq_one_letter_code   
;MVEAFCATWKLTNSQNFDEYMKALGVGFATRQVGNVTKPTVIISQEGDKVVIRTLSTFKNTEISFQLGEEFDETTADDRN
CKSVVSLDGDKLVHIQKWDGKETNFVREIKDGKMVMTLTFGDVVAVRHYEKA
;
_struct_ref.pdbx_align_begin           1 
# 
_struct_ref_seq.align_id                      1 
_struct_ref_seq.ref_id                        1 
_struct_ref_seq.pdbx_PDB_id_code              7E25 
_struct_ref_seq.pdbx_strand_id                A 
_struct_ref_seq.seq_align_beg                 8 
_struct_ref_seq.pdbx_seq_align_beg_ins_code   ? 
_struct_ref_seq.seq_align_end                 139 
_struct_ref_seq.pdbx_seq_align_end_ins_code   ? 
_struct_ref_seq.pdbx_db_accession             O15540 
_struct_ref_seq.db_align_beg                  1 
_struct_ref_seq.pdbx_db_align_beg_ins_code    ? 
_struct_ref_seq.db_align_end                  132 
_struct_ref_seq.pdbx_db_align_end_ins_code    ? 
_struct_ref_seq.pdbx_auth_seq_align_beg       1 
_struct_ref_seq.pdbx_auth_seq_align_end       132 
# 
loop_
_struct_ref_seq_dif.align_id 
_struct_ref_seq_dif.pdbx_pdb_id_code 
_struct_ref_seq_dif.mon_id 
_struct_ref_seq_dif.pdbx_pdb_strand_id 
_struct_ref_seq_dif.seq_num 
_struct_ref_seq_dif.pdbx_pdb_ins_code 
_struct_ref_seq_dif.pdbx_seq_db_name 
_struct_ref_seq_dif.pdbx_seq_db_accession_code 
_struct_ref_seq_dif.db_mon_id 
_struct_ref_seq_dif.pdbx_seq_db_seq_num 
_struct_ref_seq_dif.details 
_struct_ref_seq_dif.pdbx_auth_seq_num 
_struct_ref_seq_dif.pdbx_ordinal 
1 7E25 VAL A 1 ? UNP O15540 ? ? 'expression tag' -6 1 
1 7E25 PRO A 2 ? UNP O15540 ? ? 'expression tag' -5 2 
1 7E25 ARG A 3 ? UNP O15540 ? ? 'expression tag' -4 3 
1 7E25 GLY A 4 ? UNP O15540 ? ? 'expression tag' -3 4 
1 7E25 SER A 5 ? UNP O15540 ? ? 'expression tag' -2 5 
1 7E25 HIS A 6 ? UNP O15540 ? ? 'expression tag' -1 6 
1 7E25 MET A 7 ? UNP O15540 ? ? 'expression tag' 0  7 
# 
loop_
_chem_comp.id 
_chem_comp.type 
_chem_comp.mon_nstd_flag 
_chem_comp.name 
_chem_comp.pdbx_synonyms 
_chem_comp.formula 
_chem_comp.formula_weight 
ALA 'L-peptide linking' y ALANINE         ?                               'C3 H7 N O2'     89.093  
ARG 'L-peptide linking' y ARGININE        ?                               'C6 H15 N4 O2 1' 175.209 
ASN 'L-peptide linking' y ASPARAGINE      ?                               'C4 H8 N2 O3'    132.118 
ASP 'L-peptide linking' y 'ASPARTIC ACID' ?                               'C4 H7 N O4'     133.103 
CYS 'L-peptide linking' y CYSTEINE        ?                               'C3 H7 N O2 S'   121.158 
GLN 'L-peptide linking' y GLUTAMINE       ?                               'C5 H10 N2 O3'   146.144 
GLU 'L-peptide linking' y 'GLUTAMIC ACID' ?                               'C5 H9 N O4'     147.129 
GLY 'peptide linking'   y GLYCINE         ?                               'C2 H5 N O2'     75.067  
GOL non-polymer         . GLYCEROL        'GLYCERIN; PROPANE-1,2,3-TRIOL' 'C3 H8 O3'       92.094  
HIS 'L-peptide linking' y HISTIDINE       ?                               'C6 H10 N3 O2 1' 156.162 
HOH non-polymer         . WATER           ?                               'H2 O'           18.015  
ILE 'L-peptide linking' y ISOLEUCINE      ?                               'C6 H13 N O2'    131.173 
LEU 'L-peptide linking' y LEUCINE         ?                               'C6 H13 N O2'    131.173 
LYS 'L-peptide linking' y LYSINE          ?                               'C6 H15 N2 O2 1' 147.195 
MET 'L-peptide linking' y METHIONINE      ?                               'C5 H11 N O2 S'  149.211 
PHE 'L-peptide linking' y PHENYLALANINE   ?                               'C9 H11 N O2'    165.189 
PLM non-polymer         . 'PALMITIC ACID' ?                               'C16 H32 O2'     256.424 
PRO 'L-peptide linking' y PROLINE         ?                               'C5 H9 N O2'     115.130 
SER 'L-peptide linking' y SERINE          ?                               'C3 H7 N O3'     105.093 
SO4 non-polymer         . 'SULFATE ION'   ?                               'O4 S -2'        96.063  
THR 'L-peptide linking' y THREONINE       ?                               'C4 H9 N O3'     119.119 
TRP 'L-peptide linking' y TRYPTOPHAN      ?                               'C11 H12 N2 O2'  204.225 
TYR 'L-peptide linking' y TYROSINE        ?                               'C9 H11 N O3'    181.189 
VAL 'L-peptide linking' y VALINE          ?                               'C5 H11 N O2'    117.146 
# 
_exptl.absorpt_coefficient_mu     ? 
_exptl.absorpt_correction_T_max   ? 
_exptl.absorpt_correction_T_min   ? 
_exptl.absorpt_correction_type    ? 
_exptl.absorpt_process_details    ? 
_exptl.entry_id                   7E25 
_exptl.crystals_number            1 
_exptl.details                    ? 
_exptl.method                     'X-RAY DIFFRACTION' 
_exptl.method_details             ? 
# 
_exptl_crystal.colour                      ? 
_exptl_crystal.density_diffrn              ? 
_exptl_crystal.density_Matthews            2.81 
_exptl_crystal.density_method              ? 
_exptl_crystal.density_percent_sol         56.30 
_exptl_crystal.description                 ? 
_exptl_crystal.F_000                       ? 
_exptl_crystal.id                          1 
_exptl_crystal.preparation                 ? 
_exptl_crystal.size_max                    ? 
_exptl_crystal.size_mid                    ? 
_exptl_crystal.size_min                    ? 
_exptl_crystal.size_rad                    ? 
_exptl_crystal.colour_lustre               ? 
_exptl_crystal.colour_modifier             ? 
_exptl_crystal.colour_primary              ? 
_exptl_crystal.density_meas                ? 
_exptl_crystal.density_meas_esd            ? 
_exptl_crystal.density_meas_gt             ? 
_exptl_crystal.density_meas_lt             ? 
_exptl_crystal.density_meas_temp           ? 
_exptl_crystal.density_meas_temp_esd       ? 
_exptl_crystal.density_meas_temp_gt        ? 
_exptl_crystal.density_meas_temp_lt        ? 
_exptl_crystal.pdbx_crystal_image_url      ? 
_exptl_crystal.pdbx_crystal_image_format   ? 
_exptl_crystal.pdbx_mosaicity              ? 
_exptl_crystal.pdbx_mosaicity_esd          ? 
# 
_exptl_crystal_grow.apparatus       ? 
_exptl_crystal_grow.atmosphere      ? 
_exptl_crystal_grow.crystal_id      1 
_exptl_crystal_grow.details         ? 
_exptl_crystal_grow.method          'VAPOR DIFFUSION, HANGING DROP' 
_exptl_crystal_grow.method_ref      ? 
_exptl_crystal_grow.pH              8.5 
_exptl_crystal_grow.pressure        ? 
_exptl_crystal_grow.pressure_esd    ? 
_exptl_crystal_grow.seeding         ? 
_exptl_crystal_grow.seeding_ref     ? 
_exptl_crystal_grow.temp            295.5 
_exptl_crystal_grow.temp_details    ? 
_exptl_crystal_grow.temp_esd        ? 
_exptl_crystal_grow.time            ? 
_exptl_crystal_grow.pdbx_details    'Tris-HCl, ammonium sulfate' 
_exptl_crystal_grow.pdbx_pH_range   ? 
# 
_diffrn.ambient_environment              ? 
_diffrn.ambient_temp                     100 
_diffrn.ambient_temp_details             ? 
_diffrn.ambient_temp_esd                 ? 
_diffrn.crystal_id                       1 
_diffrn.crystal_support                  ? 
_diffrn.crystal_treatment                ? 
_diffrn.details                          ? 
_diffrn.id                               1 
_diffrn.ambient_pressure                 ? 
_diffrn.ambient_pressure_esd             ? 
_diffrn.ambient_pressure_gt              ? 
_diffrn.ambient_pressure_lt              ? 
_diffrn.ambient_temp_gt                  ? 
_diffrn.ambient_temp_lt                  ? 
_diffrn.pdbx_serial_crystal_experiment   N 
# 
_diffrn_detector.details                      ? 
_diffrn_detector.detector                     CCD 
_diffrn_detector.diffrn_id                    1 
_diffrn_detector.type                         'ADSC QUANTUM 315' 
_diffrn_detector.area_resol_mean              ? 
_diffrn_detector.dtime                        ? 
_diffrn_detector.pdbx_frames_total            ? 
_diffrn_detector.pdbx_collection_time_total   ? 
_diffrn_detector.pdbx_collection_date         2018-04-20 
_diffrn_detector.pdbx_frequency               ? 
# 
_diffrn_radiation.collimation                      ? 
_diffrn_radiation.diffrn_id                        1 
_diffrn_radiation.filter_edge                      ? 
_diffrn_radiation.inhomogeneity                    ? 
_diffrn_radiation.monochromator                    ? 
_diffrn_radiation.polarisn_norm                    ? 
_diffrn_radiation.polarisn_ratio                   ? 
_diffrn_radiation.probe                            ? 
_diffrn_radiation.type                             ? 
_diffrn_radiation.xray_symbol                      ? 
_diffrn_radiation.wavelength_id                    1 
_diffrn_radiation.pdbx_monochromatic_or_laue_m_l   M 
_diffrn_radiation.pdbx_wavelength_list             ? 
_diffrn_radiation.pdbx_wavelength                  ? 
_diffrn_radiation.pdbx_diffrn_protocol             'SINGLE WAVELENGTH' 
_diffrn_radiation.pdbx_analyzer                    ? 
_diffrn_radiation.pdbx_scattering_type             x-ray 
# 
_diffrn_radiation_wavelength.id           1 
_diffrn_radiation_wavelength.wavelength   0.9795 
_diffrn_radiation_wavelength.wt           1.0 
# 
_diffrn_source.current                     ? 
_diffrn_source.details                     ? 
_diffrn_source.diffrn_id                   1 
_diffrn_source.power                       ? 
_diffrn_source.size                        ? 
_diffrn_source.source                      SYNCHROTRON 
_diffrn_source.target                      ? 
_diffrn_source.type                        'PAL/PLS BEAMLINE 5C (4A)' 
_diffrn_source.voltage                     ? 
_diffrn_source.take-off_angle              ? 
_diffrn_source.pdbx_wavelength_list        0.9795 
_diffrn_source.pdbx_wavelength             ? 
_diffrn_source.pdbx_synchrotron_beamline   '5C (4A)' 
_diffrn_source.pdbx_synchrotron_site       PAL/PLS 
# 
_reflns.B_iso_Wilson_estimate            ? 
_reflns.entry_id                         7E25 
_reflns.data_reduction_details           ? 
_reflns.data_reduction_method            ? 
_reflns.d_resolution_high                1.60 
_reflns.d_resolution_low                 50.0 
_reflns.details                          ? 
_reflns.limit_h_max                      ? 
_reflns.limit_h_min                      ? 
_reflns.limit_k_max                      ? 
_reflns.limit_k_min                      ? 
_reflns.limit_l_max                      ? 
_reflns.limit_l_min                      ? 
_reflns.number_all                       ? 
_reflns.number_obs                       22336 
_reflns.observed_criterion               ? 
_reflns.observed_criterion_F_max         ? 
_reflns.observed_criterion_F_min         ? 
_reflns.observed_criterion_I_max         ? 
_reflns.observed_criterion_I_min         ? 
_reflns.observed_criterion_sigma_F       ? 
_reflns.observed_criterion_sigma_I       ? 
_reflns.percent_possible_obs             96.4 
_reflns.R_free_details                   ? 
_reflns.Rmerge_F_all                     ? 
_reflns.Rmerge_F_obs                     ? 
_reflns.Friedel_coverage                 ? 
_reflns.number_gt                        ? 
_reflns.threshold_expression             ? 
_reflns.pdbx_redundancy                  3.3 
_reflns.pdbx_Rmerge_I_obs                0.081 
_reflns.pdbx_Rmerge_I_all                ? 
_reflns.pdbx_Rsym_value                  ? 
_reflns.pdbx_netI_over_av_sigmaI         ? 
_reflns.pdbx_netI_over_sigmaI            31.76 
_reflns.pdbx_res_netI_over_av_sigmaI_2   ? 
_reflns.pdbx_res_netI_over_sigmaI_2      ? 
_reflns.pdbx_chi_squared                 ? 
_reflns.pdbx_scaling_rejects             ? 
_reflns.pdbx_d_res_high_opt              ? 
_reflns.pdbx_d_res_low_opt               ? 
_reflns.pdbx_d_res_opt_method            ? 
_reflns.phase_calculation_details        ? 
_reflns.pdbx_Rrim_I_all                  ? 
_reflns.pdbx_Rpim_I_all                  0.052 
_reflns.pdbx_d_opt                       ? 
_reflns.pdbx_number_measured_all         ? 
_reflns.pdbx_diffrn_id                   1 
_reflns.pdbx_ordinal                     1 
_reflns.pdbx_CC_half                     ? 
_reflns.pdbx_CC_star                     ? 
_reflns.pdbx_R_split                     ? 
# 
_reflns_shell.d_res_high                  1.6 
_reflns_shell.d_res_low                   1.66 
_reflns_shell.meanI_over_sigI_all         ? 
_reflns_shell.meanI_over_sigI_obs         3.71 
_reflns_shell.number_measured_all         ? 
_reflns_shell.number_measured_obs         ? 
_reflns_shell.number_possible             ? 
_reflns_shell.number_unique_all           ? 
_reflns_shell.number_unique_obs           1854 
_reflns_shell.percent_possible_all        81 
_reflns_shell.percent_possible_obs        ? 
_reflns_shell.Rmerge_F_all                ? 
_reflns_shell.Rmerge_F_obs                ? 
_reflns_shell.Rmerge_I_all                ? 
_reflns_shell.Rmerge_I_obs                0.316 
_reflns_shell.meanI_over_sigI_gt          ? 
_reflns_shell.meanI_over_uI_all           ? 
_reflns_shell.meanI_over_uI_gt            ? 
_reflns_shell.number_measured_gt          ? 
_reflns_shell.number_unique_gt            ? 
_reflns_shell.percent_possible_gt         ? 
_reflns_shell.Rmerge_F_gt                 ? 
_reflns_shell.Rmerge_I_gt                 ? 
_reflns_shell.pdbx_redundancy             ? 
_reflns_shell.pdbx_Rsym_value             ? 
_reflns_shell.pdbx_chi_squared            ? 
_reflns_shell.pdbx_netI_over_sigmaI_all   ? 
_reflns_shell.pdbx_netI_over_sigmaI_obs   ? 
_reflns_shell.pdbx_Rrim_I_all             ? 
_reflns_shell.pdbx_Rpim_I_all             0.215 
_reflns_shell.pdbx_rejects                ? 
_reflns_shell.pdbx_ordinal                1 
_reflns_shell.pdbx_diffrn_id              1 
_reflns_shell.pdbx_CC_half                ? 
_reflns_shell.pdbx_CC_star                ? 
_reflns_shell.pdbx_R_split                ? 
# 
_refine.aniso_B[1][1]                            ? 
_refine.aniso_B[1][2]                            ? 
_refine.aniso_B[1][3]                            ? 
_refine.aniso_B[2][2]                            ? 
_refine.aniso_B[2][3]                            ? 
_refine.aniso_B[3][3]                            ? 
_refine.B_iso_max                                100.740 
_refine.B_iso_mean                               26.2015 
_refine.B_iso_min                                7.300 
_refine.correlation_coeff_Fo_to_Fc               ? 
_refine.correlation_coeff_Fo_to_Fc_free          ? 
_refine.details                                  ? 
_refine.diff_density_max                         ? 
_refine.diff_density_max_esd                     ? 
_refine.diff_density_min                         ? 
_refine.diff_density_min_esd                     ? 
_refine.diff_density_rms                         ? 
_refine.diff_density_rms_esd                     ? 
_refine.entry_id                                 7E25 
_refine.pdbx_refine_id                           'X-RAY DIFFRACTION' 
_refine.ls_abs_structure_details                 ? 
_refine.ls_abs_structure_Flack                   ? 
_refine.ls_abs_structure_Flack_esd               ? 
_refine.ls_abs_structure_Rogers                  ? 
_refine.ls_abs_structure_Rogers_esd              ? 
_refine.ls_d_res_high                            1.6000 
_refine.ls_d_res_low                             30.3500 
_refine.ls_extinction_coef                       ? 
_refine.ls_extinction_coef_esd                   ? 
_refine.ls_extinction_expression                 ? 
_refine.ls_extinction_method                     ? 
_refine.ls_goodness_of_fit_all                   ? 
_refine.ls_goodness_of_fit_all_esd               ? 
_refine.ls_goodness_of_fit_obs                   ? 
_refine.ls_goodness_of_fit_obs_esd               ? 
_refine.ls_hydrogen_treatment                    ? 
_refine.ls_matrix_type                           ? 
_refine.ls_number_constraints                    ? 
_refine.ls_number_parameters                     ? 
_refine.ls_number_reflns_all                     ? 
_refine.ls_number_reflns_obs                     22313 
_refine.ls_number_reflns_R_free                  1999 
_refine.ls_number_reflns_R_work                  20314 
_refine.ls_number_restraints                     ? 
_refine.ls_percent_reflns_obs                    96.3100 
_refine.ls_percent_reflns_R_free                 8.9600 
_refine.ls_R_factor_all                          ? 
_refine.ls_R_factor_obs                          0.1754 
_refine.ls_R_factor_R_free                       0.1977 
_refine.ls_R_factor_R_free_error                 ? 
_refine.ls_R_factor_R_free_error_details         ? 
_refine.ls_R_factor_R_work                       0.1731 
_refine.ls_R_Fsqd_factor_obs                     ? 
_refine.ls_R_I_factor_obs                        ? 
_refine.ls_redundancy_reflns_all                 ? 
_refine.ls_redundancy_reflns_obs                 ? 
_refine.ls_restrained_S_all                      ? 
_refine.ls_restrained_S_obs                      ? 
_refine.ls_shift_over_esd_max                    ? 
_refine.ls_shift_over_esd_mean                   ? 
_refine.ls_structure_factor_coef                 ? 
_refine.ls_weighting_details                     ? 
_refine.ls_weighting_scheme                      ? 
_refine.ls_wR_factor_all                         ? 
_refine.ls_wR_factor_obs                         ? 
_refine.ls_wR_factor_R_free                      ? 
_refine.ls_wR_factor_R_work                      ? 
_refine.occupancy_max                            ? 
_refine.occupancy_min                            ? 
_refine.solvent_model_details                    'FLAT BULK SOLVENT MODEL' 
_refine.solvent_model_param_bsol                 ? 
_refine.solvent_model_param_ksol                 ? 
_refine.pdbx_R_complete                          ? 
_refine.ls_R_factor_gt                           ? 
_refine.ls_goodness_of_fit_gt                    ? 
_refine.ls_goodness_of_fit_ref                   ? 
_refine.ls_shift_over_su_max                     ? 
_refine.ls_shift_over_su_max_lt                  ? 
_refine.ls_shift_over_su_mean                    ? 
_refine.ls_shift_over_su_mean_lt                 ? 
_refine.pdbx_ls_sigma_I                          ? 
_refine.pdbx_ls_sigma_F                          1.360 
_refine.pdbx_ls_sigma_Fsqd                       ? 
_refine.pdbx_data_cutoff_high_absF               ? 
_refine.pdbx_data_cutoff_high_rms_absF           ? 
_refine.pdbx_data_cutoff_low_absF                ? 
_refine.pdbx_isotropic_thermal_model             ? 
_refine.pdbx_ls_cross_valid_method               THROUGHOUT 
_refine.pdbx_method_to_determine_struct          'MOLECULAR REPLACEMENT' 
_refine.pdbx_starting_model                      1FE3 
_refine.pdbx_stereochemistry_target_values       ML 
_refine.pdbx_R_Free_selection_details            ? 
_refine.pdbx_stereochem_target_val_spec_case     ? 
_refine.pdbx_overall_ESU_R                       ? 
_refine.pdbx_overall_ESU_R_Free                  ? 
_refine.pdbx_solvent_vdw_probe_radii             1.1100 
_refine.pdbx_solvent_ion_probe_radii             ? 
_refine.pdbx_solvent_shrinkage_radii             0.9000 
_refine.pdbx_real_space_R                        ? 
_refine.pdbx_density_correlation                 ? 
_refine.pdbx_pd_number_of_powder_patterns        ? 
_refine.pdbx_pd_number_of_points                 ? 
_refine.pdbx_pd_meas_number_of_points            ? 
_refine.pdbx_pd_proc_ls_prof_R_factor            ? 
_refine.pdbx_pd_proc_ls_prof_wR_factor           ? 
_refine.pdbx_pd_Marquardt_correlation_coeff      ? 
_refine.pdbx_pd_Fsqrd_R_factor                   ? 
_refine.pdbx_pd_ls_matrix_band_width             ? 
_refine.pdbx_overall_phase_error                 21.3700 
_refine.pdbx_overall_SU_R_free_Cruickshank_DPI   ? 
_refine.pdbx_overall_SU_R_free_Blow_DPI          ? 
_refine.pdbx_overall_SU_R_Blow_DPI               ? 
_refine.pdbx_TLS_residual_ADP_flag               ? 
_refine.pdbx_diffrn_id                           1 
_refine.overall_SU_B                             ? 
_refine.overall_SU_ML                            0.1600 
_refine.overall_SU_R_Cruickshank_DPI             ? 
_refine.overall_SU_R_free                        ? 
_refine.overall_FOM_free_R_set                   ? 
_refine.overall_FOM_work_R_set                   ? 
_refine.pdbx_average_fsc_overall                 ? 
_refine.pdbx_average_fsc_work                    ? 
_refine.pdbx_average_fsc_free                    ? 
# 
_refine_hist.pdbx_refine_id                   'X-RAY DIFFRACTION' 
_refine_hist.cycle_id                         final 
_refine_hist.details                          ? 
_refine_hist.d_res_high                       1.6000 
_refine_hist.d_res_low                        30.3500 
_refine_hist.number_atoms_solvent             169 
_refine_hist.number_atoms_total               1306 
_refine_hist.number_reflns_all                ? 
_refine_hist.number_reflns_obs                ? 
_refine_hist.number_reflns_R_free             ? 
_refine_hist.number_reflns_R_work             ? 
_refine_hist.R_factor_all                     ? 
_refine_hist.R_factor_obs                     ? 
_refine_hist.R_factor_R_free                  ? 
_refine_hist.R_factor_R_work                  ? 
_refine_hist.pdbx_number_residues_total       139 
_refine_hist.pdbx_B_iso_mean_ligand           40.73 
_refine_hist.pdbx_B_iso_mean_solvent          37.08 
_refine_hist.pdbx_number_atoms_protein        1098 
_refine_hist.pdbx_number_atoms_nucleic_acid   0 
_refine_hist.pdbx_number_atoms_ligand         39 
_refine_hist.pdbx_number_atoms_lipid          ? 
_refine_hist.pdbx_number_atoms_carb           ? 
_refine_hist.pdbx_pseudo_atom_details         ? 
# 
loop_
_refine_ls_shell.pdbx_refine_id 
_refine_ls_shell.d_res_high 
_refine_ls_shell.d_res_low 
_refine_ls_shell.number_reflns_all 
_refine_ls_shell.number_reflns_obs 
_refine_ls_shell.number_reflns_R_free 
_refine_ls_shell.number_reflns_R_work 
_refine_ls_shell.percent_reflns_obs 
_refine_ls_shell.percent_reflns_R_free 
_refine_ls_shell.R_factor_all 
_refine_ls_shell.R_factor_obs 
_refine_ls_shell.R_factor_R_free 
_refine_ls_shell.R_factor_R_free_error 
_refine_ls_shell.R_factor_R_work 
_refine_ls_shell.redundancy_reflns_all 
_refine_ls_shell.redundancy_reflns_obs 
_refine_ls_shell.wR_factor_all 
_refine_ls_shell.wR_factor_obs 
_refine_ls_shell.wR_factor_R_free 
_refine_ls_shell.wR_factor_R_work 
_refine_ls_shell.pdbx_R_complete 
_refine_ls_shell.pdbx_total_number_of_bins_used 
_refine_ls_shell.pdbx_phase_error 
_refine_ls_shell.pdbx_fsc_work 
_refine_ls_shell.pdbx_fsc_free 
'X-RAY DIFFRACTION' 1.6000 1.6400  1252 . 112 1140 77.0000 . . . 0.3034 0.0000 0.2293 . . . . . . . 14 . . . 
'X-RAY DIFFRACTION' 1.6400 1.6800  1540 . 138 1402 94.0000 . . . 0.2396 0.0000 0.2091 . . . . . . . 14 . . . 
'X-RAY DIFFRACTION' 1.6800 1.7300  1610 . 144 1466 97.0000 . . . 0.2170 0.0000 0.2034 . . . . . . . 14 . . . 
'X-RAY DIFFRACTION' 1.7300 1.7900  1602 . 143 1459 98.0000 . . . 0.2345 0.0000 0.2056 . . . . . . . 14 . . . 
'X-RAY DIFFRACTION' 1.7900 1.8500  1599 . 144 1455 98.0000 . . . 0.2185 0.0000 0.1879 . . . . . . . 14 . . . 
'X-RAY DIFFRACTION' 1.8500 1.9300  1593 . 143 1450 98.0000 . . . 0.1958 0.0000 0.1778 . . . . . . . 14 . . . 
'X-RAY DIFFRACTION' 1.9300 2.0200  1623 . 145 1478 98.0000 . . . 0.2190 0.0000 0.1714 . . . . . . . 14 . . . 
'X-RAY DIFFRACTION' 2.0200 2.1200  1631 . 146 1485 98.0000 . . . 0.1979 0.0000 0.1706 . . . . . . . 14 . . . 
'X-RAY DIFFRACTION' 2.1200 2.2500  1616 . 144 1472 98.0000 . . . 0.1893 0.0000 0.1767 . . . . . . . 14 . . . 
'X-RAY DIFFRACTION' 2.2500 2.4300  1640 . 147 1493 99.0000 . . . 0.2281 0.0000 0.1835 . . . . . . . 14 . . . 
'X-RAY DIFFRACTION' 2.4300 2.6700  1649 . 148 1501 99.0000 . . . 0.1904 0.0000 0.1916 . . . . . . . 14 . . . 
'X-RAY DIFFRACTION' 2.6700 3.0600  1662 . 149 1513 99.0000 . . . 0.2385 0.0000 0.1755 . . . . . . . 14 . . . 
'X-RAY DIFFRACTION' 3.0600 3.8500  1647 . 147 1500 99.0000 . . . 0.1824 0.0000 0.1490 . . . . . . . 14 . . . 
'X-RAY DIFFRACTION' 3.8500 30.3500 1649 . 149 1500 96.0000 . . . 0.1567 0.0000 0.1608 . . . . . . . 14 . . . 
# 
_struct.entry_id                     7E25 
_struct.title                        'Crystal structure of human FABP7 complexed with palmitic acid' 
_struct.pdbx_model_details           ? 
_struct.pdbx_formula_weight          ? 
_struct.pdbx_formula_weight_method   ? 
_struct.pdbx_model_type_details      ? 
_struct.pdbx_CASP_flag               N 
# 
_struct_keywords.entry_id        7E25 
_struct_keywords.text            'fatty acid binding protein, FABP, FABP7, hFABP7, palmitic acid, LIPID BINDING PROTEIN' 
_struct_keywords.pdbx_keywords   'LIPID BINDING PROTEIN' 
# 
loop_
_struct_asym.id 
_struct_asym.pdbx_blank_PDB_chainid_flag 
_struct_asym.pdbx_modified 
_struct_asym.entity_id 
_struct_asym.details 
A N N 1 ? 
B N N 2 ? 
C N N 3 ? 
D N N 4 ? 
E N N 4 ? 
F N N 4 ? 
G N N 5 ? 
# 
loop_
_struct_conf.conf_type_id 
_struct_conf.id 
_struct_conf.pdbx_PDB_helix_id 
_struct_conf.beg_label_comp_id 
_struct_conf.beg_label_asym_id 
_struct_conf.beg_label_seq_id 
_struct_conf.pdbx_beg_PDB_ins_code 
_struct_conf.end_label_comp_id 
_struct_conf.end_label_asym_id 
_struct_conf.end_label_seq_id 
_struct_conf.pdbx_end_PDB_ins_code 
_struct_conf.beg_auth_comp_id 
_struct_conf.beg_auth_asym_id 
_struct_conf.beg_auth_seq_id 
_struct_conf.end_auth_comp_id 
_struct_conf.end_auth_asym_id 
_struct_conf.end_auth_seq_id 
_struct_conf.pdbx_PDB_helix_class 
_struct_conf.details 
_struct_conf.pdbx_PDB_helix_length 
HELX_P HELX_P1 AA1 GLY A 4  ? ALA A 11 ? GLY A -3 ALA A 4  1 ? 8  
HELX_P HELX_P2 AA2 ASN A 23 ? GLY A 32 ? ASN A 16 GLY A 25 1 ? 10 
HELX_P HELX_P3 AA3 GLY A 34 ? ASN A 42 ? GLY A 27 ASN A 35 1 ? 9  
# 
_struct_conf_type.id          HELX_P 
_struct_conf_type.criteria    ? 
_struct_conf_type.reference   ? 
# 
_struct_sheet.id               AA1 
_struct_sheet.type             ? 
_struct_sheet.number_strands   10 
_struct_sheet.details          ? 
# 
loop_
_struct_sheet_order.sheet_id 
_struct_sheet_order.range_id_1 
_struct_sheet_order.range_id_2 
_struct_sheet_order.offset 
_struct_sheet_order.sense 
AA1 1 2  ? anti-parallel 
AA1 2 3  ? anti-parallel 
AA1 3 4  ? anti-parallel 
AA1 4 5  ? anti-parallel 
AA1 5 6  ? anti-parallel 
AA1 6 7  ? anti-parallel 
AA1 7 8  ? anti-parallel 
AA1 8 9  ? anti-parallel 
AA1 9 10 ? anti-parallel 
# 
loop_
_struct_sheet_range.sheet_id 
_struct_sheet_range.id 
_struct_sheet_range.beg_label_comp_id 
_struct_sheet_range.beg_label_asym_id 
_struct_sheet_range.beg_label_seq_id 
_struct_sheet_range.pdbx_beg_PDB_ins_code 
_struct_sheet_range.end_label_comp_id 
_struct_sheet_range.end_label_asym_id 
_struct_sheet_range.end_label_seq_id 
_struct_sheet_range.pdbx_end_PDB_ins_code 
_struct_sheet_range.beg_auth_comp_id 
_struct_sheet_range.beg_auth_asym_id 
_struct_sheet_range.beg_auth_seq_id 
_struct_sheet_range.end_auth_comp_id 
_struct_sheet_range.end_auth_asym_id 
_struct_sheet_range.end_auth_seq_id 
AA1 1  THR A 68  ? PHE A 72  ? THR A 61  PHE A 65  
AA1 2  LYS A 56  ? LEU A 62  ? LYS A 49  LEU A 55  
AA1 3  THR A 47  ? GLU A 53  ? THR A 40  GLU A 46  
AA1 4  ALA A 14  ? GLN A 22  ? ALA A 7   GLN A 15  
AA1 5  VAL A 130 ? LYS A 138 ? VAL A 123 LYS A 131 
AA1 6  LYS A 120 ? PHE A 127 ? LYS A 113 PHE A 120 
AA1 7  LYS A 108 ? LYS A 117 ? LYS A 101 LYS A 110 
AA1 8  LYS A 98  ? TRP A 105 ? LYS A 91  TRP A 98  
AA1 9  ASN A 87  ? ASP A 95  ? ASN A 80  ASP A 88  
AA1 10 PHE A 78  ? THR A 81  ? PHE A 71  THR A 74  
# 
loop_
_pdbx_struct_sheet_hbond.sheet_id 
_pdbx_struct_sheet_hbond.range_id_1 
_pdbx_struct_sheet_hbond.range_id_2 
_pdbx_struct_sheet_hbond.range_1_label_atom_id 
_pdbx_struct_sheet_hbond.range_1_label_comp_id 
_pdbx_struct_sheet_hbond.range_1_label_asym_id 
_pdbx_struct_sheet_hbond.range_1_label_seq_id 
_pdbx_struct_sheet_hbond.range_1_PDB_ins_code 
_pdbx_struct_sheet_hbond.range_1_auth_atom_id 
_pdbx_struct_sheet_hbond.range_1_auth_comp_id 
_pdbx_struct_sheet_hbond.range_1_auth_asym_id 
_pdbx_struct_sheet_hbond.range_1_auth_seq_id 
_pdbx_struct_sheet_hbond.range_2_label_atom_id 
_pdbx_struct_sheet_hbond.range_2_label_comp_id 
_pdbx_struct_sheet_hbond.range_2_label_asym_id 
_pdbx_struct_sheet_hbond.range_2_label_seq_id 
_pdbx_struct_sheet_hbond.range_2_PDB_ins_code 
_pdbx_struct_sheet_hbond.range_2_auth_atom_id 
_pdbx_struct_sheet_hbond.range_2_auth_comp_id 
_pdbx_struct_sheet_hbond.range_2_auth_asym_id 
_pdbx_struct_sheet_hbond.range_2_auth_seq_id 
AA1 1 2  O PHE A 72  ? O PHE A 65  N VAL A 57  ? N VAL A 50  
AA1 2 3  O ARG A 60  ? O ARG A 53  N ILE A 49  ? N ILE A 42  
AA1 3 4  O VAL A 48  ? O VAL A 41  N TRP A 16  ? N TRP A 9   
AA1 4 5  N THR A 19  ? N THR A 12  O HIS A 135 ? O HIS A 128 
AA1 5 6  O ARG A 134 ? O ARG A 127 N MET A 123 ? N MET A 116 
AA1 6 7  O VAL A 122 ? O VAL A 115 N GLU A 115 ? N GLU A 108 
AA1 7 8  O LYS A 108 ? O LYS A 101 N TRP A 105 ? N TRP A 98  
AA1 8 9  O VAL A 100 ? O VAL A 93  N SER A 93  ? N SER A 86  
AA1 9 10 O CYS A 88  ? O CYS A 81  N GLU A 80  ? N GLU A 73  
# 
loop_
_struct_site.id 
_struct_site.pdbx_evidence_code 
_struct_site.pdbx_auth_asym_id 
_struct_site.pdbx_auth_comp_id 
_struct_site.pdbx_auth_seq_id 
_struct_site.pdbx_auth_ins_code 
_struct_site.pdbx_num_residues 
_struct_site.details 
AC1 Software A GOL 201 ? 8 'binding site for residue GOL A 201' 
AC2 Software A PLM 202 ? 8 'binding site for residue PLM A 202' 
AC3 Software A SO4 203 ? 6 'binding site for residue SO4 A 203' 
AC4 Software A SO4 204 ? 5 'binding site for residue SO4 A 204' 
AC5 Software A SO4 205 ? 4 'binding site for residue SO4 A 205' 
# 
loop_
_struct_site_gen.id 
_struct_site_gen.site_id 
_struct_site_gen.pdbx_num_res 
_struct_site_gen.label_comp_id 
_struct_site_gen.label_asym_id 
_struct_site_gen.label_seq_id 
_struct_site_gen.pdbx_auth_ins_code 
_struct_site_gen.auth_comp_id 
_struct_site_gen.auth_asym_id 
_struct_site_gen.auth_seq_id 
_struct_site_gen.label_atom_id 
_struct_site_gen.label_alt_id 
_struct_site_gen.symmetry 
_struct_site_gen.details 
1  AC1 8 ILE A 70  ? ILE A 63  . ? 1_555 ? 
2  AC1 8 GLU A 80  ? GLU A 73  . ? 1_555 ? 
3  AC1 8 HIS A 101 ? HIS A 94  . ? 1_555 ? 
4  AC1 8 PHE A 112 ? PHE A 105 . ? 1_555 ? 
5  AC1 8 ARG A 114 ? ARG A 107 . ? 1_555 ? 
6  AC1 8 HOH G .   ? HOH A 306 . ? 1_555 ? 
7  AC1 8 HOH G .   ? HOH A 310 . ? 1_555 ? 
8  AC1 8 HOH G .   ? HOH A 325 . ? 1_555 ? 
9  AC2 8 PRO A 46  ? PRO A 39  . ? 1_555 ? 
10 AC2 8 VAL A 48  ? VAL A 41  . ? 1_555 ? 
11 AC2 8 SER A 63  ? SER A 56  . ? 1_555 ? 
12 AC2 8 ASP A 84  ? ASP A 77  . ? 1_555 ? 
13 AC2 8 ARG A 134 ? ARG A 127 . ? 1_555 ? 
14 AC2 8 TYR A 136 ? TYR A 129 . ? 1_555 ? 
15 AC2 8 HOH G .   ? HOH A 306 . ? 1_555 ? 
16 AC2 8 HOH G .   ? HOH A 349 . ? 1_555 ? 
17 AC3 6 ARG A 38  ? ARG A 31  . ? 1_555 ? 
18 AC3 6 GLN A 52  ? GLN A 45  . ? 1_556 ? 
19 AC3 6 GLU A 53  ? GLU A 46  . ? 1_556 ? 
20 AC3 6 GLY A 54  ? GLY A 47  . ? 1_556 ? 
21 AC3 6 HOH G .   ? HOH A 311 . ? 1_555 ? 
22 AC3 6 HOH G .   ? HOH A 338 . ? 1_555 ? 
23 AC4 5 SER A 21  ? SER A 14  . ? 1_555 ? 
24 AC4 5 ASN A 23  ? ASN A 16  . ? 1_555 ? 
25 AC4 5 HOH G .   ? HOH A 309 . ? 1_555 ? 
26 AC4 5 HOH G .   ? HOH A 319 . ? 1_555 ? 
27 AC4 5 HOH G .   ? HOH A 393 . ? 1_555 ? 
28 AC5 4 SER A 5   ? SER A -2  . ? 1_555 ? 
29 AC5 4 HIS A 6   ? HIS A -1  . ? 1_555 ? 
30 AC5 4 GLY A 4   ? GLY A -3  . ? 1_555 ? 
31 AC5 4 MET A 7   ? MET A 0   . ? 1_555 ? 
# 
_atom_sites.entry_id                    7E25 
_atom_sites.Cartn_transf_matrix[1][1]   ? 
_atom_sites.Cartn_transf_matrix[1][2]   ? 
_atom_sites.Cartn_transf_matrix[1][3]   ? 
_atom_sites.Cartn_transf_matrix[2][1]   ? 
_atom_sites.Cartn_transf_matrix[2][2]   ? 
_atom_sites.Cartn_transf_matrix[2][3]   ? 
_atom_sites.Cartn_transf_matrix[3][1]   ? 
_atom_sites.Cartn_transf_matrix[3][2]   ? 
_atom_sites.Cartn_transf_matrix[3][3]   ? 
_atom_sites.Cartn_transf_vector[1]      ? 
_atom_sites.Cartn_transf_vector[2]      ? 
_atom_sites.Cartn_transf_vector[3]      ? 
_atom_sites.fract_transf_matrix[1][1]   0.01029209 
_atom_sites.fract_transf_matrix[1][2]   -0.00317336 
_atom_sites.fract_transf_matrix[1][3]   0.00229199 
_atom_sites.fract_transf_matrix[2][1]   0.00764709 
_atom_sites.fract_transf_matrix[2][2]   0.01346724 
_atom_sites.fract_transf_matrix[2][3]   -0.01569298 
_atom_sites.fract_transf_matrix[3][1]   0.00519397 
_atom_sites.fract_transf_matrix[3][2]   0.01617178 
_atom_sites.fract_transf_matrix[3][3]   0.01640911 
_atom_sites.fract_transf_vector[1]      0.312818 
_atom_sites.fract_transf_vector[2]      0.006317 
_atom_sites.fract_transf_vector[3]      0.247228 
_atom_sites.solution_primary            ? 
_atom_sites.solution_secondary          ? 
_atom_sites.solution_hydrogens          ? 
_atom_sites.special_details             ? 
# 
loop_
_atom_type.symbol 
C 
N 
O 
S 
# 
loop_
_atom_site.group_PDB 
_atom_site.id 
_atom_site.type_symbol 
_atom_site.label_atom_id 
_atom_site.label_alt_id 
_atom_site.label_comp_id 
_atom_site.label_asym_id 
_atom_site.label_entity_id 
_atom_site.label_seq_id 
_atom_site.pdbx_PDB_ins_code 
_atom_site.Cartn_x 
_atom_site.Cartn_y 
_atom_site.Cartn_z 
_atom_site.occupancy 
_atom_site.B_iso_or_equiv 
_atom_site.pdbx_formal_charge 
_atom_site.auth_seq_id 
_atom_site.auth_comp_id 
_atom_site.auth_asym_id 
_atom_site.auth_atom_id 
_atom_site.pdbx_PDB_model_num 
ATOM   1    N N   . VAL A 1 1   ? 4.799   -17.748 -0.143  1.00 56.95  ? -6  VAL A N   1 
ATOM   2    C CA  . VAL A 1 1   ? 5.606   -18.960 -0.194  1.00 48.32  ? -6  VAL A CA  1 
ATOM   3    C C   . VAL A 1 1   ? 4.701   -20.142 -0.631  1.00 51.72  ? -6  VAL A C   1 
ATOM   4    O O   . VAL A 1 1   ? 4.999   -20.800 -1.631  1.00 50.30  ? -6  VAL A O   1 
ATOM   5    C CB  . VAL A 1 1   ? 6.323   -19.238 1.178   1.00 58.14  ? -6  VAL A CB  1 
ATOM   6    C CG1 . VAL A 1 1   ? 7.116   -20.560 1.151   1.00 61.92  ? -6  VAL A CG1 1 
ATOM   7    C CG2 . VAL A 1 1   ? 7.172   -18.045 1.639   1.00 56.01  ? -6  VAL A CG2 1 
ATOM   8    N N   . PRO A 1 2   ? 3.593   -20.402 0.072   1.00 50.43  ? -5  PRO A N   1 
ATOM   9    C CA  . PRO A 1 2   ? 2.836   -21.636 -0.179  1.00 47.58  ? -5  PRO A CA  1 
ATOM   10   C C   . PRO A 1 2   ? 1.980   -21.533 -1.439  1.00 58.13  ? -5  PRO A C   1 
ATOM   11   O O   . PRO A 1 2   ? 1.760   -20.452 -1.987  1.00 45.75  ? -5  PRO A O   1 
ATOM   12   C CB  . PRO A 1 2   ? 1.949   -21.775 1.069   1.00 44.72  ? -5  PRO A CB  1 
ATOM   13   C CG  . PRO A 1 2   ? 2.438   -20.732 2.042   1.00 50.64  ? -5  PRO A CG  1 
ATOM   14   C CD  . PRO A 1 2   ? 2.971   -19.645 1.175   1.00 41.51  ? -5  PRO A CD  1 
ATOM   15   N N   . ARG A 1 3   ? 1.471   -22.686 -1.883  1.00 59.42  ? -4  ARG A N   1 
ATOM   16   C CA  . ARG A 1 3   ? 0.660   -22.669 -3.094  1.00 56.34  ? -4  ARG A CA  1 
ATOM   17   C C   . ARG A 1 3   ? -0.669  -21.967 -2.844  1.00 54.02  ? -4  ARG A C   1 
ATOM   18   O O   . ARG A 1 3   ? -1.095  -21.744 -1.704  1.00 80.47  ? -4  ARG A O   1 
ATOM   19   C CB  . ARG A 1 3   ? 0.352   -24.069 -3.632  1.00 76.98  ? -4  ARG A CB  1 
ATOM   20   C CG  . ARG A 1 3   ? -0.535  -24.951 -2.764  1.00 84.35  ? -4  ARG A CG  1 
ATOM   21   C CD  . ARG A 1 3   ? -0.646  -26.326 -3.418  1.00 96.41  ? -4  ARG A CD  1 
ATOM   22   N NE  . ARG A 1 3   ? -1.533  -27.252 -2.718  1.00 97.81  ? -4  ARG A NE  1 
ATOM   23   C CZ  . ARG A 1 3   ? -1.152  -28.051 -1.726  1.00 100.74 ? -4  ARG A CZ  1 
ATOM   24   N NH1 . ARG A 1 3   ? 0.113   -28.047 -1.323  1.00 92.96  ? -4  ARG A NH1 1 
ATOM   25   N NH2 . ARG A 1 3   ? -2.028  -28.867 -1.151  1.00 89.46  ? -4  ARG A NH2 1 
ATOM   26   N N   . GLY A 1 4   ? -1.347  -21.655 -3.947  1.00 45.09  ? -3  GLY A N   1 
ATOM   27   C CA  . GLY A 1 4   ? -2.523  -20.828 -3.921  1.00 40.67  ? -3  GLY A CA  1 
ATOM   28   C C   . GLY A 1 4   ? -2.239  -19.350 -3.826  1.00 31.87  ? -3  GLY A C   1 
ATOM   29   O O   . GLY A 1 4   ? -3.176  -18.555 -3.921  1.00 34.89  ? -3  GLY A O   1 
ATOM   30   N N   . SER A 1 5   ? -0.975  -18.949 -3.660  1.00 32.73  ? -2  SER A N   1 
ATOM   31   C CA  . SER A 1 5   ? -0.692  -17.558 -3.316  1.00 29.97  ? -2  SER A CA  1 
ATOM   32   C C   . SER A 1 5   ? -1.026  -16.620 -4.466  1.00 35.15  ? -2  SER A C   1 
ATOM   33   O O   . SER A 1 5   ? -1.647  -15.572 -4.260  1.00 30.71  ? -2  SER A O   1 
ATOM   34   C CB  . SER A 1 5   ? 0.773   -17.404 -2.904  1.00 38.21  ? -2  SER A CB  1 
ATOM   35   O OG  . SER A 1 5   ? 0.965   -17.833 -1.564  1.00 35.96  ? -2  SER A OG  1 
ATOM   36   N N   . HIS A 1 6   ? -0.647  -16.981 -5.684  1.00 35.63  ? -1  HIS A N   1 
ATOM   37   C CA  . HIS A 1 6   ? -0.909  -16.072 -6.789  1.00 43.31  ? -1  HIS A CA  1 
ATOM   38   C C   . HIS A 1 6   ? -2.388  -16.037 -7.150  1.00 27.92  ? -1  HIS A C   1 
ATOM   39   O O   . HIS A 1 6   ? -2.876  -15.021 -7.657  1.00 27.13  ? -1  HIS A O   1 
ATOM   40   C CB  . HIS A 1 6   ? 0.004   -16.460 -7.946  1.00 48.14  ? -1  HIS A CB  1 
ATOM   41   C CG  . HIS A 1 6   ? 1.454   -16.320 -7.593  1.00 70.75  ? -1  HIS A CG  1 
ATOM   42   N ND1 . HIS A 1 6   ? 2.073   -15.094 -7.460  1.00 57.09  ? -1  HIS A ND1 1 
ATOM   43   C CD2 . HIS A 1 6   ? 2.379   -17.247 -7.245  1.00 70.00  ? -1  HIS A CD2 1 
ATOM   44   C CE1 . HIS A 1 6   ? 3.330   -15.275 -7.097  1.00 48.04  ? -1  HIS A CE1 1 
ATOM   45   N NE2 . HIS A 1 6   ? 3.542   -16.571 -6.959  1.00 71.16  ? -1  HIS A NE2 1 
ATOM   46   N N   . MET A 1 7   ? -3.127  -17.095 -6.833  1.00 29.16  ? 0   MET A N   1 
ATOM   47   C CA  . MET A 1 7   ? -4.579  -17.032 -6.907  1.00 26.49  ? 0   MET A CA  1 
ATOM   48   C C   . MET A 1 7   ? -5.152  -15.986 -5.945  1.00 24.23  ? 0   MET A C   1 
ATOM   49   O O   . MET A 1 7   ? -6.095  -15.260 -6.293  1.00 27.48  ? 0   MET A O   1 
ATOM   50   C CB  . MET A 1 7   ? -5.143  -18.415 -6.604  1.00 29.23  ? 0   MET A CB  1 
ATOM   51   C CG  . MET A 1 7   ? -6.607  -18.531 -6.660  1.00 36.49  ? 0   MET A CG  1 
ATOM   52   S SD  . MET A 1 7   ? -6.788  -20.303 -6.553  1.00 36.10  ? 0   MET A SD  1 
ATOM   53   C CE  . MET A 1 7   ? -6.855  -20.586 -4.797  1.00 18.95  ? 0   MET A CE  1 
ATOM   54   N N   A MET A 1 8   ? -4.595  -15.885 -4.737  0.19 22.08  ? 1   MET A N   1 
ATOM   55   N N   B MET A 1 8   ? -4.613  -15.907 -4.726  0.23 22.08  ? 1   MET A N   1 
ATOM   56   N N   C MET A 1 8   ? -4.598  -15.891 -4.732  0.22 22.06  ? 1   MET A N   1 
ATOM   57   N N   D MET A 1 8   ? -4.584  -15.888 -4.746  0.36 22.00  ? 1   MET A N   1 
ATOM   58   C CA  A MET A 1 8   ? -5.090  -14.884 -3.798  0.19 21.78  ? 1   MET A CA  1 
ATOM   59   C CA  B MET A 1 8   ? -5.065  -14.889 -3.779  0.23 21.77  ? 1   MET A CA  1 
ATOM   60   C CA  C MET A 1 8   ? -5.076  -14.876 -3.797  0.22 21.77  ? 1   MET A CA  1 
ATOM   61   C CA  D MET A 1 8   ? -5.056  -14.905 -3.783  0.36 21.74  ? 1   MET A CA  1 
ATOM   62   C C   A MET A 1 8   ? -4.668  -13.480 -4.214  0.19 21.95  ? 1   MET A C   1 
ATOM   63   C C   B MET A 1 8   ? -4.671  -13.490 -4.231  0.23 21.95  ? 1   MET A C   1 
ATOM   64   C C   C MET A 1 8   ? -4.690  -13.487 -4.267  0.22 21.95  ? 1   MET A C   1 
ATOM   65   C C   D MET A 1 8   ? -4.659  -13.494 -4.204  0.36 21.94  ? 1   MET A C   1 
ATOM   66   O O   A MET A 1 8   ? -5.419  -12.518 -4.017  0.19 21.57  ? 1   MET A O   1 
ATOM   67   O O   B MET A 1 8   ? -5.447  -12.539 -4.073  0.23 21.58  ? 1   MET A O   1 
ATOM   68   O O   C MET A 1 8   ? -5.472  -12.538 -4.129  0.22 21.61  ? 1   MET A O   1 
ATOM   69   O O   D MET A 1 8   ? -5.429  -12.543 -4.032  0.36 21.59  ? 1   MET A O   1 
ATOM   70   C CB  A MET A 1 8   ? -4.605  -15.188 -2.383  0.19 22.49  ? 1   MET A CB  1 
ATOM   71   C CB  B MET A 1 8   ? -4.507  -15.178 -2.386  0.23 22.47  ? 1   MET A CB  1 
ATOM   72   C CB  C MET A 1 8   ? -4.508  -15.086 -2.398  0.22 22.46  ? 1   MET A CB  1 
ATOM   73   C CB  D MET A 1 8   ? -4.506  -15.259 -2.401  0.36 22.49  ? 1   MET A CB  1 
ATOM   74   C CG  A MET A 1 8   ? -5.107  -14.193 -1.343  0.19 22.00  ? 1   MET A CG  1 
ATOM   75   C CG  B MET A 1 8   ? -4.535  -16.643 -2.019  0.23 24.43  ? 1   MET A CG  1 
ATOM   76   C CG  C MET A 1 8   ? -4.355  -16.498 -1.956  0.22 24.80  ? 1   MET A CG  1 
ATOM   77   C CG  D MET A 1 8   ? -4.979  -14.382 -1.269  0.36 21.79  ? 1   MET A CG  1 
ATOM   78   S SD  A MET A 1 8   ? -6.901  -14.263 -1.134  0.19 27.42  ? 1   MET A SD  1 
ATOM   79   S SD  B MET A 1 8   ? -6.234  -17.242 -1.945  0.23 18.82  ? 1   MET A SD  1 
ATOM   80   S SD  C MET A 1 8   ? -5.862  -17.453 -1.914  0.22 22.84  ? 1   MET A SD  1 
ATOM   81   S SD  D MET A 1 8   ? -6.771  -14.364 -1.136  0.36 29.48  ? 1   MET A SD  1 
ATOM   82   C CE  A MET A 1 8   ? -7.068  -15.885 -0.388  0.19 16.84  ? 1   MET A CE  1 
ATOM   83   C CE  B MET A 1 8   ? -6.874  -16.167 -0.660  0.23 17.56  ? 1   MET A CE  1 
ATOM   84   C CE  C MET A 1 8   ? -5.088  -19.014 -1.545  0.22 14.87  ? 1   MET A CE  1 
ATOM   85   C CE  D MET A 1 8   ? -6.960  -12.645 -1.473  0.36 13.30  ? 1   MET A CE  1 
ATOM   86   N N   . VAL A 1 9   ? -3.469  -13.341 -4.787  1.00 19.23  ? 2   VAL A N   1 
ATOM   87   C CA  . VAL A 1 9   ? -3.036  -12.031 -5.271  1.00 16.96  ? 2   VAL A CA  1 
ATOM   88   C C   . VAL A 1 9   ? -3.975  -11.544 -6.371  1.00 17.46  ? 2   VAL A C   1 
ATOM   89   O O   . VAL A 1 9   ? -4.321  -10.360 -6.429  1.00 18.19  ? 2   VAL A O   1 
ATOM   90   C CB  . VAL A 1 9   ? -1.571  -12.090 -5.753  1.00 21.48  ? 2   VAL A CB  1 
ATOM   91   C CG1 . VAL A 1 9   ? -1.200  -10.800 -6.493  1.00 22.31  ? 2   VAL A CG1 1 
ATOM   92   C CG2 . VAL A 1 9   ? -0.636  -12.304 -4.578  1.00 21.06  ? 2   VAL A CG2 1 
ATOM   93   N N   . GLU A 1 10  ? -4.430  -12.461 -7.242  1.00 16.95  ? 3   GLU A N   1 
ATOM   94   C CA  . GLU A 1 10  ? -5.357  -12.099 -8.310  1.00 15.63  ? 3   GLU A CA  1 
ATOM   95   C C   . GLU A 1 10  ? -6.596  -11.368 -7.810  1.00 17.71  ? 3   GLU A C   1 
ATOM   96   O O   . GLU A 1 10  ? -7.149  -10.533 -8.530  1.00 19.92  ? 3   GLU A O   1 
ATOM   97   C CB  . GLU A 1 10  ? -5.786  -13.361 -9.089  1.00 21.36  ? 3   GLU A CB  1 
ATOM   98   C CG  . GLU A 1 10  ? -6.498  -13.027 -10.411 1.00 28.91  ? 3   GLU A CG  1 
ATOM   99   C CD  . GLU A 1 10  ? -5.625  -12.252 -11.408 1.00 45.00  ? 3   GLU A CD  1 
ATOM   100  O OE1 . GLU A 1 10  ? -4.377  -12.274 -11.287 1.00 40.06  ? 3   GLU A OE1 1 
ATOM   101  O OE2 . GLU A 1 10  ? -6.199  -11.597 -12.312 1.00 51.74  ? 3   GLU A OE2 1 
ATOM   102  N N   . ALA A 1 11  ? -7.059  -11.663 -6.586  1.00 18.29  ? 4   ALA A N   1 
ATOM   103  C CA  . ALA A 1 11  ? -8.236  -10.965 -6.070  1.00 20.76  ? 4   ALA A CA  1 
ATOM   104  C C   . ALA A 1 11  ? -8.000  -9.460  -5.944  1.00 17.97  ? 4   ALA A C   1 
ATOM   105  O O   . ALA A 1 11  ? -8.953  -8.673  -5.991  1.00 20.70  ? 4   ALA A O   1 
ATOM   106  C CB  . ALA A 1 11  ? -8.642  -11.549 -4.714  1.00 22.14  ? 4   ALA A CB  1 
ATOM   107  N N   . PHE A 1 12  ? -6.749  -9.051  -5.774  1.00 15.80  ? 5   PHE A N   1 
ATOM   108  C CA  . PHE A 1 12  ? -6.379  -7.648  -5.650  1.00 13.04  ? 5   PHE A CA  1 
ATOM   109  C C   . PHE A 1 12  ? -6.084  -7.009  -6.992  1.00 16.96  ? 5   PHE A C   1 
ATOM   110  O O   . PHE A 1 12  ? -5.870  -5.794  -7.054  1.00 18.29  ? 5   PHE A O   1 
ATOM   111  C CB  . PHE A 1 12  ? -5.135  -7.531  -4.763  1.00 16.05  ? 5   PHE A CB  1 
ATOM   112  C CG  . PHE A 1 12  ? -5.372  -7.929  -3.334  1.00 18.00  ? 5   PHE A CG  1 
ATOM   113  C CD1 . PHE A 1 12  ? -5.870  -7.008  -2.410  1.00 16.09  ? 5   PHE A CD1 1 
ATOM   114  C CD2 . PHE A 1 12  ? -5.174  -9.228  -2.926  1.00 17.23  ? 5   PHE A CD2 1 
ATOM   115  C CE1 . PHE A 1 12  ? -6.116  -7.378  -1.104  1.00 18.74  ? 5   PHE A CE1 1 
ATOM   116  C CE2 . PHE A 1 12  ? -5.412  -9.598  -1.606  1.00 16.80  ? 5   PHE A CE2 1 
ATOM   117  C CZ  . PHE A 1 12  ? -5.891  -8.686  -0.698  1.00 22.34  ? 5   PHE A CZ  1 
ATOM   118  N N   . CYS A 1 13  ? -6.039  -7.795  -8.061  1.00 16.66  ? 6   CYS A N   1 
ATOM   119  C CA  . CYS A 1 13  ? -5.566  -7.277  -9.341  1.00 18.25  ? 6   CYS A CA  1 
ATOM   120  C C   . CYS A 1 13  ? -6.708  -6.547  -10.041 1.00 19.68  ? 6   CYS A C   1 
ATOM   121  O O   . CYS A 1 13  ? -7.634  -7.177  -10.565 1.00 24.55  ? 6   CYS A O   1 
ATOM   122  C CB  . CYS A 1 13  ? -4.978  -8.403  -10.192 1.00 17.39  ? 6   CYS A CB  1 
ATOM   123  S SG  . CYS A 1 13  ? -3.406  -8.971  -9.540  1.00 21.86  ? 6   CYS A SG  1 
ATOM   124  N N   . ALA A 1 14  ? -6.634  -5.220  -10.043 1.00 16.88  ? 7   ALA A N   1 
ATOM   125  C CA  . ALA A 1 14  ? -7.661  -4.331  -10.579 1.00 15.38  ? 7   ALA A CA  1 
ATOM   126  C C   . ALA A 1 14  ? -7.102  -2.915  -10.554 1.00 15.87  ? 7   ALA A C   1 
ATOM   127  O O   . ALA A 1 14  ? -5.973  -2.678  -10.110 1.00 17.07  ? 7   ALA A O   1 
ATOM   128  C CB  . ALA A 1 14  ? -8.967  -4.409  -9.787  1.00 24.63  ? 7   ALA A CB  1 
ATOM   129  N N   . THR A 1 15  ? -7.911  -1.981  -11.042 1.00 14.98  ? 8   THR A N   1 
ATOM   130  C CA  . THR A 1 15  ? -7.613  -0.562  -10.972 1.00 15.27  ? 8   THR A CA  1 
ATOM   131  C C   . THR A 1 15  ? -8.493  0.006   -9.869  1.00 17.73  ? 8   THR A C   1 
ATOM   132  O O   . THR A 1 15  ? -9.721  -0.077  -9.960  1.00 18.73  ? 8   THR A O   1 
ATOM   133  C CB  . THR A 1 15  ? -7.903  0.109   -12.310 1.00 20.17  ? 8   THR A CB  1 
ATOM   134  O OG1 . THR A 1 15  ? -6.989  -0.402  -13.293 1.00 22.44  ? 8   THR A OG1 1 
ATOM   135  C CG2 . THR A 1 15  ? -7.702  1.597   -12.204 1.00 18.01  ? 8   THR A CG2 1 
ATOM   136  N N   . TRP A 1 16  ? -7.872  0.530   -8.804  1.00 16.35  ? 9   TRP A N   1 
ATOM   137  C CA  . TRP A 1 16  ? -8.579  0.902   -7.586  1.00 16.96  ? 9   TRP A CA  1 
ATOM   138  C C   . TRP A 1 16  ? -8.521  2.407   -7.377  1.00 17.48  ? 9   TRP A C   1 
ATOM   139  O O   . TRP A 1 16  ? -7.429  2.982   -7.343  1.00 24.09  ? 9   TRP A O   1 
ATOM   140  C CB  . TRP A 1 16  ? -7.950  0.213   -6.373  1.00 14.51  ? 9   TRP A CB  1 
ATOM   141  C CG  . TRP A 1 16  ? -7.991  -1.291  -6.386  1.00 15.86  ? 9   TRP A CG  1 
ATOM   142  C CD1 . TRP A 1 16  ? -6.973  -2.126  -6.727  1.00 16.73  ? 9   TRP A CD1 1 
ATOM   143  C CD2 . TRP A 1 16  ? -9.080  -2.120  -5.983  1.00 17.31  ? 9   TRP A CD2 1 
ATOM   144  N NE1 . TRP A 1 16  ? -7.379  -3.448  -6.603  1.00 17.30  ? 9   TRP A NE1 1 
ATOM   145  C CE2 . TRP A 1 16  ? -8.665  -3.461  -6.123  1.00 16.83  ? 9   TRP A CE2 1 
ATOM   146  C CE3 . TRP A 1 16  ? -10.372 -1.858  -5.528  1.00 18.77  ? 9   TRP A CE3 1 
ATOM   147  C CZ2 . TRP A 1 16  ? -9.502  -4.543  -5.818  1.00 20.94  ? 9   TRP A CZ2 1 
ATOM   148  C CZ3 . TRP A 1 16  ? -11.203 -2.934  -5.217  1.00 17.17  ? 9   TRP A CZ3 1 
ATOM   149  C CH2 . TRP A 1 16  ? -10.764 -4.258  -5.368  1.00 17.22  ? 9   TRP A CH2 1 
ATOM   150  N N   . LYS A 1 17  ? -9.680  3.034   -7.183  1.00 14.45  ? 10  LYS A N   1 
ATOM   151  C CA  . LYS A 1 17  ? -9.754  4.479   -6.956  1.00 15.10  ? 10  LYS A CA  1 
ATOM   152  C C   . LYS A 1 17  ? -10.088 4.744   -5.494  1.00 16.98  ? 10  LYS A C   1 
ATOM   153  O O   . LYS A 1 17  ? -10.989 4.116   -4.945  1.00 17.86  ? 10  LYS A O   1 
ATOM   154  C CB  . LYS A 1 17  ? -10.843 5.094   -7.815  1.00 31.48  ? 10  LYS A CB  1 
ATOM   155  C CG  . LYS A 1 17  ? -10.432 5.458   -9.199  1.00 44.27  ? 10  LYS A CG  1 
ATOM   156  C CD  . LYS A 1 17  ? -11.677 5.526   -10.027 1.00 37.05  ? 10  LYS A CD  1 
ATOM   157  C CE  . LYS A 1 17  ? -12.729 6.299   -9.269  1.00 65.71  ? 10  LYS A CE  1 
ATOM   158  N NZ  . LYS A 1 17  ? -12.452 7.747   -9.214  1.00 79.09  ? 10  LYS A NZ  1 
ATOM   159  N N   . LEU A 1 18  ? -9.374  5.679   -4.865  1.00 14.56  ? 11  LEU A N   1 
ATOM   160  C CA  . LEU A 1 18  ? -9.661  6.007   -3.471  1.00 11.62  ? 11  LEU A CA  1 
ATOM   161  C C   . LEU A 1 18  ? -11.065 6.580   -3.327  1.00 17.35  ? 11  LEU A C   1 
ATOM   162  O O   . LEU A 1 18  ? -11.435 7.526   -4.029  1.00 21.38  ? 11  LEU A O   1 
ATOM   163  C CB  . LEU A 1 18  ? -8.660  7.031   -2.957  1.00 13.29  ? 11  LEU A CB  1 
ATOM   164  C CG  . LEU A 1 18  ? -8.833  7.384   -1.471  1.00 15.15  ? 11  LEU A CG  1 
ATOM   165  C CD1 . LEU A 1 18  ? -8.274  6.265   -0.617  1.00 17.64  ? 11  LEU A CD1 1 
ATOM   166  C CD2 . LEU A 1 18  ? -8.138  8.713   -1.172  1.00 15.35  ? 11  LEU A CD2 1 
ATOM   167  N N   . THR A 1 19  ? -11.848 6.028   -2.391  1.00 15.86  ? 12  THR A N   1 
ATOM   168  C CA  . THR A 1 19  ? -13.176 6.571   -2.131  1.00 17.64  ? 12  THR A CA  1 
ATOM   169  C C   . THR A 1 19  ? -13.395 7.035   -0.705  1.00 19.46  ? 12  THR A C   1 
ATOM   170  O O   . THR A 1 19  ? -14.378 7.741   -0.456  1.00 21.07  ? 12  THR A O   1 
ATOM   171  C CB  . THR A 1 19  ? -14.272 5.550   -2.461  1.00 19.62  ? 12  THR A CB  1 
ATOM   172  O OG1 . THR A 1 19  ? -14.124 4.384   -1.635  1.00 23.48  ? 12  THR A OG1 1 
ATOM   173  C CG2 . THR A 1 19  ? -14.205 5.169   -3.933  1.00 23.41  ? 12  THR A CG2 1 
ATOM   174  N N   A ASN A 1 20  ? -12.524 6.675   0.227   0.58 16.47  ? 13  ASN A N   1 
ATOM   175  N N   B ASN A 1 20  ? -12.546 6.630   0.242   0.42 16.54  ? 13  ASN A N   1 
ATOM   176  C CA  A ASN A 1 20  ? -12.636 7.202   1.581   0.58 15.39  ? 13  ASN A CA  1 
ATOM   177  C CA  B ASN A 1 20  ? -12.683 7.014   1.645   0.42 16.53  ? 13  ASN A CA  1 
ATOM   178  C C   A ASN A 1 20  ? -11.310 7.042   2.287   0.58 19.95  ? 13  ASN A C   1 
ATOM   179  C C   B ASN A 1 20  ? -11.302 7.014   2.297   0.42 19.91  ? 13  ASN A C   1 
ATOM   180  O O   A ASN A 1 20  ? -10.545 6.112   2.015   0.58 16.50  ? 13  ASN A O   1 
ATOM   181  O O   B ASN A 1 20  ? -10.467 6.165   1.977   0.42 16.68  ? 13  ASN A O   1 
ATOM   182  C CB  A ASN A 1 20  ? -13.722 6.513   2.417   0.58 20.67  ? 13  ASN A CB  1 
ATOM   183  C CB  B ASN A 1 20  ? -13.600 6.056   2.438   0.42 18.62  ? 13  ASN A CB  1 
ATOM   184  C CG  A ASN A 1 20  ? -14.177 7.372   3.600   0.58 25.28  ? 13  ASN A CG  1 
ATOM   185  C CG  B ASN A 1 20  ? -14.979 5.873   1.807   0.42 19.89  ? 13  ASN A CG  1 
ATOM   186  O OD1 A ASN A 1 20  ? -13.791 8.546   3.732   0.58 28.54  ? 13  ASN A OD1 1 
ATOM   187  O OD1 B ASN A 1 20  ? -15.184 4.992   0.966   0.42 21.11  ? 13  ASN A OD1 1 
ATOM   188  N ND2 A ASN A 1 20  ? -14.965 6.779   4.488   0.58 28.64  ? 13  ASN A ND2 1 
ATOM   189  N ND2 B ASN A 1 20  ? -15.930 6.703   2.221   0.42 26.03  ? 13  ASN A ND2 1 
ATOM   190  N N   . SER A 1 21  ? -11.070 7.942   3.231   1.00 19.11  ? 14  SER A N   1 
ATOM   191  C CA  . SER A 1 21  ? -9.841  7.919   4.008   1.00 16.15  ? 14  SER A CA  1 
ATOM   192  C C   . SER A 1 21  ? -10.180 8.401   5.408   1.00 18.80  ? 14  SER A C   1 
ATOM   193  O O   . SER A 1 21  ? -10.882 9.405   5.560   1.00 21.59  ? 14  SER A O   1 
ATOM   194  C CB  . SER A 1 21  ? -8.766  8.809   3.370   1.00 17.89  ? 14  SER A CB  1 
ATOM   195  O OG  . SER A 1 21  ? -7.547  8.786   4.088   1.00 17.49  ? 14  SER A OG  1 
ATOM   196  N N   . GLN A 1 22  ? -9.683  7.680   6.412   1.00 14.03  ? 15  GLN A N   1 
ATOM   197  C CA  . GLN A 1 22  ? -9.933  7.992   7.816   1.00 15.00  ? 15  GLN A CA  1 
ATOM   198  C C   . GLN A 1 22  ? -8.610  7.997   8.567   1.00 18.09  ? 15  GLN A C   1 
ATOM   199  O O   . GLN A 1 22  ? -7.896  6.988   8.567   1.00 15.86  ? 15  GLN A O   1 
ATOM   200  C CB  . GLN A 1 22  ? -10.919 6.968   8.396   1.00 22.80  ? 15  GLN A CB  1 
ATOM   201  C CG  . GLN A 1 22  ? -12.352 7.167   7.869   1.00 31.99  ? 15  GLN A CG  1 
ATOM   202  C CD  . GLN A 1 22  ? -13.275 5.983   8.112   1.00 53.46  ? 15  GLN A CD  1 
ATOM   203  O OE1 . GLN A 1 22  ? -13.453 5.143   7.224   1.00 37.71  ? 15  GLN A OE1 1 
ATOM   204  N NE2 . GLN A 1 22  ? -13.855 5.899   9.307   1.00 36.29  ? 15  GLN A NE2 1 
ATOM   205  N N   . ASN A 1 23  ? -8.277  9.142   9.190   1.00 15.17  ? 16  ASN A N   1 
ATOM   206  C CA  . ASN A 1 23  ? -7.114  9.316   10.065  1.00 18.08  ? 16  ASN A CA  1 
ATOM   207  C C   . ASN A 1 23  ? -5.776  9.347   9.332   1.00 16.54  ? 16  ASN A C   1 
ATOM   208  O O   . ASN A 1 23  ? -4.733  9.199   9.968   1.00 15.29  ? 16  ASN A O   1 
ATOM   209  C CB  . ASN A 1 23  ? -7.086  8.248   11.180  1.00 16.60  ? 16  ASN A CB  1 
ATOM   210  C CG  . ASN A 1 23  ? -6.626  8.811   12.511  1.00 19.76  ? 16  ASN A CG  1 
ATOM   211  O OD1 . ASN A 1 23  ? -6.940  9.949   12.849  1.00 20.08  ? 16  ASN A OD1 1 
ATOM   212  N ND2 . ASN A 1 23  ? -5.860  8.022   13.258  1.00 16.09  ? 16  ASN A ND2 1 
ATOM   213  N N   . PHE A 1 24  ? -5.775  9.541   8.005   1.00 16.84  ? 17  PHE A N   1 
ATOM   214  C CA  . PHE A 1 24  ? -4.515  9.601   7.263   1.00 16.28  ? 17  PHE A CA  1 
ATOM   215  C C   . PHE A 1 24  ? -3.638  10.782  7.684   1.00 17.16  ? 17  PHE A C   1 
ATOM   216  O O   . PHE A 1 24  ? -2.407  10.661  7.683   1.00 16.05  ? 17  PHE A O   1 
ATOM   217  C CB  . PHE A 1 24  ? -4.810  9.659   5.765   1.00 14.92  ? 17  PHE A CB  1 
ATOM   218  C CG  . PHE A 1 24  ? -3.615  9.394   4.896   1.00 17.91  ? 17  PHE A CG  1 
ATOM   219  C CD1 . PHE A 1 24  ? -2.846  8.244   5.057   1.00 17.41  ? 17  PHE A CD1 1 
ATOM   220  C CD2 . PHE A 1 24  ? -3.270  10.298  3.899   1.00 18.90  ? 17  PHE A CD2 1 
ATOM   221  C CE1 . PHE A 1 24  ? -1.753  7.993   4.230   1.00 15.05  ? 17  PHE A CE1 1 
ATOM   222  C CE2 . PHE A 1 24  ? -2.197  10.063  3.059   1.00 16.22  ? 17  PHE A CE2 1 
ATOM   223  C CZ  . PHE A 1 24  ? -1.436  8.913   3.211   1.00 15.82  ? 17  PHE A CZ  1 
ATOM   224  N N   . ASP A 1 25  ? -4.234  11.924  8.045   1.00 19.02  ? 18  ASP A N   1 
ATOM   225  C CA  . ASP A 1 25  ? -3.416  13.047  8.517   1.00 20.11  ? 18  ASP A CA  1 
ATOM   226  C C   . ASP A 1 25  ? -2.615  12.652  9.746   1.00 16.65  ? 18  ASP A C   1 
ATOM   227  O O   . ASP A 1 25  ? -1.393  12.866  9.809   1.00 17.74  ? 18  ASP A O   1 
ATOM   228  C CB  . ASP A 1 25  ? -4.276  14.270  8.828   1.00 21.88  ? 18  ASP A CB  1 
ATOM   229  C CG  . ASP A 1 25  ? -3.427  15.475  9.280   1.00 28.10  ? 18  ASP A CG  1 
ATOM   230  O OD1 . ASP A 1 25  ? -2.479  15.850  8.551   1.00 25.30  ? 18  ASP A OD1 1 
ATOM   231  O OD2 . ASP A 1 25  ? -3.686  16.030  10.383  1.00 31.54  ? 18  ASP A OD2 1 
ATOM   232  N N   . GLU A 1 26  ? -3.286  12.042  10.734  1.00 17.99  ? 19  GLU A N   1 
ATOM   233  C CA  . GLU A 1 26  ? -2.574  11.652  11.946  1.00 17.32  ? 19  GLU A CA  1 
ATOM   234  C C   . GLU A 1 26  ? -1.507  10.606  11.645  1.00 18.12  ? 19  GLU A C   1 
ATOM   235  O O   . GLU A 1 26  ? -0.406  10.658  12.201  1.00 16.82  ? 19  GLU A O   1 
ATOM   236  C CB  . GLU A 1 26  ? -3.550  11.139  13.008  1.00 23.56  ? 19  GLU A CB  1 
ATOM   237  C CG  . GLU A 1 26  ? -4.440  12.209  13.637  1.00 31.33  ? 19  GLU A CG  1 
ATOM   238  C CD  . GLU A 1 26  ? -3.696  13.063  14.657  1.00 35.99  ? 19  GLU A CD  1 
ATOM   239  O OE1 . GLU A 1 26  ? -2.698  12.579  15.233  1.00 59.37  ? 19  GLU A OE1 1 
ATOM   240  O OE2 . GLU A 1 26  ? -4.099  14.230  14.858  1.00 65.69  ? 19  GLU A OE2 1 
ATOM   241  N N   . TYR A 1 27  ? -1.812  9.646   10.756  1.00 15.87  ? 20  TYR A N   1 
ATOM   242  C CA  . TYR A 1 27  ? -0.815  8.651   10.381  1.00 13.53  ? 20  TYR A CA  1 
ATOM   243  C C   . TYR A 1 27  ? 0.407   9.304   9.729   1.00 15.08  ? 20  TYR A C   1 
ATOM   244  O O   . TYR A 1 27  ? 1.550   8.977   10.067  1.00 15.51  ? 20  TYR A O   1 
ATOM   245  C CB  . TYR A 1 27  ? -1.461  7.609   9.443   1.00 13.71  ? 20  TYR A CB  1 
ATOM   246  C CG  . TYR A 1 27  ? -0.430  6.725   8.786   1.00 13.98  ? 20  TYR A CG  1 
ATOM   247  C CD1 . TYR A 1 27  ? 0.032   5.590   9.446   1.00 16.92  ? 20  TYR A CD1 1 
ATOM   248  C CD2 . TYR A 1 27  ? 0.080   7.009   7.517   1.00 15.15  ? 20  TYR A CD2 1 
ATOM   249  C CE1 . TYR A 1 27  ? 1.011   4.785   8.885   1.00 13.11  ? 20  TYR A CE1 1 
ATOM   250  C CE2 . TYR A 1 27  ? 1.048   6.214   6.952   1.00 19.51  ? 20  TYR A CE2 1 
ATOM   251  C CZ  . TYR A 1 27  ? 1.498   5.095   7.626   1.00 16.08  ? 20  TYR A CZ  1 
ATOM   252  O OH  . TYR A 1 27  ? 2.460   4.323   7.063   1.00 16.81  ? 20  TYR A OH  1 
ATOM   253  N N   . MET A 1 28  ? 0.181   10.232  8.780   1.00 16.14  ? 21  MET A N   1 
ATOM   254  C CA  . MET A 1 28  ? 1.288   10.967  8.149   1.00 19.88  ? 21  MET A CA  1 
ATOM   255  C C   . MET A 1 28  ? 2.133   11.735  9.175   1.00 16.97  ? 21  MET A C   1 
ATOM   256  O O   . MET A 1 28  ? 3.375   11.705  9.117   1.00 16.86  ? 21  MET A O   1 
ATOM   257  C CB  . MET A 1 28  ? 0.715   11.907  7.086   1.00 16.52  ? 21  MET A CB  1 
ATOM   258  C CG  . MET A 1 28  ? 0.155   11.190  5.849   1.00 14.66  ? 21  MET A CG  1 
ATOM   259  S SD  . MET A 1 28  ? 0.190   12.378  4.459   1.00 18.91  ? 21  MET A SD  1 
ATOM   260  C CE  . MET A 1 28  ? -1.289  13.296  4.948   1.00 18.49  ? 21  MET A CE  1 
ATOM   261  N N   . LYS A 1 29  ? 1.485   12.392  10.134  1.00 18.28  ? 22  LYS A N   1 
ATOM   262  C CA  . LYS A 1 29  ? 2.220   13.115  11.179  1.00 19.18  ? 22  LYS A CA  1 
ATOM   263  C C   . LYS A 1 29  ? 3.083   12.162  11.992  1.00 18.73  ? 22  LYS A C   1 
ATOM   264  O O   . LYS A 1 29  ? 4.264   12.436  12.243  1.00 21.50  ? 22  LYS A O   1 
ATOM   265  C CB  . LYS A 1 29  ? 1.235   13.842  12.090  1.00 22.32  ? 22  LYS A CB  1 
ATOM   266  C CG  . LYS A 1 29  ? 0.831   15.207  11.604  1.00 26.89  ? 22  LYS A CG  1 
ATOM   267  C CD  . LYS A 1 29  ? -0.218  15.798  12.517  1.00 29.21  ? 22  LYS A CD  1 
ATOM   268  C CE  . LYS A 1 29  ? -0.630  17.176  12.057  1.00 43.53  ? 22  LYS A CE  1 
ATOM   269  N NZ  . LYS A 1 29  ? -1.668  17.735  12.970  1.00 53.00  ? 22  LYS A NZ  1 
ATOM   270  N N   . ALA A 1 30  ? 2.506   11.022  12.403  1.00 17.09  ? 23  ALA A N   1 
ATOM   271  C CA  . ALA A 1 30  ? 3.243   10.073  13.227  1.00 17.83  ? 23  ALA A CA  1 
ATOM   272  C C   . ALA A 1 30  ? 4.429   9.521   12.468  1.00 20.51  ? 23  ALA A C   1 
ATOM   273  O O   . ALA A 1 30  ? 5.506   9.309   13.036  1.00 22.96  ? 23  ALA A O   1 
ATOM   274  C CB  . ALA A 1 30  ? 2.327   8.934   13.678  1.00 21.27  ? 23  ALA A CB  1 
ATOM   275  N N   . LEU A 1 31  ? 4.248   9.313   11.165  1.00 17.62  ? 24  LEU A N   1 
ATOM   276  C CA  . LEU A 1 31  ? 5.284   8.788   10.297  1.00 19.01  ? 24  LEU A CA  1 
ATOM   277  C C   . LEU A 1 31  ? 6.429   9.773   10.083  1.00 21.22  ? 24  LEU A C   1 
ATOM   278  O O   . LEU A 1 31  ? 7.534   9.361   9.717   1.00 24.49  ? 24  LEU A O   1 
ATOM   279  C CB  . LEU A 1 31  ? 4.631   8.421   8.963   1.00 21.28  ? 24  LEU A CB  1 
ATOM   280  C CG  . LEU A 1 31  ? 5.426   7.597   7.967   1.00 21.60  ? 24  LEU A CG  1 
ATOM   281  C CD1 . LEU A 1 31  ? 5.825   6.266   8.593   1.00 23.15  ? 24  LEU A CD1 1 
ATOM   282  C CD2 . LEU A 1 31  ? 4.581   7.375   6.715   1.00 19.05  ? 24  LEU A CD2 1 
ATOM   283  N N   . GLY A 1 32  ? 6.196   11.055  10.308  1.00 19.46  ? 25  GLY A N   1 
ATOM   284  C CA  . GLY A 1 32  ? 7.229   12.049  10.125  1.00 20.20  ? 25  GLY A CA  1 
ATOM   285  C C   . GLY A 1 32  ? 7.171   12.746  8.790   1.00 19.72  ? 25  GLY A C   1 
ATOM   286  O O   . GLY A 1 32  ? 8.136   13.427  8.421   1.00 22.22  ? 25  GLY A O   1 
ATOM   287  N N   . VAL A 1 33  ? 6.053   12.618  8.068   1.00 17.71  ? 26  VAL A N   1 
ATOM   288  C CA  . VAL A 1 33  ? 5.920   13.258  6.765   1.00 16.85  ? 26  VAL A CA  1 
ATOM   289  C C   . VAL A 1 33  ? 5.934   14.769  6.925   1.00 19.99  ? 26  VAL A C   1 
ATOM   290  O O   . VAL A 1 33  ? 5.286   15.321  7.829   1.00 20.73  ? 26  VAL A O   1 
ATOM   291  C CB  . VAL A 1 33  ? 4.614   12.799  6.101   1.00 15.88  ? 26  VAL A CB  1 
ATOM   292  C CG1 . VAL A 1 33  ? 4.405   13.504  4.780   1.00 18.69  ? 26  VAL A CG1 1 
ATOM   293  C CG2 . VAL A 1 33  ? 4.637   11.292  5.892   1.00 17.40  ? 26  VAL A CG2 1 
ATOM   294  N N   . GLY A 1 34  ? 6.677   15.445  6.040   1.00 22.75  ? 27  GLY A N   1 
ATOM   295  C CA  . GLY A 1 34  ? 6.799   16.887  6.119   1.00 24.44  ? 27  GLY A CA  1 
ATOM   296  C C   . GLY A 1 34  ? 5.499   17.600  5.796   1.00 24.39  ? 27  GLY A C   1 
ATOM   297  O O   . GLY A 1 34  ? 4.613   17.057  5.146   1.00 22.48  ? 27  GLY A O   1 
ATOM   298  N N   . PHE A 1 35  ? 5.416   18.865  6.236   1.00 23.07  ? 28  PHE A N   1 
ATOM   299  C CA  . PHE A 1 35  ? 4.167   19.628  6.143   1.00 19.95  ? 28  PHE A CA  1 
ATOM   300  C C   . PHE A 1 35  ? 3.661   19.721  4.703   1.00 22.38  ? 28  PHE A C   1 
ATOM   301  O O   . PHE A 1 35  ? 2.471   19.497  4.437   1.00 19.78  ? 28  PHE A O   1 
ATOM   302  C CB  . PHE A 1 35  ? 4.372   21.034  6.727   1.00 22.91  ? 28  PHE A CB  1 
ATOM   303  C CG  . PHE A 1 35  ? 3.154   21.932  6.606   1.00 21.92  ? 28  PHE A CG  1 
ATOM   304  C CD1 . PHE A 1 35  ? 2.022   21.703  7.367   1.00 25.39  ? 28  PHE A CD1 1 
ATOM   305  C CD2 . PHE A 1 35  ? 3.148   22.996  5.718   1.00 23.97  ? 28  PHE A CD2 1 
ATOM   306  C CE1 . PHE A 1 35  ? 0.910   22.522  7.252   1.00 23.80  ? 28  PHE A CE1 1 
ATOM   307  C CE2 . PHE A 1 35  ? 2.028   23.815  5.605   1.00 18.96  ? 28  PHE A CE2 1 
ATOM   308  C CZ  . PHE A 1 35  ? 0.923   23.577  6.370   1.00 20.23  ? 28  PHE A CZ  1 
ATOM   309  N N   . ALA A 1 36  ? 4.533   20.082  3.754   1.00 20.72  ? 29  ALA A N   1 
ATOM   310  C CA  . ALA A 1 36  ? 4.068   20.249  2.383   1.00 21.56  ? 29  ALA A CA  1 
ATOM   311  C C   . ALA A 1 36  ? 3.495   18.954  1.836   1.00 21.03  ? 29  ALA A C   1 
ATOM   312  O O   . ALA A 1 36  ? 2.441   18.956  1.187   1.00 19.46  ? 29  ALA A O   1 
ATOM   313  C CB  . ALA A 1 36  ? 5.206   20.739  1.485   1.00 27.13  ? 29  ALA A CB  1 
ATOM   314  N N   . THR A 1 37  ? 4.172   17.832  2.093   1.00 22.03  ? 30  THR A N   1 
ATOM   315  C CA  . THR A 1 37  ? 3.666   16.554  1.608   1.00 18.86  ? 30  THR A CA  1 
ATOM   316  C C   . THR A 1 37  ? 2.355   16.187  2.291   1.00 20.45  ? 30  THR A C   1 
ATOM   317  O O   . THR A 1 37  ? 1.486   15.576  1.660   1.00 19.69  ? 30  THR A O   1 
ATOM   318  C CB  . THR A 1 37  ? 4.721   15.458  1.784   1.00 22.38  ? 30  THR A CB  1 
ATOM   319  O OG1 . THR A 1 37  ? 5.874   15.761  0.975   1.00 25.01  ? 30  THR A OG1 1 
ATOM   320  C CG2 . THR A 1 37  ? 4.179   14.094  1.357   1.00 19.99  ? 30  THR A CG2 1 
ATOM   321  N N   . ARG A 1 38  ? 2.176   16.568  3.562   1.00 19.49  ? 31  ARG A N   1 
ATOM   322  C CA  . ARG A 1 38  ? 0.890   16.297  4.194   1.00 15.40  ? 31  ARG A CA  1 
ATOM   323  C C   . ARG A 1 38  ? -0.208  17.136  3.557   1.00 15.40  ? 31  ARG A C   1 
ATOM   324  O O   . ARG A 1 38  ? -1.327  16.658  3.357   1.00 16.29  ? 31  ARG A O   1 
ATOM   325  C CB  . ARG A 1 38  ? 0.925   16.582  5.690   1.00 16.22  ? 31  ARG A CB  1 
ATOM   326  C CG  . ARG A 1 38  ? 1.908   15.711  6.459   1.00 17.18  ? 31  ARG A CG  1 
ATOM   327  C CD  . ARG A 1 38  ? 1.526   15.661  7.941   1.00 19.03  ? 31  ARG A CD  1 
ATOM   328  N NE  . ARG A 1 38  ? 1.437   16.970  8.603   1.00 21.10  ? 31  ARG A NE  1 
ATOM   329  C CZ  . ARG A 1 38  ? 2.463   17.657  9.091   1.00 24.81  ? 31  ARG A CZ  1 
ATOM   330  N NH1 . ARG A 1 38  ? 2.239   18.822  9.684   1.00 22.35  ? 31  ARG A NH1 1 
ATOM   331  N NH2 . ARG A 1 38  ? 3.709   17.202  8.984   1.00 22.32  ? 31  ARG A NH2 1 
ATOM   332  N N   . GLN A 1 39  ? 0.076   18.417  3.288   1.00 15.88  ? 32  GLN A N   1 
ATOM   333  C CA  . GLN A 1 39  ? -0.949  19.256  2.681   1.00 16.29  ? 32  GLN A CA  1 
ATOM   334  C C   . GLN A 1 39  ? -1.458  18.640  1.390   1.00 16.67  ? 32  GLN A C   1 
ATOM   335  O O   . GLN A 1 39  ? -2.672  18.603  1.140   1.00 18.78  ? 32  GLN A O   1 
ATOM   336  C CB  . GLN A 1 39  ? -0.394  20.667  2.403   1.00 13.87  ? 32  GLN A CB  1 
ATOM   337  C CG  . GLN A 1 39  ? -0.053  21.443  3.666   1.00 17.77  ? 32  GLN A CG  1 
ATOM   338  C CD  . GLN A 1 39  ? -1.284  21.975  4.358   1.00 21.91  ? 32  GLN A CD  1 
ATOM   339  O OE1 . GLN A 1 39  ? -1.879  21.275  5.188   1.00 22.43  ? 32  GLN A OE1 1 
ATOM   340  N NE2 . GLN A 1 39  ? -1.670  23.221  4.048   1.00 16.28  ? 32  GLN A NE2 1 
ATOM   341  N N   . VAL A 1 40  ? -0.550  18.127  0.568   1.00 16.18  ? 33  VAL A N   1 
ATOM   342  C CA  . VAL A 1 40  ? -0.975  17.535  -0.691  1.00 17.45  ? 33  VAL A CA  1 
ATOM   343  C C   . VAL A 1 40  ? -1.598  16.177  -0.449  1.00 20.19  ? 33  VAL A C   1 
ATOM   344  O O   . VAL A 1 40  ? -2.638  15.850  -1.033  1.00 20.45  ? 33  VAL A O   1 
ATOM   345  C CB  . VAL A 1 40  ? 0.214   17.455  -1.661  1.00 17.87  ? 33  VAL A CB  1 
ATOM   346  C CG1 . VAL A 1 40  ? -0.279  17.057  -3.044  1.00 20.36  ? 33  VAL A CG1 1 
ATOM   347  C CG2 . VAL A 1 40  ? 0.884   18.787  -1.768  1.00 21.56  ? 33  VAL A CG2 1 
ATOM   348  N N   . GLY A 1 41  ? -0.992  15.390  0.438   1.00 17.80  ? 34  GLY A N   1 
ATOM   349  C CA  . GLY A 1 41  ? -1.448  14.023  0.665   1.00 21.14  ? 34  GLY A CA  1 
ATOM   350  C C   . GLY A 1 41  ? -2.823  13.900  1.302   1.00 20.25  ? 34  GLY A C   1 
ATOM   351  O O   . GLY A 1 41  ? -3.511  12.887  1.114   1.00 22.72  ? 34  GLY A O   1 
ATOM   352  N N   . ASN A 1 42  ? -3.234  14.895  2.074   1.00 17.54  ? 35  ASN A N   1 
ATOM   353  C CA  . ASN A 1 42  ? -4.549  14.883  2.691   1.00 17.59  ? 35  ASN A CA  1 
ATOM   354  C C   . ASN A 1 42  ? -5.663  15.175  1.702   1.00 21.75  ? 35  ASN A C   1 
ATOM   355  O O   . ASN A 1 42  ? -6.837  15.059  2.071   1.00 28.39  ? 35  ASN A O   1 
ATOM   356  C CB  . ASN A 1 42  ? -4.595  15.911  3.813   1.00 18.21  ? 35  ASN A CB  1 
ATOM   357  C CG  . ASN A 1 42  ? -4.080  15.354  5.127   1.00 24.06  ? 35  ASN A CG  1 
ATOM   358  O OD1 . ASN A 1 42  ? -4.417  14.232  5.517   1.00 19.29  ? 35  ASN A OD1 1 
ATOM   359  N ND2 . ASN A 1 42  ? -3.260  16.138  5.814   1.00 21.08  ? 35  ASN A ND2 1 
ATOM   360  N N   . VAL A 1 43  ? -5.336  15.556  0.464   1.00 16.97  ? 36  VAL A N   1 
ATOM   361  C CA  . VAL A 1 43  ? -6.362  16.010  -0.463  1.00 15.19  ? 36  VAL A CA  1 
ATOM   362  C C   . VAL A 1 43  ? -6.371  15.134  -1.720  1.00 18.22  ? 36  VAL A C   1 
ATOM   363  O O   . VAL A 1 43  ? -7.429  14.926  -2.327  1.00 18.81  ? 36  VAL A O   1 
ATOM   364  C CB  . VAL A 1 43  ? -6.156  17.501  -0.808  1.00 15.74  ? 36  VAL A CB  1 
ATOM   365  C CG1 . VAL A 1 43  ? -7.093  17.945  -1.923  1.00 21.65  ? 36  VAL A CG1 1 
ATOM   366  C CG2 . VAL A 1 43  ? -6.327  18.383  0.463   1.00 17.68  ? 36  VAL A CG2 1 
ATOM   367  N N   A THR A 1 44  ? -5.206  14.605  -2.107  0.64 17.40  ? 37  THR A N   1 
ATOM   368  N N   B THR A 1 44  ? -5.209  14.614  -2.110  0.36 17.56  ? 37  THR A N   1 
ATOM   369  C CA  A THR A 1 44  ? -5.103  13.858  -3.363  0.64 19.13  ? 37  THR A CA  1 
ATOM   370  C CA  B THR A 1 44  ? -5.113  13.857  -3.355  0.36 19.25  ? 37  THR A CA  1 
ATOM   371  C C   A THR A 1 44  ? -5.834  12.520  -3.260  0.64 20.26  ? 37  THR A C   1 
ATOM   372  C C   B THR A 1 44  ? -5.868  12.536  -3.251  0.36 20.28  ? 37  THR A C   1 
ATOM   373  O O   A THR A 1 44  ? -5.919  11.914  -2.190  0.64 20.49  ? 37  THR A O   1 
ATOM   374  O O   B THR A 1 44  ? -5.983  11.946  -2.174  0.36 20.47  ? 37  THR A O   1 
ATOM   375  C CB  A THR A 1 44  ? -3.631  13.641  -3.740  0.64 23.79  ? 37  THR A CB  1 
ATOM   376  C CB  B THR A 1 44  ? -3.652  13.587  -3.707  0.36 23.63  ? 37  THR A CB  1 
ATOM   377  O OG1 A THR A 1 44  ? -3.528  13.190  -5.103  0.64 19.07  ? 37  THR A OG1 1 
ATOM   378  O OG1 B THR A 1 44  ? -3.066  12.750  -2.707  0.36 31.45  ? 37  THR A OG1 1 
ATOM   379  C CG2 A THR A 1 44  ? -2.975  12.638  -2.821  0.64 31.60  ? 37  THR A CG2 1 
ATOM   380  C CG2 B THR A 1 44  ? -2.879  14.883  -3.767  0.36 12.83  ? 37  THR A CG2 1 
ATOM   381  N N   . LYS A 1 45  ? -6.389  12.067  -4.389  1.00 18.76  ? 38  LYS A N   1 
ATOM   382  C CA  . LYS A 1 45  ? -7.183  10.836  -4.449  1.00 17.80  ? 38  LYS A CA  1 
ATOM   383  C C   . LYS A 1 45  ? -6.478  9.899   -5.419  1.00 20.68  ? 38  LYS A C   1 
ATOM   384  O O   . LYS A 1 45  ? -6.742  9.943   -6.631  1.00 21.83  ? 38  LYS A O   1 
ATOM   385  C CB  . LYS A 1 45  ? -8.613  11.137  -4.905  1.00 20.26  ? 38  LYS A CB  1 
ATOM   386  C CG  . LYS A 1 45  ? -9.389  12.012  -3.907  1.00 30.81  ? 38  LYS A CG  1 
ATOM   387  C CD  . LYS A 1 45  ? -10.877 12.108  -4.225  1.00 32.76  ? 38  LYS A CD  1 
ATOM   388  C CE  . LYS A 1 45  ? -11.532 13.174  -3.363  1.00 63.61  ? 38  LYS A CE  1 
ATOM   389  N NZ  . LYS A 1 45  ? -12.197 12.617  -2.151  1.00 67.21  ? 38  LYS A NZ  1 
ATOM   390  N N   . PRO A 1 46  ? -5.578  9.041   -4.942  1.00 18.63  ? 39  PRO A N   1 
ATOM   391  C CA  . PRO A 1 46  ? -4.783  8.207   -5.855  1.00 15.19  ? 39  PRO A CA  1 
ATOM   392  C C   . PRO A 1 46  ? -5.587  7.082   -6.482  1.00 17.77  ? 39  PRO A C   1 
ATOM   393  O O   . PRO A 1 46  ? -6.627  6.637   -5.982  1.00 18.25  ? 39  PRO A O   1 
ATOM   394  C CB  . PRO A 1 46  ? -3.685  7.615   -4.958  1.00 17.88  ? 39  PRO A CB  1 
ATOM   395  C CG  . PRO A 1 46  ? -3.716  8.444   -3.678  1.00 18.56  ? 39  PRO A CG  1 
ATOM   396  C CD  . PRO A 1 46  ? -5.147  8.896   -3.539  1.00 18.00  ? 39  PRO A CD  1 
ATOM   397  N N   . THR A 1 47  ? -5.077  6.627   -7.611  1.00 14.58  ? 40  THR A N   1 
ATOM   398  C CA  . THR A 1 47  ? -5.543  5.405   -8.237  1.00 14.99  ? 40  THR A CA  1 
ATOM   399  C C   . THR A 1 47  ? -4.422  4.388   -8.122  1.00 15.16  ? 40  THR A C   1 
ATOM   400  O O   . THR A 1 47  ? -3.264  4.697   -8.412  1.00 19.06  ? 40  THR A O   1 
ATOM   401  C CB  . THR A 1 47  ? -5.917  5.639   -9.693  1.00 14.93  ? 40  THR A CB  1 
ATOM   402  O OG1 . THR A 1 47  ? -7.093  6.457   -9.739  1.00 20.16  ? 40  THR A OG1 1 
ATOM   403  C CG2 . THR A 1 47  ? -6.253  4.305   -10.368 1.00 18.37  ? 40  THR A CG2 1 
ATOM   404  N N   . VAL A 1 48  ? -4.754  3.188   -7.649  1.00 14.42  ? 41  VAL A N   1 
ATOM   405  C CA  . VAL A 1 48  ? -3.759  2.146   -7.410  1.00 16.30  ? 41  VAL A CA  1 
ATOM   406  C C   . VAL A 1 48  ? -4.062  0.989   -8.358  1.00 13.30  ? 41  VAL A C   1 
ATOM   407  O O   . VAL A 1 48  ? -5.164  0.431   -8.320  1.00 17.39  ? 41  VAL A O   1 
ATOM   408  C CB  . VAL A 1 48  ? -3.776  1.692   -5.941  1.00 17.60  ? 41  VAL A CB  1 
ATOM   409  C CG1 . VAL A 1 48  ? -2.734  0.634   -5.705  1.00 16.09  ? 41  VAL A CG1 1 
ATOM   410  C CG2 . VAL A 1 48  ? -3.483  2.889   -5.065  1.00 18.14  ? 41  VAL A CG2 1 
ATOM   411  N N   . ILE A 1 49  ? -3.108  0.646   -9.222  1.00 16.64  ? 42  ILE A N   1 
ATOM   412  C CA  . ILE A 1 49  ? -3.261  -0.483  -10.143 1.00 14.36  ? 42  ILE A CA  1 
ATOM   413  C C   . ILE A 1 49  ? -2.389  -1.614  -9.638  1.00 13.52  ? 42  ILE A C   1 
ATOM   414  O O   . ILE A 1 49  ? -1.161  -1.477  -9.573  1.00 16.60  ? 42  ILE A O   1 
ATOM   415  C CB  . ILE A 1 49  ? -2.878  -0.108  -11.581 1.00 18.20  ? 42  ILE A CB  1 
ATOM   416  C CG1 . ILE A 1 49  ? -3.582  1.179   -12.003 1.00 22.48  ? 42  ILE A CG1 1 
ATOM   417  C CG2 . ILE A 1 49  ? -3.250  -1.254  -12.519 1.00 18.16  ? 42  ILE A CG2 1 
ATOM   418  C CD1 . ILE A 1 49  ? -2.851  1.920   -13.091 1.00 26.00  ? 42  ILE A CD1 1 
ATOM   419  N N   . ILE A 1 50  ? -3.011  -2.754  -9.318  1.00 16.09  ? 43  ILE A N   1 
ATOM   420  C CA  . ILE A 1 50  ? -2.288  -3.930  -8.857  1.00 15.39  ? 43  ILE A CA  1 
ATOM   421  C C   . ILE A 1 50  ? -2.382  -4.980  -9.950  1.00 15.98  ? 43  ILE A C   1 
ATOM   422  O O   . ILE A 1 50  ? -3.459  -5.191  -10.513 1.00 18.36  ? 43  ILE A O   1 
ATOM   423  C CB  . ILE A 1 50  ? -2.849  -4.466  -7.530  1.00 17.42  ? 43  ILE A CB  1 
ATOM   424  C CG1 . ILE A 1 50  ? -2.692  -3.389  -6.472  1.00 14.98  ? 43  ILE A CG1 1 
ATOM   425  C CG2 . ILE A 1 50  ? -2.108  -5.735  -7.086  1.00 16.03  ? 43  ILE A CG2 1 
ATOM   426  C CD1 . ILE A 1 50  ? -3.265  -3.756  -5.099  1.00 16.17  ? 43  ILE A CD1 1 
ATOM   427  N N   . SER A 1 51  ? -1.249  -5.580  -10.294 1.00 16.65  ? 44  SER A N   1 
ATOM   428  C CA  . SER A 1 51  ? -1.209  -6.546  -11.386 1.00 15.75  ? 44  SER A CA  1 
ATOM   429  C C   . SER A 1 51  ? -0.195  -7.632  -11.076 1.00 18.46  ? 44  SER A C   1 
ATOM   430  O O   . SER A 1 51  ? 0.650   -7.487  -10.195 1.00 18.45  ? 44  SER A O   1 
ATOM   431  C CB  . SER A 1 51  ? -0.841  -5.868  -12.711 1.00 18.59  ? 44  SER A CB  1 
ATOM   432  O OG  . SER A 1 51  ? 0.447   -5.252  -12.641 1.00 20.06  ? 44  SER A OG  1 
ATOM   433  N N   . GLN A 1 52  ? -0.270  -8.727  -11.838 1.00 18.30  ? 45  GLN A N   1 
ATOM   434  C CA  . GLN A 1 52  ? 0.736   -9.775  -11.788 1.00 23.44  ? 45  GLN A CA  1 
ATOM   435  C C   . GLN A 1 52  ? 1.412   -9.856  -13.147 1.00 34.16  ? 45  GLN A C   1 
ATOM   436  O O   . GLN A 1 52  ? 0.740   -9.834  -14.184 1.00 35.85  ? 45  GLN A O   1 
ATOM   437  C CB  . GLN A 1 52  ? 0.115   -11.126 -11.410 1.00 29.01  ? 45  GLN A CB  1 
ATOM   438  C CG  . GLN A 1 52  ? -0.347  -11.186 -9.969  1.00 31.61  ? 45  GLN A CG  1 
ATOM   439  C CD  . GLN A 1 52  ? -0.572  -12.597 -9.453  1.00 34.82  ? 45  GLN A CD  1 
ATOM   440  O OE1 . GLN A 1 52  ? 0.313   -13.202 -8.846  1.00 47.58  ? 45  GLN A OE1 1 
ATOM   441  N NE2 . GLN A 1 52  ? -1.777  -13.094 -9.626  1.00 28.38  ? 45  GLN A NE2 1 
ATOM   442  N N   . GLU A 1 53  ? 2.737   -9.932  -13.140 1.00 35.08  ? 46  GLU A N   1 
ATOM   443  C CA  . GLU A 1 53  ? 3.535   -9.846  -14.363 1.00 51.33  ? 46  GLU A CA  1 
ATOM   444  C C   . GLU A 1 53  ? 4.684   -10.830 -14.175 1.00 55.92  ? 46  GLU A C   1 
ATOM   445  O O   . GLU A 1 53  ? 5.678   -10.516 -13.515 1.00 55.13  ? 46  GLU A O   1 
ATOM   446  C CB  . GLU A 1 53  ? 4.012   -8.412  -14.595 1.00 38.97  ? 46  GLU A CB  1 
ATOM   447  C CG  . GLU A 1 53  ? 2.849   -7.488  -14.989 1.00 45.34  ? 46  GLU A CG  1 
ATOM   448  C CD  . GLU A 1 53  ? 3.257   -6.059  -15.277 1.00 52.04  ? 46  GLU A CD  1 
ATOM   449  O OE1 . GLU A 1 53  ? 2.364   -5.178  -15.272 1.00 49.67  ? 46  GLU A OE1 1 
ATOM   450  O OE2 . GLU A 1 53  ? 4.461   -5.812  -15.490 1.00 39.53  ? 46  GLU A OE2 1 
ATOM   451  N N   . GLY A 1 54  ? 4.526   -12.028 -14.727 1.00 47.23  ? 47  GLY A N   1 
ATOM   452  C CA  . GLY A 1 54  ? 5.428   -13.104 -14.357 1.00 55.70  ? 47  GLY A CA  1 
ATOM   453  C C   . GLY A 1 54  ? 5.022   -13.656 -13.005 1.00 46.02  ? 47  GLY A C   1 
ATOM   454  O O   . GLY A 1 54  ? 3.833   -13.815 -12.707 1.00 54.51  ? 47  GLY A O   1 
ATOM   455  N N   . ASP A 1 55  ? 6.018   -13.988 -12.185 1.00 43.29  ? 48  ASP A N   1 
ATOM   456  C CA  . ASP A 1 55  ? 5.821   -14.210 -10.756 1.00 46.34  ? 48  ASP A CA  1 
ATOM   457  C C   . ASP A 1 55  ? 6.037   -12.926 -9.967  1.00 38.39  ? 48  ASP A C   1 
ATOM   458  O O   . ASP A 1 55  ? 6.166   -12.966 -8.732  1.00 35.49  ? 48  ASP A O   1 
ATOM   459  C CB  . ASP A 1 55  ? 6.763   -15.300 -10.245 1.00 43.03  ? 48  ASP A CB  1 
ATOM   460  C CG  . ASP A 1 55  ? 8.228   -14.986 -10.514 1.00 58.02  ? 48  ASP A CG  1 
ATOM   461  O OD1 . ASP A 1 55  ? 8.534   -14.101 -11.349 1.00 55.72  ? 48  ASP A OD1 1 
ATOM   462  O OD2 . ASP A 1 55  ? 9.083   -15.641 -9.880  1.00 65.54  ? 48  ASP A OD2 1 
ATOM   463  N N   . LYS A 1 56  ? 6.111   -11.798 -10.668 1.00 28.99  ? 49  LYS A N   1 
ATOM   464  C CA  . LYS A 1 56  ? 6.218   -10.494 -10.033 1.00 25.69  ? 49  LYS A CA  1 
ATOM   465  C C   . LYS A 1 56  ? 4.826   -9.930  -9.818  1.00 21.50  ? 49  LYS A C   1 
ATOM   466  O O   . LYS A 1 56  ? 3.940   -10.060 -10.670 1.00 22.97  ? 49  LYS A O   1 
ATOM   467  C CB  . LYS A 1 56  ? 7.029   -9.512  -10.887 1.00 41.45  ? 49  LYS A CB  1 
ATOM   468  C CG  . LYS A 1 56  ? 8.455   -9.929  -11.207 1.00 55.74  ? 49  LYS A CG  1 
ATOM   469  C CD  . LYS A 1 56  ? 9.332   -10.016 -9.971  1.00 57.40  ? 49  LYS A CD  1 
ATOM   470  C CE  . LYS A 1 56  ? 10.801  -9.991  -10.362 1.00 63.55  ? 49  LYS A CE  1 
ATOM   471  N NZ  . LYS A 1 56  ? 11.030  -10.716 -11.642 1.00 66.57  ? 49  LYS A NZ  1 
ATOM   472  N N   . VAL A 1 57  ? 4.639   -9.310  -8.672  1.00 19.61  ? 50  VAL A N   1 
ATOM   473  C CA  . VAL A 1 57  ? 3.457   -8.513  -8.391  1.00 18.83  ? 50  VAL A CA  1 
ATOM   474  C C   . VAL A 1 57  ? 3.876   -7.057  -8.553  1.00 17.35  ? 50  VAL A C   1 
ATOM   475  O O   . VAL A 1 57  ? 4.992   -6.683  -8.176  1.00 19.30  ? 50  VAL A O   1 
ATOM   476  C CB  . VAL A 1 57  ? 2.941   -8.800  -6.967  1.00 18.03  ? 50  VAL A CB  1 
ATOM   477  C CG1 . VAL A 1 57  ? 1.641   -8.040  -6.688  1.00 20.45  ? 50  VAL A CG1 1 
ATOM   478  C CG2 . VAL A 1 57  ? 2.766   -10.299 -6.748  1.00 21.34  ? 50  VAL A CG2 1 
ATOM   479  N N   . VAL A 1 58  ? 3.009   -6.241  -9.138  1.00 16.36  ? 51  VAL A N   1 
ATOM   480  C CA  . VAL A 1 58  ? 3.333   -4.844  -9.400  1.00 18.30  ? 51  VAL A CA  1 
ATOM   481  C C   . VAL A 1 58  ? 2.250   -3.988  -8.776  1.00 19.59  ? 51  VAL A C   1 
ATOM   482  O O   . VAL A 1 58  ? 1.064   -4.239  -8.999  1.00 17.67  ? 51  VAL A O   1 
ATOM   483  C CB  . VAL A 1 58  ? 3.433   -4.561  -10.911 1.00 19.91  ? 51  VAL A CB  1 
ATOM   484  C CG1 . VAL A 1 58  ? 3.680   -3.079  -11.149 1.00 19.94  ? 51  VAL A CG1 1 
ATOM   485  C CG2 . VAL A 1 58  ? 4.534   -5.427  -11.529 1.00 20.83  ? 51  VAL A CG2 1 
ATOM   486  N N   . ILE A 1 59  ? 2.652   -2.949  -8.032  1.00 16.90  ? 52  ILE A N   1 
ATOM   487  C CA  . ILE A 1 59  ? 1.714   -1.974  -7.496  1.00 16.67  ? 52  ILE A CA  1 
ATOM   488  C C   . ILE A 1 59  ? 2.113   -0.611  -8.038  1.00 20.67  ? 52  ILE A C   1 
ATOM   489  O O   . ILE A 1 59  ? 3.190   -0.094  -7.709  1.00 20.22  ? 52  ILE A O   1 
ATOM   490  C CB  . ILE A 1 59  ? 1.681   -1.975  -5.961  1.00 14.39  ? 52  ILE A CB  1 
ATOM   491  C CG1 . ILE A 1 59  ? 1.236   -3.344  -5.445  1.00 16.86  ? 52  ILE A CG1 1 
ATOM   492  C CG2 . ILE A 1 59  ? 0.703   -0.904  -5.463  1.00 19.43  ? 52  ILE A CG2 1 
ATOM   493  C CD1 . ILE A 1 59  ? 1.302   -3.467  -3.920  1.00 16.88  ? 52  ILE A CD1 1 
ATOM   494  N N   . ARG A 1 60  ? 1.246   -0.032  -8.864  1.00 17.27  ? 53  ARG A N   1 
ATOM   495  C CA  . ARG A 1 60  ? 1.468   1.251   -9.512  1.00 17.21  ? 53  ARG A CA  1 
ATOM   496  C C   . ARG A 1 60  ? 0.443   2.236   -8.983  1.00 17.93  ? 53  ARG A C   1 
ATOM   497  O O   . ARG A 1 60  ? -0.759  1.993   -9.081  1.00 21.26  ? 53  ARG A O   1 
ATOM   498  C CB  . ARG A 1 60  ? 1.313   1.136   -11.030 1.00 21.22  ? 53  ARG A CB  1 
ATOM   499  C CG  . ARG A 1 60  ? 2.562   0.802   -11.770 1.00 31.05  ? 53  ARG A CG  1 
ATOM   500  C CD  . ARG A 1 60  ? 2.274   0.636   -13.257 1.00 31.60  ? 53  ARG A CD  1 
ATOM   501  N NE  . ARG A 1 60  ? 2.031   1.895   -13.947 1.00 32.24  ? 53  ARG A NE  1 
ATOM   502  C CZ  . ARG A 1 60  ? 0.981   2.123   -14.729 1.00 35.38  ? 53  ARG A CZ  1 
ATOM   503  N NH1 . ARG A 1 60  ? 0.852   3.290   -15.349 1.00 24.48  ? 53  ARG A NH1 1 
ATOM   504  N NH2 . ARG A 1 60  ? 0.045   1.193   -14.866 1.00 30.04  ? 53  ARG A NH2 1 
ATOM   505  N N   . THR A 1 61  ? 0.915   3.350   -8.440  1.00 17.75  ? 54  THR A N   1 
ATOM   506  C CA  . THR A 1 61  ? 0.044   4.386   -7.903  1.00 18.40  ? 54  THR A CA  1 
ATOM   507  C C   . THR A 1 61  ? 0.144   5.636   -8.763  1.00 20.34  ? 54  THR A C   1 
ATOM   508  O O   . THR A 1 61  ? 1.244   6.148   -8.990  1.00 21.07  ? 54  THR A O   1 
ATOM   509  C CB  . THR A 1 61  ? 0.416   4.690   -6.454  1.00 18.00  ? 54  THR A CB  1 
ATOM   510  O OG1 . THR A 1 61  ? 0.426   3.469   -5.694  1.00 20.24  ? 54  THR A OG1 1 
ATOM   511  C CG2 . THR A 1 61  ? -0.564  5.690   -5.843  1.00 20.99  ? 54  THR A CG2 1 
ATOM   512  N N   . LEU A 1 62  ? -0.999  6.106   -9.255  1.00 17.24  ? 55  LEU A N   1 
ATOM   513  C CA  . LEU A 1 62  ? -1.098  7.347   -10.018 1.00 18.10  ? 55  LEU A CA  1 
ATOM   514  C C   . LEU A 1 62  ? -1.824  8.387   -9.177  1.00 19.99  ? 55  LEU A C   1 
ATOM   515  O O   . LEU A 1 62  ? -2.852  8.094   -8.568  1.00 20.36  ? 55  LEU A O   1 
ATOM   516  C CB  . LEU A 1 62  ? -1.848  7.134   -11.334 1.00 18.99  ? 55  LEU A CB  1 
ATOM   517  C CG  . LEU A 1 62  ? -1.373  5.982   -12.207 1.00 20.92  ? 55  LEU A CG  1 
ATOM   518  C CD1 . LEU A 1 62  ? -2.106  6.021   -13.549 1.00 25.43  ? 55  LEU A CD1 1 
ATOM   519  C CD2 . LEU A 1 62  ? 0.128   6.058   -12.426 1.00 26.85  ? 55  LEU A CD2 1 
ATOM   520  N N   . SER A 1 63  ? -1.311  9.611   -9.160  1.00 20.37  ? 56  SER A N   1 
ATOM   521  C CA  . SER A 1 63  ? -2.039  10.676  -8.489  1.00 19.11  ? 56  SER A CA  1 
ATOM   522  C C   . SER A 1 63  ? -1.692  11.996  -9.157  1.00 19.06  ? 56  SER A C   1 
ATOM   523  O O   . SER A 1 63  ? -0.812  12.069  -10.017 1.00 25.35  ? 56  SER A O   1 
ATOM   524  C CB  . SER A 1 63  ? -1.730  10.754  -6.985  1.00 22.83  ? 56  SER A CB  1 
ATOM   525  O OG  . SER A 1 63  ? -0.396  11.175  -6.741  1.00 23.18  ? 56  SER A OG  1 
ATOM   526  N N   . THR A 1 64  ? -2.421  13.035  -8.756  1.00 19.10  ? 57  THR A N   1 
ATOM   527  C CA  . THR A 1 64  ? -2.088  14.414  -9.105  1.00 19.72  ? 57  THR A CA  1 
ATOM   528  C C   . THR A 1 64  ? -0.955  14.971  -8.265  1.00 28.01  ? 57  THR A C   1 
ATOM   529  O O   . THR A 1 64  ? -0.814  16.195  -8.183  1.00 27.62  ? 57  THR A O   1 
ATOM   530  C CB  . THR A 1 64  ? -3.325  15.314  -8.969  1.00 20.29  ? 57  THR A CB  1 
ATOM   531  O OG1 . THR A 1 64  ? -3.826  15.263  -7.634  1.00 22.12  ? 57  THR A OG1 1 
ATOM   532  C CG2 . THR A 1 64  ? -4.432  14.870  -9.918  1.00 24.22  ? 57  THR A CG2 1 
ATOM   533  N N   . PHE A 1 65  ? -0.148  14.111  -7.644  1.00 22.87  ? 58  PHE A N   1 
ATOM   534  C CA  . PHE A 1 65  ? 0.995   14.531  -6.845  1.00 22.44  ? 58  PHE A CA  1 
ATOM   535  C C   . PHE A 1 65  ? 2.221   13.705  -7.227  1.00 26.20  ? 58  PHE A C   1 
ATOM   536  O O   . PHE A 1 65  ? 3.080   14.163  -7.985  1.00 32.27  ? 58  PHE A O   1 
ATOM   537  C CB  . PHE A 1 65  ? 0.660   14.385  -5.360  1.00 25.16  ? 58  PHE A CB  1 
ATOM   538  C CG  . PHE A 1 65  ? 1.774   14.757  -4.432  1.00 27.04  ? 58  PHE A CG  1 
ATOM   539  C CD1 . PHE A 1 65  ? 2.781   15.634  -4.821  1.00 28.71  ? 58  PHE A CD1 1 
ATOM   540  C CD2 . PHE A 1 65  ? 1.825   14.208  -3.160  1.00 32.95  ? 58  PHE A CD2 1 
ATOM   541  C CE1 . PHE A 1 65  ? 3.802   15.961  -3.960  1.00 30.07  ? 58  PHE A CE1 1 
ATOM   542  C CE2 . PHE A 1 65  ? 2.847   14.540  -2.292  1.00 40.79  ? 58  PHE A CE2 1 
ATOM   543  C CZ  . PHE A 1 65  ? 3.838   15.418  -2.693  1.00 28.41  ? 58  PHE A CZ  1 
ATOM   544  N N   . LYS A 1 66  ? 2.298   12.486  -6.697  1.00 24.55  ? 59  LYS A N   1 
ATOM   545  C CA  . LYS A 1 66  ? 3.399   11.561  -6.905  1.00 27.44  ? 59  LYS A CA  1 
ATOM   546  C C   . LYS A 1 66  ? 2.867   10.332  -7.630  1.00 21.12  ? 59  LYS A C   1 
ATOM   547  O O   . LYS A 1 66  ? 1.734   9.913   -7.387  1.00 25.47  ? 59  LYS A O   1 
ATOM   548  C CB  . LYS A 1 66  ? 4.009   11.135  -5.557  1.00 24.95  ? 59  LYS A CB  1 
ATOM   549  C CG  . LYS A 1 66  ? 4.705   12.229  -4.758  1.00 30.48  ? 59  LYS A CG  1 
ATOM   550  C CD  . LYS A 1 66  ? 5.999   12.598  -5.447  1.00 36.71  ? 59  LYS A CD  1 
ATOM   551  C CE  . LYS A 1 66  ? 7.043   13.045  -4.453  1.00 46.94  ? 59  LYS A CE  1 
ATOM   552  N NZ  . LYS A 1 66  ? 7.800   14.190  -5.006  1.00 56.36  ? 59  LYS A NZ  1 
ATOM   553  N N   . ASN A 1 67  ? 3.660   9.795   -8.557  1.00 19.13  ? 60  ASN A N   1 
ATOM   554  C CA  . ASN A 1 67  ? 3.401   8.495   -9.166  1.00 18.35  ? 60  ASN A CA  1 
ATOM   555  C C   . ASN A 1 67  ? 4.469   7.545   -8.643  1.00 22.70  ? 60  ASN A C   1 
ATOM   556  O O   . ASN A 1 67  ? 5.646   7.911   -8.562  1.00 26.89  ? 60  ASN A O   1 
ATOM   557  C CB  . ASN A 1 67  ? 3.501   8.566   -10.695 1.00 23.41  ? 60  ASN A CB  1 
ATOM   558  C CG  . ASN A 1 67  ? 2.308   9.237   -11.359 1.00 27.32  ? 60  ASN A CG  1 
ATOM   559  O OD1 . ASN A 1 67  ? 1.290   9.509   -10.745 1.00 24.33  ? 60  ASN A OD1 1 
ATOM   560  N ND2 . ASN A 1 67  ? 2.452   9.508   -12.652 1.00 39.13  ? 60  ASN A ND2 1 
ATOM   561  N N   . THR A 1 68  ? 4.083   6.330   -8.269  1.00 15.95  ? 61  THR A N   1 
ATOM   562  C CA  . THR A 1 68  ? 5.073   5.396   -7.754  1.00 18.41  ? 61  THR A CA  1 
ATOM   563  C C   . THR A 1 68  ? 4.841   4.038   -8.398  1.00 16.82  ? 61  THR A C   1 
ATOM   564  O O   . THR A 1 68  ? 3.748   3.736   -8.880  1.00 16.97  ? 61  THR A O   1 
ATOM   565  C CB  . THR A 1 68  ? 5.017   5.249   -6.223  1.00 19.66  ? 61  THR A CB  1 
ATOM   566  O OG1 . THR A 1 68  ? 3.722   4.782   -5.843  1.00 18.77  ? 61  THR A OG1 1 
ATOM   567  C CG2 . THR A 1 68  ? 5.266   6.571   -5.533  1.00 20.58  ? 61  THR A CG2 1 
ATOM   568  N N   . GLU A 1 69  ? 5.896   3.224   -8.425  1.00 15.84  ? 62  GLU A N   1 
ATOM   569  C CA  . GLU A 1 69  ? 5.748   1.857   -8.919  1.00 17.04  ? 62  GLU A CA  1 
ATOM   570  C C   . GLU A 1 69  ? 6.685   0.956   -8.142  1.00 24.01  ? 62  GLU A C   1 
ATOM   571  O O   . GLU A 1 69  ? 7.868   1.275   -8.002  1.00 24.84  ? 62  GLU A O   1 
ATOM   572  C CB  . GLU A 1 69  ? 6.050   1.759   -10.417 1.00 21.57  ? 62  GLU A CB  1 
ATOM   573  C CG  . GLU A 1 69  ? 5.814   0.377   -10.988 1.00 24.42  ? 62  GLU A CG  1 
ATOM   574  C CD  . GLU A 1 69  ? 6.107   0.303   -12.481 1.00 38.43  ? 62  GLU A CD  1 
ATOM   575  O OE1 . GLU A 1 69  ? 6.701   -0.705  -12.922 1.00 51.07  ? 62  GLU A OE1 1 
ATOM   576  O OE2 . GLU A 1 69  ? 5.756   1.263   -13.205 1.00 40.63  ? 62  GLU A OE2 1 
ATOM   577  N N   . ILE A 1 70  ? 6.161   -0.158  -7.632  1.00 20.38  ? 63  ILE A N   1 
ATOM   578  C CA  . ILE A 1 70  ? 7.007   -1.157  -7.002  1.00 19.81  ? 63  ILE A CA  1 
ATOM   579  C C   . ILE A 1 70  ? 6.683   -2.490  -7.648  1.00 20.83  ? 63  ILE A C   1 
ATOM   580  O O   . ILE A 1 70  ? 5.541   -2.751  -8.032  1.00 20.32  ? 63  ILE A O   1 
ATOM   581  C CB  . ILE A 1 70  ? 6.840   -1.237  -5.467  1.00 16.34  ? 63  ILE A CB  1 
ATOM   582  C CG1 . ILE A 1 70  ? 5.394   -1.530  -5.064  1.00 18.11  ? 63  ILE A CG1 1 
ATOM   583  C CG2 . ILE A 1 70  ? 7.323   0.103   -4.817  1.00 18.49  ? 63  ILE A CG2 1 
ATOM   584  C CD1 . ILE A 1 70  ? 5.211   -1.893  -3.580  1.00 20.76  ? 63  ILE A CD1 1 
ATOM   585  N N   . SER A 1 71  ? 7.710   -3.325  -7.777  1.00 17.72  ? 64  SER A N   1 
ATOM   586  C CA  . SER A 1 71  ? 7.592   -4.658  -8.358  1.00 17.41  ? 64  SER A CA  1 
ATOM   587  C C   . SER A 1 71  ? 8.372   -5.612  -7.474  1.00 19.07  ? 64  SER A C   1 
ATOM   588  O O   . SER A 1 71  ? 9.508   -5.313  -7.098  1.00 24.60  ? 64  SER A O   1 
ATOM   589  C CB  . SER A 1 71  ? 8.144   -4.667  -9.792  1.00 21.63  ? 64  SER A CB  1 
ATOM   590  O OG  . SER A 1 71  ? 8.101   -5.970  -10.341 1.00 42.57  ? 64  SER A OG  1 
ATOM   591  N N   . PHE A 1 72  ? 7.770   -6.746  -7.121  1.00 18.44  ? 65  PHE A N   1 
ATOM   592  C CA  . PHE A 1 72  ? 8.371   -7.593  -6.100  1.00 21.62  ? 65  PHE A CA  1 
ATOM   593  C C   . PHE A 1 72  ? 7.891   -9.025  -6.266  1.00 25.28  ? 65  PHE A C   1 
ATOM   594  O O   . PHE A 1 72  ? 6.892   -9.309  -6.938  1.00 21.89  ? 65  PHE A O   1 
ATOM   595  C CB  . PHE A 1 72  ? 8.037   -7.104  -4.678  1.00 20.41  ? 65  PHE A CB  1 
ATOM   596  C CG  . PHE A 1 72  ? 6.573   -6.885  -4.462  1.00 18.71  ? 65  PHE A CG  1 
ATOM   597  C CD1 . PHE A 1 72  ? 5.746   -7.941  -4.073  1.00 17.31  ? 65  PHE A CD1 1 
ATOM   598  C CD2 . PHE A 1 72  ? 6.007   -5.651  -4.744  1.00 18.71  ? 65  PHE A CD2 1 
ATOM   599  C CE1 . PHE A 1 72  ? 4.379   -7.746  -3.927  1.00 21.38  ? 65  PHE A CE1 1 
ATOM   600  C CE2 . PHE A 1 72  ? 4.643   -5.447  -4.609  1.00 17.64  ? 65  PHE A CE2 1 
ATOM   601  C CZ  . PHE A 1 72  ? 3.829   -6.498  -4.201  1.00 20.45  ? 65  PHE A CZ  1 
ATOM   602  N N   . GLN A 1 73  ? 8.618   -9.921  -5.622  1.00 22.34  ? 66  GLN A N   1 
ATOM   603  C CA  . GLN A 1 73  ? 8.177   -11.288 -5.413  1.00 23.58  ? 66  GLN A CA  1 
ATOM   604  C C   . GLN A 1 73  ? 7.714   -11.408 -3.973  1.00 20.60  ? 66  GLN A C   1 
ATOM   605  O O   . GLN A 1 73  ? 8.308   -10.795 -3.081  1.00 22.29  ? 66  GLN A O   1 
ATOM   606  C CB  . GLN A 1 73  ? 9.320   -12.257 -5.684  1.00 26.00  ? 66  GLN A CB  1 
ATOM   607  C CG  . GLN A 1 73  ? 9.669   -12.392 -7.147  1.00 29.69  ? 66  GLN A CG  1 
ATOM   608  C CD  . GLN A 1 73  ? 10.469  -13.641 -7.373  1.00 59.81  ? 66  GLN A CD  1 
ATOM   609  O OE1 . GLN A 1 73  ? 11.578  -13.778 -6.857  1.00 66.07  ? 66  GLN A OE1 1 
ATOM   610  N NE2 . GLN A 1 73  ? 9.885   -14.597 -8.076  1.00 65.83  ? 66  GLN A NE2 1 
ATOM   611  N N   . LEU A 1 74  ? 6.648   -12.174 -3.750  1.00 22.38  ? 67  LEU A N   1 
ATOM   612  C CA  . LEU A 1 74  ? 6.146   -12.340 -2.390  1.00 18.66  ? 67  LEU A CA  1 
ATOM   613  C C   . LEU A 1 74  ? 7.253   -12.864 -1.487  1.00 22.07  ? 67  LEU A C   1 
ATOM   614  O O   . LEU A 1 74  ? 7.967   -13.811 -1.837  1.00 22.56  ? 67  LEU A O   1 
ATOM   615  C CB  . LEU A 1 74  ? 4.954   -13.298 -2.367  1.00 23.25  ? 67  LEU A CB  1 
ATOM   616  C CG  . LEU A 1 74  ? 3.687   -12.805 -3.070  1.00 23.25  ? 67  LEU A CG  1 
ATOM   617  C CD1 . LEU A 1 74  ? 2.602   -13.904 -3.077  1.00 26.57  ? 67  LEU A CD1 1 
ATOM   618  C CD2 . LEU A 1 74  ? 3.166   -11.534 -2.444  1.00 23.53  ? 67  LEU A CD2 1 
ATOM   619  N N   . GLY A 1 75  ? 7.411   -12.235 -0.334  1.00 18.39  ? 68  GLY A N   1 
ATOM   620  C CA  . GLY A 1 75  ? 8.369   -12.698 0.649   1.00 18.67  ? 68  GLY A CA  1 
ATOM   621  C C   . GLY A 1 75  ? 9.812   -12.299 0.417   1.00 22.42  ? 68  GLY A C   1 
ATOM   622  O O   . GLY A 1 75  ? 10.656  -12.607 1.270   1.00 25.39  ? 68  GLY A O   1 
ATOM   623  N N   . GLU A 1 76  ? 10.131  -11.630 -0.700  1.00 20.44  ? 69  GLU A N   1 
ATOM   624  C CA  . GLU A 1 76  ? 11.505  -11.261 -1.034  1.00 19.67  ? 69  GLU A CA  1 
ATOM   625  C C   . GLU A 1 76  ? 11.705  -9.772  -0.777  1.00 19.04  ? 69  GLU A C   1 
ATOM   626  O O   . GLU A 1 76  ? 11.000  -8.940  -1.352  1.00 23.87  ? 69  GLU A O   1 
ATOM   627  C CB  . GLU A 1 76  ? 11.850  -11.582 -2.489  1.00 25.81  ? 69  GLU A CB  1 
ATOM   628  C CG  . GLU A 1 76  ? 13.314  -11.266 -2.813  1.00 44.08  ? 69  GLU A CG  1 
ATOM   629  C CD  . GLU A 1 76  ? 13.937  -12.225 -3.816  1.00 81.53  ? 69  GLU A CD  1 
ATOM   630  O OE1 . GLU A 1 76  ? 13.198  -12.780 -4.658  1.00 74.33  ? 69  GLU A OE1 1 
ATOM   631  O OE2 . GLU A 1 76  ? 15.172  -12.431 -3.747  1.00 75.47  ? 69  GLU A OE2 1 
ATOM   632  N N   . GLU A 1 77  ? 12.680  -9.449  0.068   1.00 19.28  ? 70  GLU A N   1 
ATOM   633  C CA  . GLU A 1 77  ? 12.947  -8.058  0.410   1.00 18.60  ? 70  GLU A CA  1 
ATOM   634  C C   . GLU A 1 77  ? 13.417  -7.275  -0.811  1.00 22.69  ? 70  GLU A C   1 
ATOM   635  O O   . GLU A 1 77  ? 14.145  -7.792  -1.666  1.00 23.51  ? 70  GLU A O   1 
ATOM   636  C CB  . GLU A 1 77  ? 13.993  -7.999  1.528   1.00 18.18  ? 70  GLU A CB  1 
ATOM   637  C CG  . GLU A 1 77  ? 14.193  -6.606  2.093   1.00 24.33  ? 70  GLU A CG  1 
ATOM   638  C CD  . GLU A 1 77  ? 15.167  -6.601  3.250   1.00 26.85  ? 70  GLU A CD  1 
ATOM   639  O OE1 . GLU A 1 77  ? 14.713  -6.471  4.406   1.00 29.99  ? 70  GLU A OE1 1 
ATOM   640  O OE2 . GLU A 1 77  ? 16.380  -6.744  2.991   1.00 36.37  ? 70  GLU A OE2 1 
ATOM   641  N N   . PHE A 1 78  ? 12.981  -6.020  -0.908  1.00 19.64  ? 71  PHE A N   1 
ATOM   642  C CA  . PHE A 1 78  ? 13.403  -5.153  -2.002  1.00 18.69  ? 71  PHE A CA  1 
ATOM   643  C C   . PHE A 1 78  ? 13.597  -3.731  -1.498  1.00 20.21  ? 71  PHE A C   1 
ATOM   644  O O   . PHE A 1 78  ? 13.140  -3.361  -0.413  1.00 20.48  ? 71  PHE A O   1 
ATOM   645  C CB  . PHE A 1 78  ? 12.397  -5.170  -3.168  1.00 21.80  ? 71  PHE A CB  1 
ATOM   646  C CG  . PHE A 1 78  ? 10.998  -4.746  -2.793  1.00 20.26  ? 71  PHE A CG  1 
ATOM   647  C CD1 . PHE A 1 78  ? 10.137  -5.621  -2.127  1.00 20.74  ? 71  PHE A CD1 1 
ATOM   648  C CD2 . PHE A 1 78  ? 10.545  -3.472  -3.113  1.00 18.01  ? 71  PHE A CD2 1 
ATOM   649  C CE1 . PHE A 1 78  ? 8.830   -5.226  -1.789  1.00 19.18  ? 71  PHE A CE1 1 
ATOM   650  C CE2 . PHE A 1 78  ? 9.244   -3.069  -2.776  1.00 19.42  ? 71  PHE A CE2 1 
ATOM   651  C CZ  . PHE A 1 78  ? 8.398   -3.944  -2.114  1.00 18.88  ? 71  PHE A CZ  1 
ATOM   652  N N   . ASP A 1 79  ? 14.295  -2.935  -2.305  1.00 19.97  ? 72  ASP A N   1 
ATOM   653  C CA  . ASP A 1 79  ? 14.495  -1.514  -2.030  1.00 19.48  ? 72  ASP A CA  1 
ATOM   654  C C   . ASP A 1 79  ? 13.313  -0.718  -2.555  1.00 19.35  ? 72  ASP A C   1 
ATOM   655  O O   . ASP A 1 79  ? 12.893  -0.910  -3.698  1.00 23.87  ? 72  ASP A O   1 
ATOM   656  C CB  . ASP A 1 79  ? 15.769  -1.004  -2.700  1.00 21.96  ? 72  ASP A CB  1 
ATOM   657  C CG  . ASP A 1 79  ? 17.012  -1.619  -2.119  1.00 32.61  ? 72  ASP A CG  1 
ATOM   658  O OD1 . ASP A 1 79  ? 17.053  -1.834  -0.890  1.00 35.32  ? 72  ASP A OD1 1 
ATOM   659  O OD2 . ASP A 1 79  ? 17.940  -1.902  -2.903  1.00 42.03  ? 72  ASP A OD2 1 
ATOM   660  N N   . GLU A 1 80  ? 12.813  0.208   -1.740  1.00 19.76  ? 73  GLU A N   1 
ATOM   661  C CA  . GLU A 1 80  ? 11.657  1.005   -2.116  1.00 18.54  ? 73  GLU A CA  1 
ATOM   662  C C   . GLU A 1 80  ? 11.936  2.456   -1.773  1.00 22.09  ? 73  GLU A C   1 
ATOM   663  O O   . GLU A 1 80  ? 12.351  2.753   -0.646  1.00 21.97  ? 73  GLU A O   1 
ATOM   664  C CB  . GLU A 1 80  ? 10.410  0.535   -1.366  1.00 17.50  ? 73  GLU A CB  1 
ATOM   665  C CG  . GLU A 1 80  ? 9.164   1.372   -1.635  1.00 19.39  ? 73  GLU A CG  1 
ATOM   666  C CD  . GLU A 1 80  ? 7.907   0.843   -0.967  1.00 20.44  ? 73  GLU A CD  1 
ATOM   667  O OE1 . GLU A 1 80  ? 7.994   -0.051  -0.091  1.00 21.23  ? 73  GLU A OE1 1 
ATOM   668  O OE2 . GLU A 1 80  ? 6.818   1.365   -1.296  1.00 21.60  ? 73  GLU A OE2 1 
ATOM   669  N N   . THR A 1 81  ? 11.682  3.364   -2.717  1.00 19.41  ? 74  THR A N   1 
ATOM   670  C CA  . THR A 1 81  ? 11.678  4.795   -2.414  1.00 18.12  ? 74  THR A CA  1 
ATOM   671  C C   . THR A 1 81  ? 10.226  5.249   -2.407  1.00 18.40  ? 74  THR A C   1 
ATOM   672  O O   . THR A 1 81  ? 9.565   5.245   -3.447  1.00 21.19  ? 74  THR A O   1 
ATOM   673  C CB  . THR A 1 81  ? 12.501  5.593   -3.416  1.00 25.63  ? 74  THR A CB  1 
ATOM   674  O OG1 . THR A 1 81  ? 13.868  5.169   -3.333  1.00 27.73  ? 74  THR A OG1 1 
ATOM   675  C CG2 . THR A 1 81  ? 12.403  7.070   -3.096  1.00 24.81  ? 74  THR A CG2 1 
ATOM   676  N N   . THR A 1 82  ? 9.730   5.638   -1.235  1.00 16.18  ? 75  THR A N   1 
ATOM   677  C CA  . THR A 1 82  ? 8.296   5.842   -1.083  1.00 19.09  ? 75  THR A CA  1 
ATOM   678  C C   . THR A 1 82  ? 7.870   7.209   -1.608  1.00 20.09  ? 75  THR A C   1 
ATOM   679  O O   . THR A 1 82  ? 8.688   8.089   -1.876  1.00 19.85  ? 75  THR A O   1 
ATOM   680  C CB  . THR A 1 82  ? 7.896   5.727   0.391   1.00 16.75  ? 75  THR A CB  1 
ATOM   681  O OG1 . THR A 1 82  ? 8.508   6.807   1.127   1.00 17.58  ? 75  THR A OG1 1 
ATOM   682  C CG2 . THR A 1 82  ? 8.351   4.384   0.975   1.00 17.77  ? 75  THR A CG2 1 
ATOM   683  N N   . ALA A 1 83  ? 6.552   7.397   -1.701  1.00 19.92  ? 76  ALA A N   1 
ATOM   684  C CA  . ALA A 1 83  ? 6.003   8.662   -2.186  1.00 20.38  ? 76  ALA A CA  1 
ATOM   685  C C   . ALA A 1 83  ? 6.410   9.841   -1.306  1.00 22.10  ? 76  ALA A C   1 
ATOM   686  O O   . ALA A 1 83  ? 6.516   10.971  -1.804  1.00 25.05  ? 76  ALA A O   1 
ATOM   687  C CB  . ALA A 1 83  ? 4.479   8.566   -2.270  1.00 20.89  ? 76  ALA A CB  1 
ATOM   688  N N   . ASP A 1 84  ? 6.631   9.613   -0.006  1.00 19.29  ? 77  ASP A N   1 
ATOM   689  C CA  . ASP A 1 84  ? 7.109   10.655  0.903   1.00 23.85  ? 77  ASP A CA  1 
ATOM   690  C C   . ASP A 1 84  ? 8.634   10.657  1.036   1.00 25.46  ? 77  ASP A C   1 
ATOM   691  O O   . ASP A 1 84  ? 9.175   11.215  2.000   1.00 27.06  ? 77  ASP A O   1 
ATOM   692  C CB  . ASP A 1 84  ? 6.438   10.523  2.276   1.00 21.08  ? 77  ASP A CB  1 
ATOM   693  C CG  . ASP A 1 84  ? 6.744   9.215   2.965   1.00 23.34  ? 77  ASP A CG  1 
ATOM   694  O OD1 . ASP A 1 84  ? 6.647   8.167   2.309   1.00 19.63  ? 77  ASP A OD1 1 
ATOM   695  O OD2 . ASP A 1 84  ? 7.054   9.239   4.182   1.00 20.94  ? 77  ASP A OD2 1 
ATOM   696  N N   . ASP A 1 85  ? 9.318   10.040  0.076   1.00 22.72  ? 78  ASP A N   1 
ATOM   697  C CA  . ASP A 1 85  ? 10.774  10.060  -0.080  1.00 23.03  ? 78  ASP A CA  1 
ATOM   698  C C   . ASP A 1 85  ? 11.515  9.402   1.087   1.00 24.62  ? 78  ASP A C   1 
ATOM   699  O O   . ASP A 1 85  ? 12.566  9.874   1.520   1.00 31.69  ? 78  ASP A O   1 
ATOM   700  C CB  . ASP A 1 85  ? 11.288  11.481  -0.317  1.00 26.87  ? 78  ASP A CB  1 
ATOM   701  C CG  . ASP A 1 85  ? 12.593  11.492  -1.104  1.00 48.03  ? 78  ASP A CG  1 
ATOM   702  O OD1 . ASP A 1 85  ? 12.843  10.518  -1.848  1.00 54.18  ? 78  ASP A OD1 1 
ATOM   703  O OD2 . ASP A 1 85  ? 13.363  12.468  -0.978  1.00 67.37  ? 78  ASP A OD2 1 
ATOM   704  N N   . ARG A 1 86  ? 11.005  8.277   1.580   1.00 20.41  ? 79  ARG A N   1 
ATOM   705  C CA  . ARG A 1 86  ? 11.792  7.444   2.479   1.00 19.10  ? 79  ARG A CA  1 
ATOM   706  C C   . ARG A 1 86  ? 12.443  6.335   1.657   1.00 20.75  ? 79  ARG A C   1 
ATOM   707  O O   . ARG A 1 86  ? 11.808  5.768   0.763   1.00 21.24  ? 79  ARG A O   1 
ATOM   708  C CB  . ARG A 1 86  ? 10.921  6.815   3.577   1.00 19.22  ? 79  ARG A CB  1 
ATOM   709  C CG  . ARG A 1 86  ? 10.448  7.807   4.645   1.00 17.68  ? 79  ARG A CG  1 
ATOM   710  C CD  . ARG A 1 86  ? 9.475   7.133   5.603   1.00 20.83  ? 79  ARG A CD  1 
ATOM   711  N NE  . ARG A 1 86  ? 8.212   6.888   4.909   1.00 20.01  ? 79  ARG A NE  1 
ATOM   712  C CZ  . ARG A 1 86  ? 7.711   5.677   4.678   1.00 20.05  ? 79  ARG A CZ  1 
ATOM   713  N NH1 . ARG A 1 86  ? 8.308   4.586   5.151   1.00 18.60  ? 79  ARG A NH1 1 
ATOM   714  N NH2 . ARG A 1 86  ? 6.586   5.556   3.989   1.00 17.44  ? 79  ARG A NH2 1 
ATOM   715  N N   . ASN A 1 87  ? 13.706  6.022   1.953   1.00 22.89  ? 80  ASN A N   1 
ATOM   716  C CA  . ASN A 1 87  ? 14.403  4.911   1.303   1.00 21.33  ? 80  ASN A CA  1 
ATOM   717  C C   . ASN A 1 87  ? 14.336  3.730   2.265   1.00 23.57  ? 80  ASN A C   1 
ATOM   718  O O   . ASN A 1 87  ? 15.002  3.736   3.308   1.00 23.68  ? 80  ASN A O   1 
ATOM   719  C CB  . ASN A 1 87  ? 15.856  5.278   1.002   1.00 25.73  ? 80  ASN A CB  1 
ATOM   720  C CG  . ASN A 1 87  ? 15.982  6.331   -0.082  1.00 32.07  ? 80  ASN A CG  1 
ATOM   721  O OD1 . ASN A 1 87  ? 15.444  6.192   -1.170  1.00 32.22  ? 80  ASN A OD1 1 
ATOM   722  N ND2 . ASN A 1 87  ? 16.716  7.398   0.221   1.00 45.96  ? 80  ASN A ND2 1 
ATOM   723  N N   A CYS A 1 88  ? 13.539  2.719   1.906   0.62 19.70  ? 81  CYS A N   1 
ATOM   724  N N   B CYS A 1 88  ? 13.539  2.723   1.950   0.38 19.79  ? 81  CYS A N   1 
ATOM   725  C CA  A CYS A 1 88  ? 13.166  1.629   2.800   0.62 21.52  ? 81  CYS A CA  1 
ATOM   726  C CA  B CYS A 1 88  ? 13.337  1.673   2.934   0.38 21.50  ? 81  CYS A CA  1 
ATOM   727  C C   A CYS A 1 88  ? 13.675  0.285   2.300   0.62 19.70  ? 81  CYS A C   1 
ATOM   728  C C   B CYS A 1 88  ? 13.592  0.302   2.328   0.38 19.64  ? 81  CYS A C   1 
ATOM   729  O O   A CYS A 1 88  ? 14.012  0.116   1.127   0.62 18.81  ? 81  CYS A O   1 
ATOM   730  O O   B CYS A 1 88  ? 13.707  0.138   1.112   0.38 18.94  ? 81  CYS A O   1 
ATOM   731  C CB  A CYS A 1 88  ? 11.643  1.526   2.943   0.62 19.37  ? 81  CYS A CB  1 
ATOM   732  C CB  B CYS A 1 88  ? 11.927  1.747   3.528   0.38 23.06  ? 81  CYS A CB  1 
ATOM   733  S SG  A CYS A 1 88  ? 10.865  3.006   3.586   0.62 18.76  ? 81  CYS A SG  1 
ATOM   734  S SG  B CYS A 1 88  ? 10.635  1.626   2.312   0.38 22.51  ? 81  CYS A SG  1 
ATOM   735  N N   . LYS A 1 89  ? 13.724  -0.677  3.214   1.00 18.54  ? 82  LYS A N   1 
ATOM   736  C CA  . LYS A 1 89  ? 13.779  -2.088  2.845   1.00 15.71  ? 82  LYS A CA  1 
ATOM   737  C C   . LYS A 1 89  ? 12.369  -2.624  3.085   1.00 20.84  ? 82  LYS A C   1 
ATOM   738  O O   . LYS A 1 89  ? 11.849  -2.530  4.208   1.00 17.82  ? 82  LYS A O   1 
ATOM   739  C CB  . LYS A 1 89  ? 14.799  -2.831  3.708   1.00 18.05  ? 82  LYS A CB  1 
ATOM   740  C CG  . LYS A 1 89  ? 16.229  -2.490  3.362   1.00 22.14  ? 82  LYS A CG  1 
ATOM   741  C CD  . LYS A 1 89  ? 16.666  -2.998  2.004   1.00 26.56  ? 82  LYS A CD  1 
ATOM   742  C CE  . LYS A 1 89  ? 18.173  -2.860  1.861   1.00 29.20  ? 82  LYS A CE  1 
ATOM   743  N NZ  . LYS A 1 89  ? 18.672  -3.389  0.567   1.00 27.99  ? 82  LYS A NZ  1 
ATOM   744  N N   . SER A 1 90  ? 11.751  -3.182  2.048   1.00 18.65  ? 83  SER A N   1 
ATOM   745  C CA  . SER A 1 90  ? 10.356  -3.589  2.120   1.00 15.15  ? 83  SER A CA  1 
ATOM   746  C C   . SER A 1 90  ? 10.186  -5.065  1.806   1.00 16.57  ? 83  SER A C   1 
ATOM   747  O O   . SER A 1 90  ? 10.997  -5.666  1.096   1.00 18.53  ? 83  SER A O   1 
ATOM   748  C CB  . SER A 1 90  ? 9.516   -2.772  1.155   1.00 17.36  ? 83  SER A CB  1 
ATOM   749  O OG  . SER A 1 90  ? 9.592   -1.399  1.504   1.00 21.15  ? 83  SER A OG  1 
ATOM   750  N N   . VAL A 1 91  ? 9.108   -5.641  2.339   1.00 15.21  ? 84  VAL A N   1 
ATOM   751  C CA  A VAL A 1 91  ? 8.700   -6.992  1.982   0.35 15.32  ? 84  VAL A CA  1 
ATOM   752  C CA  B VAL A 1 91  ? 8.695   -7.010  2.026   0.65 15.26  ? 84  VAL A CA  1 
ATOM   753  C C   . VAL A 1 91  ? 7.179   -7.036  1.920   1.00 18.69  ? 84  VAL A C   1 
ATOM   754  O O   . VAL A 1 91  ? 6.483   -6.496  2.788   1.00 17.61  ? 84  VAL A O   1 
ATOM   755  C CB  A VAL A 1 91  ? 9.270   -8.044  2.959   0.35 20.19  ? 84  VAL A CB  1 
ATOM   756  C CB  B VAL A 1 91  ? 9.162   -8.046  3.071   0.65 19.98  ? 84  VAL A CB  1 
ATOM   757  C CG1 A VAL A 1 91  ? 8.847   -7.745  4.381   0.35 18.32  ? 84  VAL A CG1 1 
ATOM   758  C CG1 B VAL A 1 91  ? 8.828   -9.453  2.576   0.65 21.65  ? 84  VAL A CG1 1 
ATOM   759  C CG2 A VAL A 1 91  ? 8.838   -9.449  2.544   0.35 21.64  ? 84  VAL A CG2 1 
ATOM   760  C CG2 B VAL A 1 91  ? 10.655  -7.967  3.303   0.65 18.48  ? 84  VAL A CG2 1 
ATOM   761  N N   . VAL A 1 92  ? 6.657   -7.673  0.876   1.00 17.40  ? 85  VAL A N   1 
ATOM   762  C CA  . VAL A 1 92  ? 5.217   -7.858  0.733   1.00 16.45  ? 85  VAL A CA  1 
ATOM   763  C C   . VAL A 1 92  ? 4.948   -9.357  0.787   1.00 20.11  ? 85  VAL A C   1 
ATOM   764  O O   . VAL A 1 92  ? 5.606   -10.128 0.078   1.00 20.79  ? 85  VAL A O   1 
ATOM   765  C CB  . VAL A 1 92  ? 4.689   -7.246  -0.575  1.00 17.20  ? 85  VAL A CB  1 
ATOM   766  C CG1 . VAL A 1 92  ? 3.182   -7.497  -0.718  1.00 19.41  ? 85  VAL A CG1 1 
ATOM   767  C CG2 . VAL A 1 92  ? 5.006   -5.755  -0.671  1.00 16.49  ? 85  VAL A CG2 1 
ATOM   768  N N   . SER A 1 93  ? 4.029   -9.765  1.658   1.00 19.65  ? 86  SER A N   1 
ATOM   769  C CA  . SER A 1 93  ? 3.679   -11.175 1.833   1.00 17.82  ? 86  SER A CA  1 
ATOM   770  C C   . SER A 1 93  ? 2.163   -11.356 1.806   1.00 27.40  ? 86  SER A C   1 
ATOM   771  O O   . SER A 1 93  ? 1.394   -10.391 1.842   1.00 19.40  ? 86  SER A O   1 
ATOM   772  C CB  . SER A 1 93  ? 4.263   -11.711 3.138   1.00 20.66  ? 86  SER A CB  1 
ATOM   773  O OG  . SER A 1 93  ? 3.657   -11.105 4.273   1.00 31.59  ? 86  SER A OG  1 
ATOM   774  N N   . LEU A 1 94  ? 1.719   -12.615 1.695   1.00 25.65  ? 87  LEU A N   1 
ATOM   775  C CA  . LEU A 1 94  ? 0.338   -12.967 2.013   1.00 30.08  ? 87  LEU A CA  1 
ATOM   776  C C   . LEU A 1 94  ? 0.206   -13.506 3.425   1.00 29.70  ? 87  LEU A C   1 
ATOM   777  O O   . LEU A 1 94  ? 1.033   -14.296 3.888   1.00 40.04  ? 87  LEU A O   1 
ATOM   778  C CB  . LEU A 1 94  ? -0.269  -14.003 1.071   1.00 36.71  ? 87  LEU A CB  1 
ATOM   779  C CG  . LEU A 1 94  ? -0.730  -13.598 -0.311  1.00 35.21  ? 87  LEU A CG  1 
ATOM   780  C CD1 . LEU A 1 94  ? -1.063  -14.844 -1.118  1.00 32.03  ? 87  LEU A CD1 1 
ATOM   781  C CD2 . LEU A 1 94  ? -1.954  -12.721 -0.125  1.00 31.79  ? 87  LEU A CD2 1 
ATOM   782  N N   . ASP A 1 95  ? -0.845  -13.069 4.095   1.00 27.09  ? 88  ASP A N   1 
ATOM   783  C CA  . ASP A 1 95  ? -1.278  -13.605 5.377   1.00 32.12  ? 88  ASP A CA  1 
ATOM   784  C C   . ASP A 1 95  ? -2.706  -14.056 5.105   1.00 25.83  ? 88  ASP A C   1 
ATOM   785  O O   . ASP A 1 95  ? -3.655  -13.287 5.272   1.00 23.06  ? 88  ASP A O   1 
ATOM   786  C CB  . ASP A 1 95  ? -1.187  -12.563 6.506   1.00 35.62  ? 88  ASP A CB  1 
ATOM   787  C CG  . ASP A 1 95  ? -1.894  -13.010 7.785   1.00 51.69  ? 88  ASP A CG  1 
ATOM   788  O OD1 . ASP A 1 95  ? -2.030  -14.236 7.994   1.00 37.79  ? 88  ASP A OD1 1 
ATOM   789  O OD2 . ASP A 1 95  ? -2.303  -12.133 8.585   1.00 49.68  ? 88  ASP A OD2 1 
ATOM   790  N N   . GLY A 1 96  ? -2.857  -15.300 4.655   1.00 27.69  ? 89  GLY A N   1 
ATOM   791  C CA  . GLY A 1 96  ? -4.178  -15.783 4.320   1.00 26.04  ? 89  GLY A CA  1 
ATOM   792  C C   . GLY A 1 96  ? -4.740  -15.037 3.137   1.00 19.08  ? 89  GLY A C   1 
ATOM   793  O O   . GLY A 1 96  ? -4.269  -15.216 2.011   1.00 27.67  ? 89  GLY A O   1 
ATOM   794  N N   . ASP A 1 97  ? -5.749  -14.197 3.373   1.00 17.43  ? 90  ASP A N   1 
ATOM   795  C CA  . ASP A 1 97  ? -6.371  -13.423 2.303   1.00 22.12  ? 90  ASP A CA  1 
ATOM   796  C C   . ASP A 1 97  ? -5.943  -11.958 2.325   1.00 27.46  ? 90  ASP A C   1 
ATOM   797  O O   . ASP A 1 97  ? -6.609  -11.102 1.729   1.00 31.10  ? 90  ASP A O   1 
ATOM   798  C CB  . ASP A 1 97  ? -7.899  -13.533 2.376   1.00 27.30  ? 90  ASP A CB  1 
ATOM   799  C CG  . ASP A 1 97  ? -8.510  -12.721 3.497   1.00 25.77  ? 90  ASP A CG  1 
ATOM   800  O OD1 . ASP A 1 97  ? -8.064  -12.819 4.659   1.00 27.92  ? 90  ASP A OD1 1 
ATOM   801  O OD2 . ASP A 1 97  ? -9.478  -11.977 3.212   1.00 37.27  ? 90  ASP A OD2 1 
ATOM   802  N N   . LYS A 1 98  ? -4.855  -11.653 3.001   1.00 18.94  ? 91  LYS A N   1 
ATOM   803  C CA  . LYS A 1 98  ? -4.443  -10.268 3.163   1.00 20.19  ? 91  LYS A CA  1 
ATOM   804  C C   . LYS A 1 98  ? -3.060  -10.076 2.579   1.00 22.41  ? 91  LYS A C   1 
ATOM   805  O O   . LYS A 1 98  ? -2.182  -10.928 2.742   1.00 22.68  ? 91  LYS A O   1 
ATOM   806  C CB  . LYS A 1 98  ? -4.461  -9.884  4.628   1.00 22.83  ? 91  LYS A CB  1 
ATOM   807  C CG  . LYS A 1 98  ? -5.890  -9.700  5.101   1.00 31.70  ? 91  LYS A CG  1 
ATOM   808  C CD  . LYS A 1 98  ? -6.019  -9.678  6.601   1.00 37.92  ? 91  LYS A CD  1 
ATOM   809  C CE  . LYS A 1 98  ? -7.496  -9.781  6.970   1.00 43.60  ? 91  LYS A CE  1 
ATOM   810  N NZ  . LYS A 1 98  ? -8.016  -11.178 6.826   1.00 40.22  ? 91  LYS A NZ  1 
ATOM   811  N N   . LEU A 1 99  ? -2.868  -8.941  1.903   1.00 17.13  ? 92  LEU A N   1 
ATOM   812  C CA  . LEU A 1 99  ? -1.592  -8.615  1.296   1.00 16.82  ? 92  LEU A CA  1 
ATOM   813  C C   . LEU A 1 99  ? -0.938  -7.629  2.263   1.00 20.42  ? 92  LEU A C   1 
ATOM   814  O O   . LEU A 1 99  ? -1.511  -6.572  2.541   1.00 20.03  ? 92  LEU A O   1 
ATOM   815  C CB  . LEU A 1 99  ? -1.828  -8.008  -0.087  1.00 22.76  ? 92  LEU A CB  1 
ATOM   816  C CG  . LEU A 1 99  ? -0.695  -7.654  -1.015  1.00 34.76  ? 92  LEU A CG  1 
ATOM   817  C CD1 . LEU A 1 99  ? -0.028  -9.000  -1.307  1.00 23.91  ? 92  LEU A CD1 1 
ATOM   818  C CD2 . LEU A 1 99  ? -1.226  -7.024  -2.298  1.00 20.50  ? 92  LEU A CD2 1 
ATOM   819  N N   . VAL A 1 100 ? 0.207   -8.004  2.828   1.00 16.15  ? 93  VAL A N   1 
ATOM   820  C CA  . VAL A 1 100 ? 0.838   -7.269  3.928   1.00 18.65  ? 93  VAL A CA  1 
ATOM   821  C C   . VAL A 1 100 ? 2.160   -6.705  3.433   1.00 18.43  ? 93  VAL A C   1 
ATOM   822  O O   . VAL A 1 100 ? 3.032   -7.454  2.977   1.00 19.86  ? 93  VAL A O   1 
ATOM   823  C CB  . VAL A 1 100 ? 1.069   -8.172  5.153   1.00 20.46  ? 93  VAL A CB  1 
ATOM   824  C CG1 . VAL A 1 100 ? 1.703   -7.389  6.304   1.00 21.22  ? 93  VAL A CG1 1 
ATOM   825  C CG2 . VAL A 1 100 ? -0.237  -8.803  5.614   1.00 20.10  ? 93  VAL A CG2 1 
ATOM   826  N N   . HIS A 1 101 ? 2.335   -5.389  3.565   1.00 14.63  ? 94  HIS A N   1 
ATOM   827  C CA  . HIS A 1 101 ? 3.514   -4.681  3.083   1.00 16.59  ? 94  HIS A CA  1 
ATOM   828  C C   . HIS A 1 101 ? 4.199   -4.063  4.300   1.00 15.10  ? 94  HIS A C   1 
ATOM   829  O O   . HIS A 1 101 ? 3.613   -3.201  4.954   1.00 16.36  ? 94  HIS A O   1 
ATOM   830  C CB  . HIS A 1 101 ? 3.079   -3.602  2.090   1.00 16.57  ? 94  HIS A CB  1 
ATOM   831  C CG  . HIS A 1 101 ? 4.198   -2.809  1.485   1.00 18.21  ? 94  HIS A CG  1 
ATOM   832  N ND1 . HIS A 1 101 ? 3.981   -1.876  0.494   1.00 20.23  ? 94  HIS A ND1 1 
ATOM   833  C CD2 . HIS A 1 101 ? 5.534   -2.830  1.695   1.00 18.88  ? 94  HIS A CD2 1 
ATOM   834  C CE1 . HIS A 1 101 ? 5.132   -1.338  0.141   1.00 20.33  ? 94  HIS A CE1 1 
ATOM   835  N NE2 . HIS A 1 101 ? 6.091   -1.905  0.843   1.00 21.18  ? 94  HIS A NE2 1 
ATOM   836  N N   . ILE A 1 102 ? 5.420   -4.511  4.615   1.00 14.05  ? 95  ILE A N   1 
ATOM   837  C CA  . ILE A 1 102 ? 6.183   -3.989  5.752   1.00 16.06  ? 95  ILE A CA  1 
ATOM   838  C C   . ILE A 1 102 ? 7.353   -3.168  5.219   1.00 17.40  ? 95  ILE A C   1 
ATOM   839  O O   . ILE A 1 102 ? 8.074   -3.615  4.316   1.00 17.56  ? 95  ILE A O   1 
ATOM   840  C CB  . ILE A 1 102 ? 6.673   -5.120  6.676   1.00 16.79  ? 95  ILE A CB  1 
ATOM   841  C CG1 . ILE A 1 102 ? 5.485   -5.948  7.182   1.00 25.12  ? 95  ILE A CG1 1 
ATOM   842  C CG2 . ILE A 1 102 ? 7.500   -4.548  7.841   1.00 17.81  ? 95  ILE A CG2 1 
ATOM   843  C CD1 . ILE A 1 102 ? 5.892   -7.185  7.934   1.00 32.16  ? 95  ILE A CD1 1 
ATOM   844  N N   . GLN A 1 103 ? 7.513   -1.954  5.749   1.00 14.79  ? 96  GLN A N   1 
ATOM   845  C CA  . GLN A 1 103 ? 8.582   -1.043  5.354   1.00 16.02  ? 96  GLN A CA  1 
ATOM   846  C C   . GLN A 1 103 ? 9.483   -0.791  6.550   1.00 17.13  ? 96  GLN A C   1 
ATOM   847  O O   . GLN A 1 103 ? 8.985   -0.453  7.629   1.00 17.88  ? 96  GLN A O   1 
ATOM   848  C CB  . GLN A 1 103 ? 8.029   0.296   4.870   1.00 18.27  ? 96  GLN A CB  1 
ATOM   849  C CG  . GLN A 1 103 ? 7.375   0.259   3.515   1.00 20.37  ? 96  GLN A CG  1 
ATOM   850  C CD  . GLN A 1 103 ? 6.806   1.609   3.121   1.00 19.41  ? 96  GLN A CD  1 
ATOM   851  O OE1 . GLN A 1 103 ? 6.639   2.514   3.954   1.00 19.21  ? 96  GLN A OE1 1 
ATOM   852  N NE2 . GLN A 1 103 ? 6.468   1.741   1.851   1.00 19.28  ? 96  GLN A NE2 1 
ATOM   853  N N   . LYS A 1 104 ? 10.799  -0.938  6.361   1.00 15.44  ? 97  LYS A N   1 
ATOM   854  C CA  . LYS A 1 104 ? 11.780  -0.679  7.425   1.00 17.16  ? 97  LYS A CA  1 
ATOM   855  C C   . LYS A 1 104 ? 12.809  0.367   6.991   1.00 17.42  ? 97  LYS A C   1 
ATOM   856  O O   . LYS A 1 104 ? 13.382  0.266   5.904   1.00 19.09  ? 97  LYS A O   1 
ATOM   857  C CB  . LYS A 1 104 ? 12.502  -1.967  7.811   1.00 19.21  ? 97  LYS A CB  1 
ATOM   858  C CG  . LYS A 1 104 ? 11.554  -3.069  8.249   1.00 20.37  ? 97  LYS A CG  1 
ATOM   859  C CD  . LYS A 1 104 ? 12.276  -4.329  8.690   1.00 33.17  ? 97  LYS A CD  1 
ATOM   860  C CE  . LYS A 1 104 ? 11.264  -5.362  9.162   1.00 35.30  ? 97  LYS A CE  1 
ATOM   861  N NZ  . LYS A 1 104 ? 11.914  -6.541  9.796   1.00 43.56  ? 97  LYS A NZ  1 
ATOM   862  N N   . TRP A 1 105 ? 13.086  1.332   7.865   1.00 15.92  ? 98  TRP A N   1 
ATOM   863  C CA  . TRP A 1 105 ? 14.045  2.396   7.564   1.00 17.33  ? 98  TRP A CA  1 
ATOM   864  C C   . TRP A 1 105 ? 14.362  3.092   8.881   1.00 20.25  ? 98  TRP A C   1 
ATOM   865  O O   . TRP A 1 105 ? 13.490  3.193   9.744   1.00 18.46  ? 98  TRP A O   1 
ATOM   866  C CB  . TRP A 1 105 ? 13.465  3.401   6.539   1.00 19.13  ? 98  TRP A CB  1 
ATOM   867  C CG  . TRP A 1 105 ? 12.507  4.370   7.190   1.00 19.27  ? 98  TRP A CG  1 
ATOM   868  C CD1 . TRP A 1 105 ? 12.750  5.690   7.495   1.00 20.03  ? 98  TRP A CD1 1 
ATOM   869  C CD2 . TRP A 1 105 ? 11.188  4.092   7.676   1.00 15.83  ? 98  TRP A CD2 1 
ATOM   870  N NE1 . TRP A 1 105 ? 11.660  6.245   8.125   1.00 21.22  ? 98  TRP A NE1 1 
ATOM   871  C CE2 . TRP A 1 105 ? 10.688  5.282   8.251   1.00 18.45  ? 98  TRP A CE2 1 
ATOM   872  C CE3 . TRP A 1 105 ? 10.369  2.948   7.669   1.00 16.56  ? 98  TRP A CE3 1 
ATOM   873  C CZ2 . TRP A 1 105 ? 9.414   5.365   8.821   1.00 19.27  ? 98  TRP A CZ2 1 
ATOM   874  C CZ3 . TRP A 1 105 ? 9.110   3.036   8.235   1.00 21.44  ? 98  TRP A CZ3 1 
ATOM   875  C CH2 . TRP A 1 105 ? 8.642   4.227   8.802   1.00 18.69  ? 98  TRP A CH2 1 
ATOM   876  N N   . ASP A 1 106 ? 15.616  3.544   9.047   1.00 22.46  ? 99  ASP A N   1 
ATOM   877  C CA  . ASP A 1 106 ? 15.988  4.412   10.188  1.00 20.37  ? 99  ASP A CA  1 
ATOM   878  C C   . ASP A 1 106 ? 15.575  3.841   11.547  1.00 18.07  ? 99  ASP A C   1 
ATOM   879  O O   . ASP A 1 106 ? 15.232  4.587   12.471  1.00 22.47  ? 99  ASP A O   1 
ATOM   880  C CB  . ASP A 1 106 ? 15.400  5.818   10.026  1.00 21.26  ? 99  ASP A CB  1 
ATOM   881  C CG  . ASP A 1 106 ? 15.995  6.595   8.863   1.00 22.66  ? 99  ASP A CG  1 
ATOM   882  O OD1 . ASP A 1 106 ? 16.968  6.127   8.238   1.00 30.46  ? 99  ASP A OD1 1 
ATOM   883  O OD2 . ASP A 1 106 ? 15.471  7.696   8.582   1.00 25.30  ? 99  ASP A OD2 1 
ATOM   884  N N   . GLY A 1 107 ? 15.615  2.517   11.680  1.00 19.97  ? 100 GLY A N   1 
ATOM   885  C CA  . GLY A 1 107 ? 15.227  1.858   12.918  1.00 17.22  ? 100 GLY A CA  1 
ATOM   886  C C   . GLY A 1 107 ? 13.739  1.833   13.191  1.00 21.68  ? 100 GLY A C   1 
ATOM   887  O O   . GLY A 1 107 ? 13.322  1.485   14.310  1.00 24.30  ? 100 GLY A O   1 
ATOM   888  N N   . LYS A 1 108 ? 12.933  2.187   12.196  1.00 18.90  ? 101 LYS A N   1 
ATOM   889  C CA  . LYS A 1 108 ? 11.494  2.328   12.312  1.00 19.03  ? 101 LYS A CA  1 
ATOM   890  C C   . LYS A 1 108 ? 10.821  1.323   11.383  1.00 17.31  ? 101 LYS A C   1 
ATOM   891  O O   . LYS A 1 108 ? 11.452  0.764   10.480  1.00 19.67  ? 101 LYS A O   1 
ATOM   892  C CB  . LYS A 1 108 ? 11.070  3.744   11.944  1.00 18.37  ? 101 LYS A CB  1 
ATOM   893  C CG  . LYS A 1 108 ? 11.481  4.769   12.997  1.00 22.46  ? 101 LYS A CG  1 
ATOM   894  C CD  . LYS A 1 108 ? 11.004  6.133   12.623  1.00 31.84  ? 101 LYS A CD  1 
ATOM   895  C CE  . LYS A 1 108 ? 11.946  6.769   11.636  1.00 35.77  ? 101 LYS A CE  1 
ATOM   896  N NZ  . LYS A 1 108 ? 12.308  8.133   12.101  1.00 41.56  ? 101 LYS A NZ  1 
ATOM   897  N N   . GLU A 1 109 ? 9.526   1.111   11.608  1.00 17.35  ? 102 GLU A N   1 
ATOM   898  C CA  . GLU A 1 109 ? 8.773   0.196   10.764  1.00 16.84  ? 102 GLU A CA  1 
ATOM   899  C C   . GLU A 1 109 ? 7.333   0.696   10.666  1.00 18.00  ? 102 GLU A C   1 
ATOM   900  O O   . GLU A 1 109 ? 6.785   1.250   11.624  1.00 18.91  ? 102 GLU A O   1 
ATOM   901  C CB  . GLU A 1 109 ? 8.870   -1.220  11.338  1.00 21.49  ? 102 GLU A CB  1 
ATOM   902  C CG  . GLU A 1 109 ? 8.169   -2.308  10.568  1.00 32.16  ? 102 GLU A CG  1 
ATOM   903  C CD  . GLU A 1 109 ? 8.002   -3.547  11.430  1.00 49.88  ? 102 GLU A CD  1 
ATOM   904  O OE1 . GLU A 1 109 ? 6.867   -4.065  11.549  1.00 45.19  ? 102 GLU A OE1 1 
ATOM   905  O OE2 . GLU A 1 109 ? 9.028   -3.979  12.005  1.00 43.17  ? 102 GLU A OE2 1 
ATOM   906  N N   . THR A 1 110 ? 6.743   0.534   9.492   1.00 15.48  ? 103 THR A N   1 
ATOM   907  C CA  . THR A 1 110 ? 5.327   0.789   9.281   1.00 13.75  ? 103 THR A CA  1 
ATOM   908  C C   . THR A 1 110 ? 4.809   -0.327  8.381   1.00 15.12  ? 103 THR A C   1 
ATOM   909  O O   . THR A 1 110 ? 5.582   -0.986  7.686   1.00 16.65  ? 103 THR A O   1 
ATOM   910  C CB  . THR A 1 110 ? 5.080   2.192   8.695   1.00 15.47  ? 103 THR A CB  1 
ATOM   911  O OG1 . THR A 1 110 ? 3.680   2.512   8.770   1.00 16.17  ? 103 THR A OG1 1 
ATOM   912  C CG2 . THR A 1 110 ? 5.574   2.326   7.238   1.00 15.04  ? 103 THR A CG2 1 
ATOM   913  N N   . ASN A 1 111 ? 3.502   -0.569  8.418   1.00 15.49  ? 104 ASN A N   1 
ATOM   914  C CA  . ASN A 1 111 ? 2.981   -1.641  7.584   1.00 15.40  ? 104 ASN A CA  1 
ATOM   915  C C   . ASN A 1 111 ? 1.618   -1.248  7.045   1.00 18.44  ? 104 ASN A C   1 
ATOM   916  O O   . ASN A 1 111 ? 0.901   -0.436  7.643   1.00 14.94  ? 104 ASN A O   1 
ATOM   917  C CB  . ASN A 1 111 ? 2.884   -2.979  8.328   1.00 17.13  ? 104 ASN A CB  1 
ATOM   918  C CG  . ASN A 1 111 ? 1.804   -2.997  9.375   1.00 19.95  ? 104 ASN A CG  1 
ATOM   919  O OD1 . ASN A 1 111 ? 0.643   -3.306  9.078   1.00 27.11  ? 104 ASN A OD1 1 
ATOM   920  N ND2 . ASN A 1 111 ? 2.180   -2.729  10.625  1.00 24.17  ? 104 ASN A ND2 1 
ATOM   921  N N   . PHE A 1 112 ? 1.284   -1.840  5.894   1.00 14.24  ? 105 PHE A N   1 
ATOM   922  C CA  . PHE A 1 112 ? 0.023   -1.611  5.198   1.00 13.61  ? 105 PHE A CA  1 
ATOM   923  C C   . PHE A 1 112 ? -0.596  -2.976  4.958   1.00 17.18  ? 105 PHE A C   1 
ATOM   924  O O   . PHE A 1 112 ? 0.031   -3.819  4.313   1.00 16.78  ? 105 PHE A O   1 
ATOM   925  C CB  . PHE A 1 112 ? 0.245   -0.935  3.839   1.00 16.60  ? 105 PHE A CB  1 
ATOM   926  C CG  . PHE A 1 112 ? 1.229   0.192   3.886   1.00 18.35  ? 105 PHE A CG  1 
ATOM   927  C CD1 . PHE A 1 112 ? 0.996   1.301   4.657   1.00 21.19  ? 105 PHE A CD1 1 
ATOM   928  C CD2 . PHE A 1 112 ? 2.424   0.104   3.202   1.00 29.19  ? 105 PHE A CD2 1 
ATOM   929  C CE1 . PHE A 1 112 ? 1.920   2.337   4.713   1.00 25.97  ? 105 PHE A CE1 1 
ATOM   930  C CE2 . PHE A 1 112 ? 3.351   1.133   3.254   1.00 31.98  ? 105 PHE A CE2 1 
ATOM   931  C CZ  . PHE A 1 112 ? 3.098   2.240   4.023   1.00 18.69  ? 105 PHE A CZ  1 
ATOM   932  N N   . VAL A 1 113 ? -1.806  -3.196  5.471   1.00 13.20  ? 106 VAL A N   1 
ATOM   933  C CA  . VAL A 1 113 ? -2.521  -4.453  5.266   1.00 14.56  ? 106 VAL A CA  1 
ATOM   934  C C   . VAL A 1 113 ? -3.650  -4.161  4.289   1.00 16.14  ? 106 VAL A C   1 
ATOM   935  O O   . VAL A 1 113 ? -4.487  -3.286  4.552   1.00 14.65  ? 106 VAL A O   1 
ATOM   936  C CB  . VAL A 1 113 ? -3.074  -5.020  6.584   1.00 14.81  ? 106 VAL A CB  1 
ATOM   937  C CG1 . VAL A 1 113 ? -3.963  -6.263  6.284   1.00 16.44  ? 106 VAL A CG1 1 
ATOM   938  C CG2 . VAL A 1 113 ? -1.946  -5.352  7.533   1.00 18.66  ? 106 VAL A CG2 1 
ATOM   939  N N   . ARG A 1 114 ? -3.681  -4.880  3.163   1.00 13.85  ? 107 ARG A N   1 
ATOM   940  C CA  . ARG A 1 114 ? -4.760  -4.729  2.195   1.00 11.52  ? 107 ARG A CA  1 
ATOM   941  C C   . ARG A 1 114 ? -5.651  -5.957  2.238   1.00 14.28  ? 107 ARG A C   1 
ATOM   942  O O   . ARG A 1 114 ? -5.160  -7.089  2.294   1.00 18.42  ? 107 ARG A O   1 
ATOM   943  C CB  . ARG A 1 114 ? -4.204  -4.577  0.777   1.00 12.31  ? 107 ARG A CB  1 
ATOM   944  C CG  . ARG A 1 114 ? -3.581  -3.209  0.494   1.00 16.92  ? 107 ARG A CG  1 
ATOM   945  C CD  . ARG A 1 114 ? -2.833  -3.244  -0.856  1.00 18.06  ? 107 ARG A CD  1 
ATOM   946  N NE  . ARG A 1 114 ? -2.453  -1.892  -1.301  1.00 23.02  ? 107 ARG A NE  1 
ATOM   947  C CZ  . ARG A 1 114 ? -1.239  -1.373  -1.181  1.00 19.36  ? 107 ARG A CZ  1 
ATOM   948  N NH1 . ARG A 1 114 ? -0.995  -0.138  -1.641  1.00 21.44  ? 107 ARG A NH1 1 
ATOM   949  N NH2 . ARG A 1 114 ? -0.258  -2.072  -0.610  1.00 20.79  ? 107 ARG A NH2 1 
ATOM   950  N N   . GLU A 1 115 ? -6.959  -5.736  2.169   1.00 13.02  ? 108 GLU A N   1 
ATOM   951  C CA  . GLU A 1 115 ? -7.874  -6.872  2.130   1.00 13.42  ? 108 GLU A CA  1 
ATOM   952  C C   . GLU A 1 115 ? -9.111  -6.474  1.346   1.00 20.25  ? 108 GLU A C   1 
ATOM   953  O O   . GLU A 1 115 ? -9.435  -5.294  1.216   1.00 20.17  ? 108 GLU A O   1 
ATOM   954  C CB  . GLU A 1 115 ? -8.242  -7.310  3.542   1.00 17.04  ? 108 GLU A CB  1 
ATOM   955  C CG  . GLU A 1 115 ? -9.064  -6.306  4.271   1.00 19.22  ? 108 GLU A CG  1 
ATOM   956  C CD  . GLU A 1 115 ? -9.213  -6.677  5.714   1.00 33.47  ? 108 GLU A CD  1 
ATOM   957  O OE1 . GLU A 1 115 ? -8.438  -6.132  6.536   1.00 26.62  ? 108 GLU A OE1 1 
ATOM   958  O OE2 . GLU A 1 115 ? -10.068 -7.535  6.004   1.00 27.98  ? 108 GLU A OE2 1 
ATOM   959  N N   . ILE A 1 116 ? -9.789  -7.476  0.796   1.00 18.32  ? 109 ILE A N   1 
ATOM   960  C CA  . ILE A 1 116 ? -11.027 -7.243  0.069   1.00 18.72  ? 109 ILE A CA  1 
ATOM   961  C C   . ILE A 1 116 ? -12.173 -7.379  1.059   1.00 21.03  ? 109 ILE A C   1 
ATOM   962  O O   . ILE A 1 116 ? -12.288 -8.399  1.752   1.00 22.41  ? 109 ILE A O   1 
ATOM   963  C CB  . ILE A 1 116 ? -11.172 -8.232  -1.097  1.00 15.24  ? 109 ILE A CB  1 
ATOM   964  C CG1 . ILE A 1 116 ? -9.944  -8.167  -2.016  1.00 17.57  ? 109 ILE A CG1 1 
ATOM   965  C CG2 . ILE A 1 116 ? -12.492 -7.991  -1.822  1.00 24.15  ? 109 ILE A CG2 1 
ATOM   966  C CD1 . ILE A 1 116 ? -9.583  -6.763  -2.539  1.00 20.39  ? 109 ILE A CD1 1 
ATOM   967  N N   . LYS A 1 117 ? -13.011 -6.353  1.149   1.00 17.90  ? 110 LYS A N   1 
ATOM   968  C CA  . LYS A 1 117 ? -14.141 -6.387  2.063   1.00 21.84  ? 110 LYS A CA  1 
ATOM   969  C C   . LYS A 1 117 ? -15.309 -5.692  1.377   1.00 26.86  ? 110 LYS A C   1 
ATOM   970  O O   . LYS A 1 117 ? -15.171 -4.558  0.910   1.00 22.23  ? 110 LYS A O   1 
ATOM   971  C CB  . LYS A 1 117 ? -13.767 -5.734  3.403   1.00 24.72  ? 110 LYS A CB  1 
ATOM   972  C CG  . LYS A 1 117 ? -14.807 -5.827  4.514   1.00 31.47  ? 110 LYS A CG  1 
ATOM   973  C CD  . LYS A 1 117 ? -14.296 -5.137  5.793   1.00 37.82  ? 110 LYS A CD  1 
ATOM   974  C CE  . LYS A 1 117 ? -13.176 -5.913  6.478   1.00 40.45  ? 110 LYS A CE  1 
ATOM   975  N NZ  . LYS A 1 117 ? -13.628 -7.209  7.043   1.00 44.15  ? 110 LYS A NZ  1 
ATOM   976  N N   . ASP A 1 118 ? -16.442 -6.390  1.278   1.00 26.30  ? 111 ASP A N   1 
ATOM   977  C CA  . ASP A 1 118 ? -17.633 -5.864  0.604   1.00 24.27  ? 111 ASP A CA  1 
ATOM   978  C C   . ASP A 1 118 ? -17.287 -5.361  -0.801  1.00 24.71  ? 111 ASP A C   1 
ATOM   979  O O   . ASP A 1 118 ? -17.771 -4.316  -1.249  1.00 29.09  ? 111 ASP A O   1 
ATOM   980  C CB  . ASP A 1 118 ? -18.288 -4.772  1.453   1.00 29.46  ? 111 ASP A CB  1 
ATOM   981  C CG  . ASP A 1 118 ? -19.630 -4.301  0.899   1.00 44.23  ? 111 ASP A CG  1 
ATOM   982  O OD1 . ASP A 1 118 ? -20.359 -5.124  0.304   1.00 43.48  ? 111 ASP A OD1 1 
ATOM   983  O OD2 . ASP A 1 118 ? -19.946 -3.103  1.060   1.00 42.04  ? 111 ASP A OD2 1 
ATOM   984  N N   . GLY A 1 119 ? -16.423 -6.103  -1.497  1.00 22.22  ? 112 GLY A N   1 
ATOM   985  C CA  . GLY A 1 119 ? -16.036 -5.796  -2.864  1.00 21.91  ? 112 GLY A CA  1 
ATOM   986  C C   . GLY A 1 119 ? -15.080 -4.631  -3.027  1.00 21.80  ? 112 GLY A C   1 
ATOM   987  O O   . GLY A 1 119 ? -14.712 -4.302  -4.161  1.00 22.35  ? 112 GLY A O   1 
ATOM   988  N N   . LYS A 1 120 ? -14.690 -3.994  -1.935  1.00 19.85  ? 113 LYS A N   1 
ATOM   989  C CA  . LYS A 1 120 ? -13.769 -2.866  -1.941  1.00 16.38  ? 113 LYS A CA  1 
ATOM   990  C C   . LYS A 1 120 ? -12.410 -3.362  -1.490  1.00 18.66  ? 113 LYS A C   1 
ATOM   991  O O   . LYS A 1 120 ? -12.296 -4.386  -0.820  1.00 20.50  ? 113 LYS A O   1 
ATOM   992  C CB  . LYS A 1 120 ? -14.258 -1.758  -1.005  1.00 17.28  ? 113 LYS A CB  1 
ATOM   993  C CG  . LYS A 1 120 ? -15.649 -1.206  -1.348  1.00 20.35  ? 113 LYS A CG  1 
ATOM   994  C CD  . LYS A 1 120 ? -15.922 0.026   -0.514  1.00 30.61  ? 113 LYS A CD  1 
ATOM   995  C CE  . LYS A 1 120 ? -17.373 0.478   -0.601  1.00 35.95  ? 113 LYS A CE  1 
ATOM   996  N NZ  . LYS A 1 120 ? -18.017 -0.029  -1.829  1.00 49.54  ? 113 LYS A NZ  1 
ATOM   997  N N   . MET A 1 121 ? -11.368 -2.625  -1.854  1.00 16.32  ? 114 MET A N   1 
ATOM   998  C CA  . MET A 1 121 ? -10.075 -2.886  -1.241  1.00 16.81  ? 114 MET A CA  1 
ATOM   999  C C   . MET A 1 121 ? -9.911  -1.935  -0.059  1.00 15.79  ? 114 MET A C   1 
ATOM   1000 O O   . MET A 1 121 ? -10.081 -0.720  -0.198  1.00 16.97  ? 114 MET A O   1 
ATOM   1001 C CB  . MET A 1 121 ? -8.926  -2.755  -2.249  1.00 15.23  ? 114 MET A CB  1 
ATOM   1002 C CG  . MET A 1 121 ? -7.564  -2.944  -1.603  1.00 21.21  ? 114 MET A CG  1 
ATOM   1003 S SD  . MET A 1 121 ? -6.153  -2.799  -2.739  1.00 23.96  ? 114 MET A SD  1 
ATOM   1004 C CE  . MET A 1 121 ? -6.231  -1.091  -3.225  1.00 23.13  ? 114 MET A CE  1 
ATOM   1005 N N   . VAL A 1 122 ? -9.635  -2.505  1.112   1.00 14.78  ? 115 VAL A N   1 
ATOM   1006 C CA  . VAL A 1 122 ? -9.470  -1.735  2.340   1.00 14.56  ? 115 VAL A CA  1 
ATOM   1007 C C   . VAL A 1 122 ? -8.031  -1.869  2.801   1.00 13.16  ? 115 VAL A C   1 
ATOM   1008 O O   . VAL A 1 122 ? -7.529  -2.980  2.988   1.00 16.19  ? 115 VAL A O   1 
ATOM   1009 C CB  . VAL A 1 122 ? -10.447 -2.192  3.429   1.00 18.15  ? 115 VAL A CB  1 
ATOM   1010 C CG1 . VAL A 1 122 ? -10.371 -1.257  4.638   1.00 16.04  ? 115 VAL A CG1 1 
ATOM   1011 C CG2 . VAL A 1 122 ? -11.867 -2.225  2.859   1.00 20.83  ? 115 VAL A CG2 1 
ATOM   1012 N N   . MET A 1 123 ? -7.378  -0.727  2.971   1.00 12.27  ? 116 MET A N   1 
ATOM   1013 C CA  . MET A 1 123 ? -6.009  -0.623  3.451   1.00 11.23  ? 116 MET A CA  1 
ATOM   1014 C C   . MET A 1 123 ? -5.943  -0.065  4.852   1.00 13.68  ? 116 MET A C   1 
ATOM   1015 O O   . MET A 1 123 ? -6.377  1.061   5.080   1.00 15.60  ? 116 MET A O   1 
ATOM   1016 C CB  . MET A 1 123 ? -5.171  0.275   2.568   1.00 16.22  ? 116 MET A CB  1 
ATOM   1017 C CG  . MET A 1 123 ? -3.692  0.100   2.897   1.00 17.15  ? 116 MET A CG  1 
ATOM   1018 S SD  . MET A 1 123 ? -2.705  0.314   1.462   1.00 33.68  ? 116 MET A SD  1 
ATOM   1019 C CE  . MET A 1 123 ? -3.075  1.987   1.524   1.00 7.30   ? 116 MET A CE  1 
ATOM   1020 N N   . THR A 1 124 ? -5.307  -0.820  5.749   1.00 13.50  ? 117 THR A N   1 
ATOM   1021 C CA  . THR A 1 124 ? -5.019  -0.382  7.114   1.00 11.73  ? 117 THR A CA  1 
ATOM   1022 C C   . THR A 1 124 ? -3.541  -0.036  7.205   1.00 14.61  ? 117 THR A C   1 
ATOM   1023 O O   . THR A 1 124 ? -2.684  -0.881  6.917   1.00 14.41  ? 117 THR A O   1 
ATOM   1024 C CB  . THR A 1 124 ? -5.408  -1.479  8.113   1.00 11.81  ? 117 THR A CB  1 
ATOM   1025 O OG1 . THR A 1 124 ? -6.786  -1.782  7.948   1.00 16.42  ? 117 THR A OG1 1 
ATOM   1026 C CG2 . THR A 1 124 ? -5.215  -0.985  9.580   1.00 14.27  ? 117 THR A CG2 1 
ATOM   1027 N N   . LEU A 1 125 ? -3.251  1.209   7.572   1.00 12.89  ? 118 LEU A N   1 
ATOM   1028 C CA  . LEU A 1 125 ? -1.885  1.719   7.656   1.00 12.51  ? 118 LEU A CA  1 
ATOM   1029 C C   . LEU A 1 125 ? -1.554  1.912   9.131   1.00 16.65  ? 118 LEU A C   1 
ATOM   1030 O O   . LEU A 1 125 ? -2.307  2.578   9.839   1.00 15.79  ? 118 LEU A O   1 
ATOM   1031 C CB  . LEU A 1 125 ? -1.773  3.058   6.916   1.00 14.68  ? 118 LEU A CB  1 
ATOM   1032 C CG  . LEU A 1 125 ? -2.145  3.028   5.426   1.00 11.49  ? 118 LEU A CG  1 
ATOM   1033 C CD1 . LEU A 1 125 ? -3.637  3.219   5.227   1.00 15.44  ? 118 LEU A CD1 1 
ATOM   1034 C CD2 . LEU A 1 125 ? -1.421  4.229   4.804   1.00 16.43  ? 118 LEU A CD2 1 
ATOM   1035 N N   . THR A 1 126 ? -0.453  1.322   9.607   1.00 12.64  ? 119 THR A N   1 
ATOM   1036 C CA  . THR A 1 126 ? -0.114  1.398   11.022  1.00 14.30  ? 119 THR A CA  1 
ATOM   1037 C C   . THR A 1 126 ? 1.304   1.895   11.232  1.00 14.56  ? 119 THR A C   1 
ATOM   1038 O O   . THR A 1 126 ? 2.248   1.329   10.677  1.00 16.02  ? 119 THR A O   1 
ATOM   1039 C CB  . THR A 1 126 ? -0.278  0.029   11.700  1.00 17.16  ? 119 THR A CB  1 
ATOM   1040 O OG1 . THR A 1 126 ? -1.609  -0.470  11.483  1.00 16.70  ? 119 THR A OG1 1 
ATOM   1041 C CG2 . THR A 1 126 ? -0.006  0.151   13.215  1.00 17.52  ? 119 THR A CG2 1 
ATOM   1042 N N   . PHE A 1 127 ? 1.457   2.891   12.112  1.00 14.63  ? 120 PHE A N   1 
ATOM   1043 C CA  . PHE A 1 127 ? 2.772   3.319   12.587  1.00 14.35  ? 120 PHE A CA  1 
ATOM   1044 C C   . PHE A 1 127 ? 2.680   3.471   14.093  1.00 16.67  ? 120 PHE A C   1 
ATOM   1045 O O   . PHE A 1 127 ? 2.004   4.381   14.580  1.00 18.48  ? 120 PHE A O   1 
ATOM   1046 C CB  . PHE A 1 127 ? 3.236   4.628   11.949  1.00 15.24  ? 120 PHE A CB  1 
ATOM   1047 C CG  . PHE A 1 127 ? 4.628   5.015   12.368  1.00 18.14  ? 120 PHE A CG  1 
ATOM   1048 C CD1 . PHE A 1 127 ? 5.735   4.344   11.888  1.00 22.65  ? 120 PHE A CD1 1 
ATOM   1049 C CD2 . PHE A 1 127 ? 4.813   6.007   13.308  1.00 19.94  ? 120 PHE A CD2 1 
ATOM   1050 C CE1 . PHE A 1 127 ? 7.031   4.706   12.304  1.00 24.33  ? 120 PHE A CE1 1 
ATOM   1051 C CE2 . PHE A 1 127 ? 6.098   6.355   13.737  1.00 21.76  ? 120 PHE A CE2 1 
ATOM   1052 C CZ  . PHE A 1 127 ? 7.196   5.715   13.231  1.00 23.75  ? 120 PHE A CZ  1 
ATOM   1053 N N   . GLY A 1 128 ? 3.350   2.586   14.815  1.00 20.36  ? 121 GLY A N   1 
ATOM   1054 C CA  . GLY A 1 128 ? 3.212   2.606   16.268  1.00 21.59  ? 121 GLY A CA  1 
ATOM   1055 C C   . GLY A 1 128 ? 1.759   2.405   16.652  1.00 23.38  ? 121 GLY A C   1 
ATOM   1056 O O   . GLY A 1 128 ? 1.102   1.462   16.198  1.00 22.02  ? 121 GLY A O   1 
ATOM   1057 N N   . ASP A 1 129 ? 1.237   3.306   17.486  1.00 20.38  ? 122 ASP A N   1 
ATOM   1058 C CA  . ASP A 1 129 ? -0.149  3.232   17.926  1.00 16.29  ? 122 ASP A CA  1 
ATOM   1059 C C   . ASP A 1 129 ? -1.095  4.060   17.064  1.00 18.78  ? 122 ASP A C   1 
ATOM   1060 O O   . ASP A 1 129 ? -2.243  4.268   17.464  1.00 20.20  ? 122 ASP A O   1 
ATOM   1061 C CB  . ASP A 1 129 ? -0.248  3.694   19.385  1.00 22.68  ? 122 ASP A CB  1 
ATOM   1062 C CG  . ASP A 1 129 ? 0.551   2.809   20.330  1.00 42.15  ? 122 ASP A CG  1 
ATOM   1063 O OD1 . ASP A 1 129 ? 1.142   3.352   21.285  1.00 43.90  ? 122 ASP A OD1 1 
ATOM   1064 O OD2 . ASP A 1 129 ? 0.591   1.576   20.122  1.00 41.59  ? 122 ASP A OD2 1 
ATOM   1065 N N   . VAL A 1 130 ? -0.656  4.525   15.887  1.00 14.82  ? 123 VAL A N   1 
ATOM   1066 C CA  . VAL A 1 130 ? -1.470  5.383   15.022  1.00 15.70  ? 123 VAL A CA  1 
ATOM   1067 C C   . VAL A 1 130 ? -1.868  4.585   13.783  1.00 13.47  ? 123 VAL A C   1 
ATOM   1068 O O   . VAL A 1 130 ? -1.014  3.988   13.118  1.00 17.37  ? 123 VAL A O   1 
ATOM   1069 C CB  . VAL A 1 130 ? -0.726  6.680   14.641  1.00 16.86  ? 123 VAL A CB  1 
ATOM   1070 C CG1 . VAL A 1 130 ? -1.611  7.585   13.802  1.00 18.60  ? 123 VAL A CG1 1 
ATOM   1071 C CG2 . VAL A 1 130 ? -0.299  7.439   15.918  1.00 16.75  ? 123 VAL A CG2 1 
ATOM   1072 N N   . VAL A 1 131 ? -3.168  4.563   13.493  1.00 13.83  ? 124 VAL A N   1 
ATOM   1073 C CA  . VAL A 1 131 ? -3.726  3.755   12.413  1.00 12.81  ? 124 VAL A CA  1 
ATOM   1074 C C   . VAL A 1 131 ? -4.588  4.641   11.526  1.00 17.08  ? 124 VAL A C   1 
ATOM   1075 O O   . VAL A 1 131 ? -5.367  5.455   12.026  1.00 14.64  ? 124 VAL A O   1 
ATOM   1076 C CB  . VAL A 1 131 ? -4.554  2.579   12.975  1.00 14.38  ? 124 VAL A CB  1 
ATOM   1077 C CG1 . VAL A 1 131 ? -5.286  1.819   11.839  1.00 15.00  ? 124 VAL A CG1 1 
ATOM   1078 C CG2 . VAL A 1 131 ? -3.644  1.644   13.717  1.00 19.85  ? 124 VAL A CG2 1 
ATOM   1079 N N   . ALA A 1 132 ? -4.449  4.475   10.203  1.00 14.00  ? 125 ALA A N   1 
ATOM   1080 C CA  . ALA A 1 132 ? -5.363  5.063   9.233   1.00 15.67  ? 125 ALA A CA  1 
ATOM   1081 C C   . ALA A 1 132 ? -5.968  3.948   8.391   1.00 15.62  ? 125 ALA A C   1 
ATOM   1082 O O   . ALA A 1 132 ? -5.385  2.876   8.257   1.00 15.27  ? 125 ALA A O   1 
ATOM   1083 C CB  . ALA A 1 132 ? -4.644  6.087   8.322   1.00 14.47  ? 125 ALA A CB  1 
ATOM   1084 N N   . VAL A 1 133 ? -7.161  4.186   7.852   1.00 12.72  ? 126 VAL A N   1 
ATOM   1085 C CA  . VAL A 1 133 ? -7.847  3.188   7.032   1.00 14.43  ? 126 VAL A CA  1 
ATOM   1086 C C   . VAL A 1 133 ? -8.340  3.883   5.769   1.00 14.15  ? 126 VAL A C   1 
ATOM   1087 O O   . VAL A 1 133 ? -9.000  4.932   5.849   1.00 15.79  ? 126 VAL A O   1 
ATOM   1088 C CB  . VAL A 1 133 ? -9.027  2.511   7.763   1.00 12.27  ? 126 VAL A CB  1 
ATOM   1089 C CG1 . VAL A 1 133 ? -9.637  1.465   6.859   1.00 13.82  ? 126 VAL A CG1 1 
ATOM   1090 C CG2 . VAL A 1 133 ? -8.577  1.881   9.087   1.00 18.45  ? 126 VAL A CG2 1 
ATOM   1091 N N   . ARG A 1 134 ? -8.025  3.302   4.605   1.00 11.74  ? 127 ARG A N   1 
ATOM   1092 C CA  . ARG A 1 134 ? -8.412  3.859   3.310   1.00 12.34  ? 127 ARG A CA  1 
ATOM   1093 C C   . ARG A 1 134 ? -9.178  2.818   2.509   1.00 11.30  ? 127 ARG A C   1 
ATOM   1094 O O   . ARG A 1 134 ? -8.808  1.636   2.497   1.00 15.34  ? 127 ARG A O   1 
ATOM   1095 C CB  . ARG A 1 134 ? -7.170  4.334   2.569   1.00 14.92  ? 127 ARG A CB  1 
ATOM   1096 C CG  . ARG A 1 134 ? -6.609  5.558   3.258   1.00 13.81  ? 127 ARG A CG  1 
ATOM   1097 C CD  . ARG A 1 134 ? -5.201  5.868   2.824   1.00 15.68  ? 127 ARG A CD  1 
ATOM   1098 N NE  . ARG A 1 134 ? -4.986  6.362   1.456   1.00 16.44  ? 127 ARG A NE  1 
ATOM   1099 C CZ  . ARG A 1 134 ? -5.003  7.650   1.093   1.00 17.49  ? 127 ARG A CZ  1 
ATOM   1100 N NH1 . ARG A 1 134 ? -5.400  8.603   1.929   1.00 19.43  ? 127 ARG A NH1 1 
ATOM   1101 N NH2 . ARG A 1 134 ? -4.679  7.974   -0.156  1.00 18.48  ? 127 ARG A NH2 1 
ATOM   1102 N N   . HIS A 1 135 ? -10.285 3.248   1.886   1.00 13.97  ? 128 HIS A N   1 
ATOM   1103 C CA  . HIS A 1 135 ? -11.126 2.386   1.049   1.00 15.86  ? 128 HIS A CA  1 
ATOM   1104 C C   . HIS A 1 135 ? -10.941 2.751   -0.420  1.00 16.00  ? 128 HIS A C   1 
ATOM   1105 O O   . HIS A 1 135 ? -10.870 3.938   -0.767  1.00 15.28  ? 128 HIS A O   1 
ATOM   1106 C CB  . HIS A 1 135 ? -12.606 2.551   1.401   1.00 16.14  ? 128 HIS A CB  1 
ATOM   1107 C CG  . HIS A 1 135 ? -12.995 1.911   2.693   1.00 17.08  ? 128 HIS A CG  1 
ATOM   1108 N ND1 . HIS A 1 135 ? -12.762 2.514   3.911   1.00 20.31  ? 128 HIS A ND1 1 
ATOM   1109 C CD2 . HIS A 1 135 ? -13.659 0.762   2.955   1.00 16.62  ? 128 HIS A CD2 1 
ATOM   1110 C CE1 . HIS A 1 135 ? -13.222 1.734   4.874   1.00 18.82  ? 128 HIS A CE1 1 
ATOM   1111 N NE2 . HIS A 1 135 ? -13.775 0.668   4.322   1.00 18.20  ? 128 HIS A NE2 1 
ATOM   1112 N N   . TYR A 1 136 ? -10.924 1.738   -1.277  1.00 14.94  ? 129 TYR A N   1 
ATOM   1113 C CA  . TYR A 1 136 ? -10.798 1.913   -2.722  1.00 15.08  ? 129 TYR A CA  1 
ATOM   1114 C C   . TYR A 1 136 ? -11.857 1.069   -3.425  1.00 18.37  ? 129 TYR A C   1 
ATOM   1115 O O   . TYR A 1 136 ? -12.203 -0.025  -2.967  1.00 17.62  ? 129 TYR A O   1 
ATOM   1116 C CB  . TYR A 1 136 ? -9.430  1.463   -3.218  1.00 15.36  ? 129 TYR A CB  1 
ATOM   1117 C CG  . TYR A 1 136 ? -8.278  2.137   -2.533  1.00 14.03  ? 129 TYR A CG  1 
ATOM   1118 C CD1 . TYR A 1 136 ? -7.906  1.771   -1.238  1.00 14.91  ? 129 TYR A CD1 1 
ATOM   1119 C CD2 . TYR A 1 136 ? -7.536  3.126   -3.186  1.00 16.42  ? 129 TYR A CD2 1 
ATOM   1120 C CE1 . TYR A 1 136 ? -6.858  2.383   -0.595  1.00 15.19  ? 129 TYR A CE1 1 
ATOM   1121 C CE2 . TYR A 1 136 ? -6.462  3.748   -2.545  1.00 16.78  ? 129 TYR A CE2 1 
ATOM   1122 C CZ  . TYR A 1 136 ? -6.136  3.368   -1.247  1.00 17.50  ? 129 TYR A CZ  1 
ATOM   1123 O OH  . TYR A 1 136 ? -5.079  3.966   -0.592  1.00 20.93  ? 129 TYR A OH  1 
ATOM   1124 N N   A GLU A 1 137 ? -12.348 1.576   -4.557  0.50 15.21  ? 130 GLU A N   1 
ATOM   1125 N N   B GLU A 1 137 ? -12.369 1.573   -4.546  0.50 15.20  ? 130 GLU A N   1 
ATOM   1126 C CA  A GLU A 1 137 ? -13.338 0.873   -5.361  0.50 17.06  ? 130 GLU A CA  1 
ATOM   1127 C CA  B GLU A 1 137 ? -13.335 0.823   -5.338  0.50 17.09  ? 130 GLU A CA  1 
ATOM   1128 C C   A GLU A 1 137 ? -12.776 0.597   -6.747  0.50 20.32  ? 130 GLU A C   1 
ATOM   1129 C C   B GLU A 1 137 ? -12.809 0.609   -6.749  0.50 20.35  ? 130 GLU A C   1 
ATOM   1130 O O   A GLU A 1 137 ? -11.958 1.363   -7.265  0.50 18.11  ? 130 GLU A O   1 
ATOM   1131 O O   B GLU A 1 137 ? -12.051 1.428   -7.279  0.50 18.04  ? 130 GLU A O   1 
ATOM   1132 C CB  A GLU A 1 137 ? -14.631 1.684   -5.470  0.50 20.71  ? 130 GLU A CB  1 
ATOM   1133 C CB  B GLU A 1 137 ? -14.692 1.529   -5.383  0.50 20.86  ? 130 GLU A CB  1 
ATOM   1134 C CG  A GLU A 1 137 ? -15.342 1.855   -4.129  0.50 19.80  ? 130 GLU A CG  1 
ATOM   1135 C CG  B GLU A 1 137 ? -14.775 2.665   -6.372  0.50 22.80  ? 130 GLU A CG  1 
ATOM   1136 C CD  A GLU A 1 137 ? -16.718 2.470   -4.274  0.50 32.29  ? 130 GLU A CD  1 
ATOM   1137 C CD  B GLU A 1 137 ? -16.161 3.283   -6.428  0.50 31.27  ? 130 GLU A CD  1 
ATOM   1138 O OE1 A GLU A 1 137 ? -17.058 2.899   -5.399  0.50 37.86  ? 130 GLU A OE1 1 
ATOM   1139 O OE1 B GLU A 1 137 ? -16.993 2.964   -5.554  0.50 37.23  ? 130 GLU A OE1 1 
ATOM   1140 O OE2 A GLU A 1 137 ? -17.451 2.541   -3.266  0.50 35.87  ? 130 GLU A OE2 1 
ATOM   1141 O OE2 B GLU A 1 137 ? -16.408 4.103   -7.335  0.50 37.99  ? 130 GLU A OE2 1 
ATOM   1142 N N   . LYS A 1 138 ? -13.233 -0.500  -7.351  1.00 18.96  ? 131 LYS A N   1 
ATOM   1143 C CA  . LYS A 1 138 ? -12.761 -0.858  -8.679  1.00 19.11  ? 131 LYS A CA  1 
ATOM   1144 C C   . LYS A 1 138 ? -13.244 0.144   -9.714  1.00 22.35  ? 131 LYS A C   1 
ATOM   1145 O O   . LYS A 1 138 ? -14.375 0.631   -9.649  1.00 23.74  ? 131 LYS A O   1 
ATOM   1146 C CB  . LYS A 1 138 ? -13.236 -2.258  -9.066  1.00 22.92  ? 131 LYS A CB  1 
ATOM   1147 C CG  . LYS A 1 138 ? -12.389 -3.372  -8.496  1.00 29.08  ? 131 LYS A CG  1 
ATOM   1148 C CD  . LYS A 1 138 ? -12.790 -4.724  -9.087  1.00 31.07  ? 131 LYS A CD  1 
ATOM   1149 C CE  . LYS A 1 138 ? -12.248 -5.867  -8.240  1.00 29.00  ? 131 LYS A CE  1 
ATOM   1150 N NZ  . LYS A 1 138 ? -12.269 -7.181  -8.966  1.00 37.77  ? 131 LYS A NZ  1 
ATOM   1151 N N   . ALA A 1 139 ? -12.374 0.440   -10.675 1.00 22.21  ? 132 ALA A N   1 
ATOM   1152 C CA  . ALA A 1 139 ? -12.712 1.298   -11.804 1.00 30.11  ? 132 ALA A CA  1 
ATOM   1153 C C   . ALA A 1 139 ? -12.819 0.464   -13.077 1.00 39.59  ? 132 ALA A C   1 
ATOM   1154 O O   . ALA A 1 139 ? -12.358 -0.683  -13.142 1.00 39.07  ? 132 ALA A O   1 
ATOM   1155 C CB  . ALA A 1 139 ? -11.676 2.391   -11.970 1.00 26.61  ? 132 ALA A CB  1 
ATOM   1156 O OXT . ALA A 1 139 ? -13.368 0.919   -14.081 1.00 52.07  ? 132 ALA A OXT 1 
HETATM 1157 C C1  . GOL B 2 .   ? 3.508   0.989   -2.249  1.00 31.98  ? 201 GOL A C1  1 
HETATM 1158 O O1  . GOL B 2 .   ? 3.696   1.720   -3.457  1.00 25.49  ? 201 GOL A O1  1 
HETATM 1159 C C2  . GOL B 2 .   ? 2.313   1.575   -1.443  1.00 20.75  ? 201 GOL A C2  1 
HETATM 1160 O O2  . GOL B 2 .   ? 1.098   1.496   -2.104  1.00 38.21  ? 201 GOL A O2  1 
HETATM 1161 C C3  . GOL B 2 .   ? 2.280   0.793   -0.106  1.00 29.77  ? 201 GOL A C3  1 
HETATM 1162 O O3  . GOL B 2 .   ? 1.947   -0.555  -0.391  1.00 31.61  ? 201 GOL A O3  1 
HETATM 1163 C C1  . PLM C 3 .   ? -2.370  5.288   -1.653  1.00 20.40  ? 202 PLM A C1  1 
HETATM 1164 O O1  . PLM C 3 .   ? -3.523  5.745   -1.449  1.00 21.82  ? 202 PLM A O1  1 
HETATM 1165 O O2  . PLM C 3 .   ? -2.028  4.116   -1.958  1.00 21.83  ? 202 PLM A O2  1 
HETATM 1166 C C2  . PLM C 3 .   ? -1.217  6.339   -1.489  1.00 25.16  ? 202 PLM A C2  1 
HETATM 1167 C C3  . PLM C 3 .   ? -0.770  6.586   -0.053  1.00 25.38  ? 202 PLM A C3  1 
HETATM 1168 C C4  . PLM C 3 .   ? -0.667  5.316   0.812   1.00 32.36  ? 202 PLM A C4  1 
HETATM 1169 C C5  . PLM C 3 .   ? 0.780   4.898   1.175   1.00 34.29  ? 202 PLM A C5  1 
HETATM 1170 C C6  . PLM C 3 .   ? 1.757   6.072   1.392   1.00 38.50  ? 202 PLM A C6  1 
HETATM 1171 C C7  . PLM C 3 .   ? 2.363   6.187   2.823   1.00 36.81  ? 202 PLM A C7  1 
HETATM 1172 C C8  . PLM C 3 .   ? 2.401   7.628   3.389   1.00 40.10  ? 202 PLM A C8  1 
HETATM 1173 C C9  . PLM C 3 .   ? 3.184   8.630   2.523   1.00 33.58  ? 202 PLM A C9  1 
HETATM 1174 C CA  . PLM C 3 .   ? 2.544   10.024  2.431   1.00 28.94  ? 202 PLM A CA  1 
HETATM 1175 C CB  . PLM C 3 .   ? 2.572   10.613  1.022   1.00 28.48  ? 202 PLM A CB  1 
HETATM 1176 C CC  . PLM C 3 .   ? 1.186   10.965  0.494   1.00 36.87  ? 202 PLM A CC  1 
HETATM 1177 C CD  . PLM C 3 .   ? 1.145   11.109  -1.014  1.00 37.82  ? 202 PLM A CD  1 
HETATM 1178 C CE  . PLM C 3 .   ? 0.045   10.295  -1.674  1.00 31.51  ? 202 PLM A CE  1 
HETATM 1179 C CF  . PLM C 3 .   ? 0.081   10.395  -3.195  1.00 31.22  ? 202 PLM A CF  1 
HETATM 1180 C CG  . PLM C 3 .   ? 0.293   9.042   -3.879  1.00 30.55  ? 202 PLM A CG  1 
HETATM 1181 S S   . SO4 D 4 .   ? 5.560   19.834  10.948  1.00 46.74  ? 203 SO4 A S   1 
HETATM 1182 O O1  . SO4 D 4 .   ? 5.849   18.826  9.930   1.00 38.77  ? 203 SO4 A O1  1 
HETATM 1183 O O2  . SO4 D 4 .   ? 4.339   20.551  10.626  1.00 30.87  ? 203 SO4 A O2  1 
HETATM 1184 O O3  . SO4 D 4 .   ? 5.378   19.191  12.244  1.00 53.07  ? 203 SO4 A O3  1 
HETATM 1185 O O4  . SO4 D 4 .   ? 6.660   20.799  11.019  1.00 56.09  ? 203 SO4 A O4  1 
HETATM 1186 S S   . SO4 E 4 .   ? -10.640 12.000  8.584   1.00 68.78  ? 204 SO4 A S   1 
HETATM 1187 O O1  . SO4 E 4 .   ? -9.503  11.831  7.686   1.00 40.49  ? 204 SO4 A O1  1 
HETATM 1188 O O2  . SO4 E 4 .   ? -11.874 11.525  7.951   1.00 54.03  ? 204 SO4 A O2  1 
HETATM 1189 O O3  . SO4 E 4 .   ? -10.395 11.215  9.792   1.00 61.54  ? 204 SO4 A O3  1 
HETATM 1190 O O4  . SO4 E 4 .   ? -10.774 13.414  8.934   1.00 80.33  ? 204 SO4 A O4  1 
HETATM 1191 S S   . SO4 F 4 .   ? -0.027  -20.378 -6.853  1.00 70.25  ? 205 SO4 A S   1 
HETATM 1192 O O1  . SO4 F 4 .   ? 0.192   -21.822 -6.776  1.00 64.08  ? 205 SO4 A O1  1 
HETATM 1193 O O2  . SO4 F 4 .   ? 0.485   -19.858 -8.120  1.00 64.49  ? 205 SO4 A O2  1 
HETATM 1194 O O3  . SO4 F 4 .   ? -1.463  -20.122 -6.797  1.00 58.80  ? 205 SO4 A O3  1 
HETATM 1195 O O4  . SO4 F 4 .   ? 0.667   -19.705 -5.750  1.00 66.68  ? 205 SO4 A O4  1 
HETATM 1196 O O   . HOH G 5 .   ? 7.645   -9.754  -14.287 1.00 55.70  ? 301 HOH A O   1 
HETATM 1197 O O   . HOH G 5 .   ? 12.596  -6.098  5.075   1.00 44.90  ? 302 HOH A O   1 
HETATM 1198 O O   . HOH G 5 .   ? -14.389 3.027   -14.276 1.00 42.78  ? 303 HOH A O   1 
HETATM 1199 O O   . HOH G 5 .   ? -3.532  -10.834 -12.975 1.00 45.85  ? 304 HOH A O   1 
HETATM 1200 O O   . HOH G 5 .   ? 7.923   14.434  1.082   1.00 45.13  ? 305 HOH A O   1 
HETATM 1201 O O   . HOH G 5 .   ? 0.465   3.680   -3.031  1.00 22.16  ? 306 HOH A O   1 
HETATM 1202 O O   . HOH G 5 .   ? -8.854  -10.217 1.133   1.00 21.48  ? 307 HOH A O   1 
HETATM 1203 O O   . HOH G 5 .   ? -11.009 -8.137  8.228   1.00 42.13  ? 308 HOH A O   1 
HETATM 1204 O O   . HOH G 5 .   ? -7.899  10.631  6.192   1.00 18.84  ? 309 HOH A O   1 
HETATM 1205 O O   . HOH G 5 .   ? 6.279   3.018   -3.109  1.00 21.42  ? 310 HOH A O   1 
HETATM 1206 O O   . HOH G 5 .   ? 7.320   19.858  8.155   1.00 40.89  ? 311 HOH A O   1 
HETATM 1207 O O   . HOH G 5 .   ? 13.691  8.959   9.873   1.00 33.60  ? 312 HOH A O   1 
HETATM 1208 O O   . HOH G 5 .   ? -0.419  11.458  14.943  1.00 32.71  ? 313 HOH A O   1 
HETATM 1209 O O   . HOH G 5 .   ? -3.496  -27.235 0.172   1.00 53.78  ? 314 HOH A O   1 
HETATM 1210 O O   . HOH G 5 .   ? -1.600  -2.045  9.238   1.00 16.00  ? 315 HOH A O   1 
HETATM 1211 O O   . HOH G 5 .   ? -9.809  15.629  -1.620  1.00 35.51  ? 316 HOH A O   1 
HETATM 1212 O O   . HOH G 5 .   ? 4.598   -17.459 -2.716  1.00 48.42  ? 317 HOH A O   1 
HETATM 1213 O O   . HOH G 5 .   ? 19.054  4.569   8.416   1.00 35.33  ? 318 HOH A O   1 
HETATM 1214 O O   . HOH G 5 .   ? -9.868  11.036  12.353  1.00 41.83  ? 319 HOH A O   1 
HETATM 1215 O O   . HOH G 5 .   ? -4.226  10.807  -0.510  1.00 21.72  ? 320 HOH A O   1 
HETATM 1216 O O   . HOH G 5 .   ? 6.165   -2.969  -14.151 1.00 40.46  ? 321 HOH A O   1 
HETATM 1217 O O   . HOH G 5 .   ? -2.133  18.840  6.164   1.00 23.84  ? 322 HOH A O   1 
HETATM 1218 O O   . HOH G 5 .   ? -7.342  -3.466  5.996   1.00 16.83  ? 323 HOH A O   1 
HETATM 1219 O O   . HOH G 5 .   ? 2.483   -11.871 6.512   1.00 47.21  ? 324 HOH A O   1 
HETATM 1220 O O   . HOH G 5 .   ? 2.911   2.118   -5.970  1.00 21.01  ? 325 HOH A O   1 
HETATM 1221 O O   . HOH G 5 .   ? 13.537  -0.849  10.863  1.00 21.57  ? 326 HOH A O   1 
HETATM 1222 O O   . HOH G 5 .   ? 10.912  -0.341  -5.389  1.00 33.94  ? 327 HOH A O   1 
HETATM 1223 O O   . HOH G 5 .   ? -16.761 -0.043  -8.643  1.00 46.38  ? 328 HOH A O   1 
HETATM 1224 O O   . HOH G 5 .   ? -11.614 -8.926  -6.153  1.00 37.12  ? 329 HOH A O   1 
HETATM 1225 O O   . HOH G 5 .   ? 16.100  1.308   -0.058  1.00 32.84  ? 330 HOH A O   1 
HETATM 1226 O O   . HOH G 5 .   ? 8.511   11.066  5.499   1.00 28.64  ? 331 HOH A O   1 
HETATM 1227 O O   . HOH G 5 .   ? -15.500 3.439   6.861   1.00 49.59  ? 332 HOH A O   1 
HETATM 1228 O O   . HOH G 5 .   ? -3.122  -2.141  12.952  1.00 22.66  ? 333 HOH A O   1 
HETATM 1229 O O   . HOH G 5 .   ? -1.414  2.756   -16.702 1.00 26.61  ? 334 HOH A O   1 
HETATM 1230 O O   . HOH G 5 .   ? 8.308   -8.642  -1.222  1.00 18.89  ? 335 HOH A O   1 
HETATM 1231 O O   . HOH G 5 .   ? -15.382 -5.464  -6.517  1.00 48.95  ? 336 HOH A O   1 
HETATM 1232 O O   . HOH G 5 .   ? -4.624  -5.057  -12.971 1.00 28.68  ? 337 HOH A O   1 
HETATM 1233 O O   . HOH G 5 .   ? 7.303   22.824  9.303   1.00 54.10  ? 338 HOH A O   1 
HETATM 1234 O O   . HOH G 5 .   ? -6.495  12.649  4.718   1.00 21.98  ? 339 HOH A O   1 
HETATM 1235 O O   . HOH G 5 .   ? 16.041  -5.836  6.707   1.00 35.86  ? 340 HOH A O   1 
HETATM 1236 O O   . HOH G 5 .   ? 4.899   0.570   13.479  1.00 25.65  ? 341 HOH A O   1 
HETATM 1237 O O   . HOH G 5 .   ? 4.742   3.292   0.389   1.00 40.91  ? 342 HOH A O   1 
HETATM 1238 O O   . HOH G 5 .   ? 14.131  -0.025  16.453  1.00 40.22  ? 343 HOH A O   1 
HETATM 1239 O O   . HOH G 5 .   ? -1.064  18.204  8.579   1.00 23.23  ? 344 HOH A O   1 
HETATM 1240 O O   . HOH G 5 .   ? -15.804 8.244   6.655   1.00 44.83  ? 345 HOH A O   1 
HETATM 1241 O O   . HOH G 5 .   ? -11.834 -8.999  4.398   1.00 32.27  ? 346 HOH A O   1 
HETATM 1242 O O   . HOH G 5 .   ? -10.876 8.626   -6.489  1.00 36.21  ? 347 HOH A O   1 
HETATM 1243 O O   . HOH G 5 .   ? 13.447  -2.264  -6.035  1.00 44.71  ? 348 HOH A O   1 
HETATM 1244 O O   . HOH G 5 .   ? -3.260  1.649   -1.805  1.00 21.52  ? 349 HOH A O   1 
HETATM 1245 O O   . HOH G 5 .   ? -7.414  -6.913  8.983   1.00 36.85  ? 350 HOH A O   1 
HETATM 1246 O O   . HOH G 5 .   ? 8.943   -15.435 -3.850  1.00 40.55  ? 351 HOH A O   1 
HETATM 1247 O O   . HOH G 5 .   ? 0.151   -2.627  -11.822 1.00 21.32  ? 352 HOH A O   1 
HETATM 1248 O O   . HOH G 5 .   ? -4.220  20.674  2.123   1.00 24.86  ? 353 HOH A O   1 
HETATM 1249 O O   . HOH G 5 .   ? 8.149   3.471   -5.031  1.00 24.24  ? 354 HOH A O   1 
HETATM 1250 O O   . HOH G 5 .   ? -18.276 -1.167  2.146   1.00 48.54  ? 355 HOH A O   1 
HETATM 1251 O O   . HOH G 5 .   ? 15.336  9.306   -2.064  1.00 49.66  ? 356 HOH A O   1 
HETATM 1252 O O   . HOH G 5 .   ? -2.965  22.209  7.581   1.00 34.18  ? 357 HOH A O   1 
HETATM 1253 O O   . HOH G 5 .   ? 11.448  9.002   8.521   1.00 34.07  ? 358 HOH A O   1 
HETATM 1254 O O   . HOH G 5 .   ? 4.273   3.632   -13.246 1.00 47.76  ? 359 HOH A O   1 
HETATM 1255 O O   . HOH G 5 .   ? 5.707   -13.682 -6.068  1.00 30.55  ? 360 HOH A O   1 
HETATM 1256 O O   . HOH G 5 .   ? 11.793  -6.609  -6.140  1.00 32.70  ? 361 HOH A O   1 
HETATM 1257 O O   . HOH G 5 .   ? 2.292   -16.560 0.547   1.00 47.92  ? 362 HOH A O   1 
HETATM 1258 O O   . HOH G 5 .   ? -11.670 4.935   5.006   1.00 18.74  ? 363 HOH A O   1 
HETATM 1259 O O   . HOH G 5 .   ? -8.496  8.341   -8.117  1.00 26.91  ? 364 HOH A O   1 
HETATM 1260 O O   . HOH G 5 .   ? -0.450  -4.206  1.469   1.00 17.94  ? 365 HOH A O   1 
HETATM 1261 O O   . HOH G 5 .   ? -15.119 -2.044  -5.782  1.00 21.69  ? 366 HOH A O   1 
HETATM 1262 O O   . HOH G 5 .   ? -8.572  -15.275 -7.620  1.00 30.42  ? 367 HOH A O   1 
HETATM 1263 O O   . HOH G 5 .   ? 15.948  0.127   10.231  0.50 22.03  ? 368 HOH A O   1 
HETATM 1264 O O   . HOH G 5 .   ? -9.155  -9.856  -10.401 1.00 45.78  ? 369 HOH A O   1 
HETATM 1265 O O   . HOH G 5 .   ? -6.397  -3.075  -13.997 1.00 27.81  ? 370 HOH A O   1 
HETATM 1266 O O   . HOH G 5 .   ? 9.390   10.369  7.833   1.00 38.08  ? 371 HOH A O   1 
HETATM 1267 O O   . HOH G 5 .   ? -7.691  12.203  0.071   1.00 30.91  ? 372 HOH A O   1 
HETATM 1268 O O   . HOH G 5 .   ? -8.192  -13.032 -13.725 1.00 51.63  ? 373 HOH A O   1 
HETATM 1269 O O   . HOH G 5 .   ? 17.278  4.179   4.940   1.00 48.68  ? 374 HOH A O   1 
HETATM 1270 O O   . HOH G 5 .   ? -15.699 -2.196  2.392   1.00 27.62  ? 375 HOH A O   1 
HETATM 1271 O O   . HOH G 5 .   ? -2.245  17.085  -5.880  1.00 34.49  ? 376 HOH A O   1 
HETATM 1272 O O   . HOH G 5 .   ? 2.049   -2.348  -15.497 1.00 39.11  ? 377 HOH A O   1 
HETATM 1273 O O   . HOH G 5 .   ? 9.344   7.056   -5.660  1.00 37.30  ? 378 HOH A O   1 
HETATM 1274 O O   . HOH G 5 .   ? 2.543   5.701   18.380  1.00 32.07  ? 379 HOH A O   1 
HETATM 1275 O O   . HOH G 5 .   ? -0.095  -1.618  -14.251 1.00 32.01  ? 380 HOH A O   1 
HETATM 1276 O O   . HOH G 5 .   ? 4.717   -1.747  11.579  1.00 29.19  ? 381 HOH A O   1 
HETATM 1277 O O   . HOH G 5 .   ? -4.844  12.041  -7.550  1.00 29.28  ? 382 HOH A O   1 
HETATM 1278 O O   . HOH G 5 .   ? 17.343  -5.917  0.161   1.00 33.78  ? 383 HOH A O   1 
HETATM 1279 O O   . HOH G 5 .   ? 11.255  11.471  3.983   1.00 36.90  ? 384 HOH A O   1 
HETATM 1280 O O   . HOH G 5 .   ? 10.774  -4.895  5.463   1.00 30.94  ? 385 HOH A O   1 
HETATM 1281 O O   . HOH G 5 .   ? 4.805   5.100   -1.738  1.00 19.98  ? 386 HOH A O   1 
HETATM 1282 O O   . HOH G 5 .   ? -10.362 -2.666  -12.479 1.00 24.90  ? 387 HOH A O   1 
HETATM 1283 O O   . HOH G 5 .   ? 5.311   14.700  10.771  1.00 31.78  ? 388 HOH A O   1 
HETATM 1284 O O   . HOH G 5 .   ? 15.121  -7.834  -4.393  1.00 44.89  ? 389 HOH A O   1 
HETATM 1285 O O   . HOH G 5 .   ? 9.987   -13.156 4.044   1.00 42.88  ? 390 HOH A O   1 
HETATM 1286 O O   . HOH G 5 .   ? -6.149  12.513  11.015  1.00 34.75  ? 391 HOH A O   1 
HETATM 1287 O O   . HOH G 5 .   ? -2.728  -9.249  8.722   1.00 41.86  ? 392 HOH A O   1 
HETATM 1288 O O   . HOH G 5 .   ? -6.892  12.634  9.023   1.00 30.89  ? 393 HOH A O   1 
HETATM 1289 O O   . HOH G 5 .   ? 9.850   2.950   -9.347  1.00 43.26  ? 394 HOH A O   1 
HETATM 1290 O O   . HOH G 5 .   ? -6.340  14.182  -6.596  1.00 28.86  ? 395 HOH A O   1 
HETATM 1291 O O   . HOH G 5 .   ? 2.652   5.413   -3.192  1.00 21.00  ? 396 HOH A O   1 
HETATM 1292 O O   . HOH G 5 .   ? 8.427   9.175   13.234  1.00 42.45  ? 397 HOH A O   1 
HETATM 1293 O O   . HOH G 5 .   ? 10.717  2.431   -5.322  1.00 27.19  ? 398 HOH A O   1 
HETATM 1294 O O   . HOH G 5 .   ? 11.007  -8.724  -4.278  1.00 23.24  ? 399 HOH A O   1 
HETATM 1295 O O   . HOH G 5 .   ? -2.690  -8.807  -13.495 1.00 28.89  ? 400 HOH A O   1 
HETATM 1296 O O   . HOH G 5 .   ? -16.030 -8.897  -0.684  1.00 32.71  ? 401 HOH A O   1 
HETATM 1297 O O   . HOH G 5 .   ? 17.563  2.971   6.917   0.50 19.28  ? 402 HOH A O   1 
HETATM 1298 O O   . HOH G 5 .   ? 5.355   -8.749  4.746   1.00 24.62  ? 403 HOH A O   1 
HETATM 1299 O O   . HOH G 5 .   ? 3.328   4.851   -15.747 1.00 46.17  ? 404 HOH A O   1 
HETATM 1300 O O   . HOH G 5 .   ? 8.387   4.706   -7.767  1.00 28.62  ? 405 HOH A O   1 
HETATM 1301 O O   . HOH G 5 .   ? 1.952   12.965  -10.678 1.00 35.56  ? 406 HOH A O   1 
HETATM 1302 O O   . HOH G 5 .   ? 14.961  7.578   4.169   1.00 30.35  ? 407 HOH A O   1 
HETATM 1303 O O   . HOH G 5 .   ? 10.368  -2.044  -7.281  1.00 28.27  ? 408 HOH A O   1 
HETATM 1304 O O   . HOH G 5 .   ? -6.053  11.581  2.020   1.00 22.27  ? 409 HOH A O   1 
HETATM 1305 O O   . HOH G 5 .   ? 21.670  -3.400  0.591   1.00 42.44  ? 410 HOH A O   1 
HETATM 1306 O O   . HOH G 5 .   ? 9.344   -8.028  10.281  1.00 51.00  ? 411 HOH A O   1 
HETATM 1307 O O   . HOH G 5 .   ? 3.925   -14.579 1.099   1.00 31.98  ? 412 HOH A O   1 
HETATM 1308 O O   . HOH G 5 .   ? -15.192 -1.808  5.297   1.00 30.65  ? 413 HOH A O   1 
HETATM 1309 O O   . HOH G 5 .   ? 14.581  -7.091  8.500   1.00 50.68  ? 414 HOH A O   1 
HETATM 1310 O O   . HOH G 5 .   ? -11.081 12.277  4.641   1.00 40.93  ? 415 HOH A O   1 
HETATM 1311 O O   . HOH G 5 .   ? 10.991  12.738  9.134   1.00 45.86  ? 416 HOH A O   1 
HETATM 1312 O O   . HOH G 5 .   ? 15.629  -4.275  -4.669  1.00 33.58  ? 417 HOH A O   1 
HETATM 1313 O O   . HOH G 5 .   ? 8.788   1.774   14.468  1.00 28.03  ? 418 HOH A O   1 
HETATM 1314 O O   . HOH G 5 .   ? -6.003  15.101  12.100  1.00 48.41  ? 419 HOH A O   1 
HETATM 1315 O O   . HOH G 5 .   ? 3.480   5.021   -11.611 1.00 33.26  ? 420 HOH A O   1 
HETATM 1316 O O   . HOH G 5 .   ? 12.025  -3.596  -7.357  1.00 49.99  ? 421 HOH A O   1 
HETATM 1317 O O   . HOH G 5 .   ? 8.265   -16.068 -5.936  1.00 44.80  ? 422 HOH A O   1 
HETATM 1318 O O   . HOH G 5 .   ? 12.108  3.268   16.490  1.00 49.27  ? 423 HOH A O   1 
HETATM 1319 O O   . HOH G 5 .   ? -0.173  12.292  -13.014 1.00 44.91  ? 424 HOH A O   1 
HETATM 1320 O O   . HOH G 5 .   ? 7.524   20.714  4.072   1.00 36.19  ? 425 HOH A O   1 
HETATM 1321 O O   . HOH G 5 .   ? 8.122   13.879  3.812   1.00 35.80  ? 426 HOH A O   1 
HETATM 1322 O O   . HOH G 5 .   ? 14.515  -11.613 1.308   1.00 33.86  ? 427 HOH A O   1 
HETATM 1323 O O   . HOH G 5 .   ? 0.705   -3.801  13.133  1.00 35.20  ? 428 HOH A O   1 
HETATM 1324 O O   . HOH G 5 .   ? -15.981 3.863   4.082   1.00 49.76  ? 429 HOH A O   1 
HETATM 1325 O O   . HOH G 5 .   ? -4.324  24.696  4.786   1.00 32.41  ? 430 HOH A O   1 
HETATM 1326 O O   . HOH G 5 .   ? 9.286   10.084  -4.211  1.00 45.68  ? 431 HOH A O   1 
HETATM 1327 O O   . HOH G 5 .   ? 11.576  -7.305  6.762   1.00 44.90  ? 432 HOH A O   1 
HETATM 1328 O O   . HOH G 5 .   ? 7.323   17.884  2.799   1.00 32.01  ? 433 HOH A O   1 
HETATM 1329 O O   . HOH G 5 .   ? -0.640  -17.234 3.522   1.00 35.90  ? 434 HOH A O   1 
HETATM 1330 O O   . HOH G 5 .   ? 0.696   -6.338  9.962   1.00 41.79  ? 435 HOH A O   1 
HETATM 1331 O O   . HOH G 5 .   ? -17.304 -0.896  -4.814  1.00 40.69  ? 436 HOH A O   1 
HETATM 1332 O O   . HOH G 5 .   ? 19.242  -5.183  -2.042  1.00 48.63  ? 437 HOH A O   1 
HETATM 1333 O O   . HOH G 5 .   ? 5.145   15.515  12.738  1.00 51.78  ? 438 HOH A O   1 
HETATM 1334 O O   . HOH G 5 .   ? 5.407   11.103  -13.028 1.00 58.42  ? 439 HOH A O   1 
HETATM 1335 O O   . HOH G 5 .   ? -4.077  -23.749 -3.934  1.00 44.88  ? 440 HOH A O   1 
HETATM 1336 O O   . HOH G 5 .   ? 3.611   6.601   -14.121 1.00 54.54  ? 441 HOH A O   1 
HETATM 1337 O O   . HOH G 5 .   ? 11.423  -2.270  13.883  1.00 50.48  ? 442 HOH A O   1 
HETATM 1338 O O   . HOH G 5 .   ? -0.880  -5.362  11.531  1.00 47.84  ? 443 HOH A O   1 
HETATM 1339 O O   . HOH G 5 .   ? -4.905  19.167  6.654   1.00 41.68  ? 444 HOH A O   1 
HETATM 1340 O O   . HOH G 5 .   ? -9.282  -8.294  9.604   1.00 45.49  ? 445 HOH A O   1 
HETATM 1341 O O   . HOH G 5 .   ? -3.037  -3.866  10.614  1.00 23.35  ? 446 HOH A O   1 
HETATM 1342 O O   . HOH G 5 .   ? -2.140  -23.513 -9.239  1.00 49.12  ? 447 HOH A O   1 
HETATM 1343 O O   . HOH G 5 .   ? 10.774  11.453  6.379   1.00 51.48  ? 448 HOH A O   1 
HETATM 1344 O O   . HOH G 5 .   ? 6.016   8.352   -13.725 1.00 50.42  ? 449 HOH A O   1 
HETATM 1345 O O   . HOH G 5 .   ? 3.510   12.383  16.075  1.00 37.76  ? 450 HOH A O   1 
HETATM 1346 O O   . HOH G 5 .   ? 5.946   -14.841 2.351   1.00 48.81  ? 451 HOH A O   1 
HETATM 1347 O O   . HOH G 5 .   ? -0.896  -8.428  9.652   1.00 44.80  ? 452 HOH A O   1 
HETATM 1348 O O   . HOH G 5 .   ? 9.201   -8.733  7.488   1.00 53.65  ? 453 HOH A O   1 
HETATM 1349 O O   . HOH G 5 .   ? 13.048  -2.913  12.467  1.00 46.36  ? 454 HOH A O   1 
HETATM 1350 O O   . HOH G 5 .   ? 7.555   -12.833 4.231   1.00 43.19  ? 455 HOH A O   1 
HETATM 1351 O O   . HOH G 5 .   ? 9.274   8.422   15.153  1.00 44.44  ? 456 HOH A O   1 
HETATM 1352 O O   . HOH G 5 .   ? 7.972   14.617  13.090  1.00 54.09  ? 457 HOH A O   1 
HETATM 1353 O O   . HOH G 5 .   ? 11.638  6.805   -6.983  1.00 43.80  ? 458 HOH A O   1 
HETATM 1354 O O   . HOH G 5 .   ? 7.409   -9.884  6.215   1.00 38.66  ? 459 HOH A O   1 
HETATM 1355 O O   . HOH G 5 .   ? -1.606  -3.057  15.048  1.00 31.96  ? 460 HOH A O   1 
HETATM 1356 O O   . HOH G 5 .   ? -4.792  -8.496  9.491   1.00 46.33  ? 461 HOH A O   1 
HETATM 1357 O O   . HOH G 5 .   ? 6.711   4.743   16.916  1.00 48.51  ? 462 HOH A O   1 
HETATM 1358 O O   . HOH G 5 .   ? -14.487 4.924   -12.290 1.00 39.14  ? 463 HOH A O   1 
HETATM 1359 O O   . HOH G 5 .   ? 12.041  3.687   -7.237  1.00 46.61  ? 464 HOH A O   1 
HETATM 1360 O O   . HOH G 5 .   ? 1.235   10.922  16.898  1.00 39.93  ? 465 HOH A O   1 
HETATM 1361 O O   . HOH G 5 .   ? 14.647  -6.287  -5.985  1.00 43.23  ? 466 HOH A O   1 
HETATM 1362 O O   . HOH G 5 .   ? -17.193 -3.076  -7.900  1.00 50.68  ? 467 HOH A O   1 
HETATM 1363 O O   . HOH G 5 .   ? 7.457   7.691   16.968  1.00 52.54  ? 468 HOH A O   1 
HETATM 1364 O O   . HOH G 5 .   ? 8.645   2.848   16.800  1.00 45.59  ? 469 HOH A O   1 
# 
loop_
_pdbx_poly_seq_scheme.asym_id 
_pdbx_poly_seq_scheme.entity_id 
_pdbx_poly_seq_scheme.seq_id 
_pdbx_poly_seq_scheme.mon_id 
_pdbx_poly_seq_scheme.ndb_seq_num 
_pdbx_poly_seq_scheme.pdb_seq_num 
_pdbx_poly_seq_scheme.auth_seq_num 
_pdbx_poly_seq_scheme.pdb_mon_id 
_pdbx_poly_seq_scheme.auth_mon_id 
_pdbx_poly_seq_scheme.pdb_strand_id 
_pdbx_poly_seq_scheme.pdb_ins_code 
_pdbx_poly_seq_scheme.hetero 
A 1 1   VAL 1   -6  -6  VAL VAL A . n 
A 1 2   PRO 2   -5  -5  PRO PRO A . n 
A 1 3   ARG 3   -4  -4  ARG ARG A . n 
A 1 4   GLY 4   -3  -3  GLY GLY A . n 
A 1 5   SER 5   -2  -2  SER SER A . n 
A 1 6   HIS 6   -1  -1  HIS HIS A . n 
A 1 7   MET 7   0   0   MET MET A . n 
A 1 8   MET 8   1   1   MET MET A . n 
A 1 9   VAL 9   2   2   VAL VAL A . n 
A 1 10  GLU 10  3   3   GLU GLU A . n 
A 1 11  ALA 11  4   4   ALA ALA A . n 
A 1 12  PHE 12  5   5   PHE PHE A . n 
A 1 13  CYS 13  6   6   CYS CYS A . n 
A 1 14  ALA 14  7   7   ALA ALA A . n 
A 1 15  THR 15  8   8   THR THR A . n 
A 1 16  TRP 16  9   9   TRP TRP A . n 
A 1 17  LYS 17  10  10  LYS LYS A . n 
A 1 18  LEU 18  11  11  LEU LEU A . n 
A 1 19  THR 19  12  12  THR THR A . n 
A 1 20  ASN 20  13  13  ASN ASN A . n 
A 1 21  SER 21  14  14  SER SER A . n 
A 1 22  GLN 22  15  15  GLN GLN A . n 
A 1 23  ASN 23  16  16  ASN ASN A . n 
A 1 24  PHE 24  17  17  PHE PHE A . n 
A 1 25  ASP 25  18  18  ASP ASP A . n 
A 1 26  GLU 26  19  19  GLU GLU A . n 
A 1 27  TYR 27  20  20  TYR TYR A . n 
A 1 28  MET 28  21  21  MET MET A . n 
A 1 29  LYS 29  22  22  LYS LYS A . n 
A 1 30  ALA 30  23  23  ALA ALA A . n 
A 1 31  LEU 31  24  24  LEU LEU A . n 
A 1 32  GLY 32  25  25  GLY GLY A . n 
A 1 33  VAL 33  26  26  VAL VAL A . n 
A 1 34  GLY 34  27  27  GLY GLY A . n 
A 1 35  PHE 35  28  28  PHE PHE A . n 
A 1 36  ALA 36  29  29  ALA ALA A . n 
A 1 37  THR 37  30  30  THR THR A . n 
A 1 38  ARG 38  31  31  ARG ARG A . n 
A 1 39  GLN 39  32  32  GLN GLN A . n 
A 1 40  VAL 40  33  33  VAL VAL A . n 
A 1 41  GLY 41  34  34  GLY GLY A . n 
A 1 42  ASN 42  35  35  ASN ASN A . n 
A 1 43  VAL 43  36  36  VAL VAL A . n 
A 1 44  THR 44  37  37  THR THR A . n 
A 1 45  LYS 45  38  38  LYS LYS A . n 
A 1 46  PRO 46  39  39  PRO PRO A . n 
A 1 47  THR 47  40  40  THR THR A . n 
A 1 48  VAL 48  41  41  VAL VAL A . n 
A 1 49  ILE 49  42  42  ILE ILE A . n 
A 1 50  ILE 50  43  43  ILE ILE A . n 
A 1 51  SER 51  44  44  SER SER A . n 
A 1 52  GLN 52  45  45  GLN GLN A . n 
A 1 53  GLU 53  46  46  GLU GLU A . n 
A 1 54  GLY 54  47  47  GLY GLY A . n 
A 1 55  ASP 55  48  48  ASP ASP A . n 
A 1 56  LYS 56  49  49  LYS LYS A . n 
A 1 57  VAL 57  50  50  VAL VAL A . n 
A 1 58  VAL 58  51  51  VAL VAL A . n 
A 1 59  ILE 59  52  52  ILE ILE A . n 
A 1 60  ARG 60  53  53  ARG ARG A . n 
A 1 61  THR 61  54  54  THR THR A . n 
A 1 62  LEU 62  55  55  LEU LEU A . n 
A 1 63  SER 63  56  56  SER SER A . n 
A 1 64  THR 64  57  57  THR THR A . n 
A 1 65  PHE 65  58  58  PHE PHE A . n 
A 1 66  LYS 66  59  59  LYS LYS A . n 
A 1 67  ASN 67  60  60  ASN ASN A . n 
A 1 68  THR 68  61  61  THR THR A . n 
A 1 69  GLU 69  62  62  GLU GLU A . n 
A 1 70  ILE 70  63  63  ILE ILE A . n 
A 1 71  SER 71  64  64  SER SER A . n 
A 1 72  PHE 72  65  65  PHE PHE A . n 
A 1 73  GLN 73  66  66  GLN GLN A . n 
A 1 74  LEU 74  67  67  LEU LEU A . n 
A 1 75  GLY 75  68  68  GLY GLY A . n 
A 1 76  GLU 76  69  69  GLU GLU A . n 
A 1 77  GLU 77  70  70  GLU GLU A . n 
A 1 78  PHE 78  71  71  PHE PHE A . n 
A 1 79  ASP 79  72  72  ASP ASP A . n 
A 1 80  GLU 80  73  73  GLU GLU A . n 
A 1 81  THR 81  74  74  THR THR A . n 
A 1 82  THR 82  75  75  THR THR A . n 
A 1 83  ALA 83  76  76  ALA ALA A . n 
A 1 84  ASP 84  77  77  ASP ASP A . n 
A 1 85  ASP 85  78  78  ASP ASP A . n 
A 1 86  ARG 86  79  79  ARG ARG A . n 
A 1 87  ASN 87  80  80  ASN ASN A . n 
A 1 88  CYS 88  81  81  CYS CYS A . n 
A 1 89  LYS 89  82  82  LYS LYS A . n 
A 1 90  SER 90  83  83  SER SER A . n 
A 1 91  VAL 91  84  84  VAL VAL A . n 
A 1 92  VAL 92  85  85  VAL VAL A . n 
A 1 93  SER 93  86  86  SER SER A . n 
A 1 94  LEU 94  87  87  LEU LEU A . n 
A 1 95  ASP 95  88  88  ASP ASP A . n 
A 1 96  GLY 96  89  89  GLY GLY A . n 
A 1 97  ASP 97  90  90  ASP ASP A . n 
A 1 98  LYS 98  91  91  LYS LYS A . n 
A 1 99  LEU 99  92  92  LEU LEU A . n 
A 1 100 VAL 100 93  93  VAL VAL A . n 
A 1 101 HIS 101 94  94  HIS HIS A . n 
A 1 102 ILE 102 95  95  ILE ILE A . n 
A 1 103 GLN 103 96  96  GLN GLN A . n 
A 1 104 LYS 104 97  97  LYS LYS A . n 
A 1 105 TRP 105 98  98  TRP TRP A . n 
A 1 106 ASP 106 99  99  ASP ASP A . n 
A 1 107 GLY 107 100 100 GLY GLY A . n 
A 1 108 LYS 108 101 101 LYS LYS A . n 
A 1 109 GLU 109 102 102 GLU GLU A . n 
A 1 110 THR 110 103 103 THR THR A . n 
A 1 111 ASN 111 104 104 ASN ASN A . n 
A 1 112 PHE 112 105 105 PHE PHE A . n 
A 1 113 VAL 113 106 106 VAL VAL A . n 
A 1 114 ARG 114 107 107 ARG ARG A . n 
A 1 115 GLU 115 108 108 GLU GLU A . n 
A 1 116 ILE 116 109 109 ILE ILE A . n 
A 1 117 LYS 117 110 110 LYS LYS A . n 
A 1 118 ASP 118 111 111 ASP ASP A . n 
A 1 119 GLY 119 112 112 GLY GLY A . n 
A 1 120 LYS 120 113 113 LYS LYS A . n 
A 1 121 MET 121 114 114 MET MET A . n 
A 1 122 VAL 122 115 115 VAL VAL A . n 
A 1 123 MET 123 116 116 MET MET A . n 
A 1 124 THR 124 117 117 THR THR A . n 
A 1 125 LEU 125 118 118 LEU LEU A . n 
A 1 126 THR 126 119 119 THR THR A . n 
A 1 127 PHE 127 120 120 PHE PHE A . n 
A 1 128 GLY 128 121 121 GLY GLY A . n 
A 1 129 ASP 129 122 122 ASP ASP A . n 
A 1 130 VAL 130 123 123 VAL VAL A . n 
A 1 131 VAL 131 124 124 VAL VAL A . n 
A 1 132 ALA 132 125 125 ALA ALA A . n 
A 1 133 VAL 133 126 126 VAL VAL A . n 
A 1 134 ARG 134 127 127 ARG ARG A . n 
A 1 135 HIS 135 128 128 HIS HIS A . n 
A 1 136 TYR 136 129 129 TYR TYR A . n 
A 1 137 GLU 137 130 130 GLU GLU A . n 
A 1 138 LYS 138 131 131 LYS LYS A . n 
A 1 139 ALA 139 132 132 ALA ALA A . n 
# 
loop_
_pdbx_nonpoly_scheme.asym_id 
_pdbx_nonpoly_scheme.entity_id 
_pdbx_nonpoly_scheme.mon_id 
_pdbx_nonpoly_scheme.ndb_seq_num 
_pdbx_nonpoly_scheme.pdb_seq_num 
_pdbx_nonpoly_scheme.auth_seq_num 
_pdbx_nonpoly_scheme.pdb_mon_id 
_pdbx_nonpoly_scheme.auth_mon_id 
_pdbx_nonpoly_scheme.pdb_strand_id 
_pdbx_nonpoly_scheme.pdb_ins_code 
B 2 GOL 1   201 201 GOL GOL A . 
C 3 PLM 1   202 1   PLM PLM A . 
D 4 SO4 1   203 1   SO4 SO4 A . 
E 4 SO4 1   204 2   SO4 SO4 A . 
F 4 SO4 1   205 3   SO4 SO4 A . 
G 5 HOH 1   301 107 HOH HOH A . 
G 5 HOH 2   302 124 HOH HOH A . 
G 5 HOH 3   303 118 HOH HOH A . 
G 5 HOH 4   304 100 HOH HOH A . 
G 5 HOH 5   305 145 HOH HOH A . 
G 5 HOH 6   306 7   HOH HOH A . 
G 5 HOH 7   307 19  HOH HOH A . 
G 5 HOH 8   308 96  HOH HOH A . 
G 5 HOH 9   309 2   HOH HOH A . 
G 5 HOH 10  310 20  HOH HOH A . 
G 5 HOH 11  311 64  HOH HOH A . 
G 5 HOH 12  312 76  HOH HOH A . 
G 5 HOH 13  313 78  HOH HOH A . 
G 5 HOH 14  314 161 HOH HOH A . 
G 5 HOH 15  315 1   HOH HOH A . 
G 5 HOH 16  316 74  HOH HOH A . 
G 5 HOH 17  317 168 HOH HOH A . 
G 5 HOH 18  318 77  HOH HOH A . 
G 5 HOH 19  319 90  HOH HOH A . 
G 5 HOH 20  320 11  HOH HOH A . 
G 5 HOH 21  321 126 HOH HOH A . 
G 5 HOH 22  322 44  HOH HOH A . 
G 5 HOH 23  323 4   HOH HOH A . 
G 5 HOH 24  324 135 HOH HOH A . 
G 5 HOH 25  325 9   HOH HOH A . 
G 5 HOH 26  326 23  HOH HOH A . 
G 5 HOH 27  327 91  HOH HOH A . 
G 5 HOH 28  328 133 HOH HOH A . 
G 5 HOH 29  329 60  HOH HOH A . 
G 5 HOH 30  330 54  HOH HOH A . 
G 5 HOH 31  331 39  HOH HOH A . 
G 5 HOH 32  332 132 HOH HOH A . 
G 5 HOH 33  333 18  HOH HOH A . 
G 5 HOH 34  334 169 HOH HOH A . 
G 5 HOH 35  335 6   HOH HOH A . 
G 5 HOH 36  336 147 HOH HOH A . 
G 5 HOH 37  337 73  HOH HOH A . 
G 5 HOH 38  338 142 HOH HOH A . 
G 5 HOH 39  339 17  HOH HOH A . 
G 5 HOH 40  340 117 HOH HOH A . 
G 5 HOH 41  341 13  HOH HOH A . 
G 5 HOH 42  342 111 HOH HOH A . 
G 5 HOH 43  343 139 HOH HOH A . 
G 5 HOH 44  344 24  HOH HOH A . 
G 5 HOH 45  345 119 HOH HOH A . 
G 5 HOH 46  346 45  HOH HOH A . 
G 5 HOH 47  347 66  HOH HOH A . 
G 5 HOH 48  348 160 HOH HOH A . 
G 5 HOH 49  349 27  HOH HOH A . 
G 5 HOH 50  350 52  HOH HOH A . 
G 5 HOH 51  351 140 HOH HOH A . 
G 5 HOH 52  352 28  HOH HOH A . 
G 5 HOH 53  353 21  HOH HOH A . 
G 5 HOH 54  354 47  HOH HOH A . 
G 5 HOH 55  355 99  HOH HOH A . 
G 5 HOH 56  356 156 HOH HOH A . 
G 5 HOH 57  357 70  HOH HOH A . 
G 5 HOH 58  358 63  HOH HOH A . 
G 5 HOH 59  359 167 HOH HOH A . 
G 5 HOH 60  360 31  HOH HOH A . 
G 5 HOH 61  361 61  HOH HOH A . 
G 5 HOH 62  362 106 HOH HOH A . 
G 5 HOH 63  363 3   HOH HOH A . 
G 5 HOH 64  364 33  HOH HOH A . 
G 5 HOH 65  365 8   HOH HOH A . 
G 5 HOH 66  366 15  HOH HOH A . 
G 5 HOH 67  367 48  HOH HOH A . 
G 5 HOH 68  368 12  HOH HOH A . 
G 5 HOH 69  369 128 HOH HOH A . 
G 5 HOH 70  370 30  HOH HOH A . 
G 5 HOH 71  371 94  HOH HOH A . 
G 5 HOH 72  372 40  HOH HOH A . 
G 5 HOH 73  373 105 HOH HOH A . 
G 5 HOH 74  374 92  HOH HOH A . 
G 5 HOH 75  375 46  HOH HOH A . 
G 5 HOH 76  376 110 HOH HOH A . 
G 5 HOH 77  377 109 HOH HOH A . 
G 5 HOH 78  378 87  HOH HOH A . 
G 5 HOH 79  379 62  HOH HOH A . 
G 5 HOH 80  380 26  HOH HOH A . 
G 5 HOH 81  381 49  HOH HOH A . 
G 5 HOH 82  382 35  HOH HOH A . 
G 5 HOH 83  383 69  HOH HOH A . 
G 5 HOH 84  384 58  HOH HOH A . 
G 5 HOH 85  385 102 HOH HOH A . 
G 5 HOH 86  386 5   HOH HOH A . 
G 5 HOH 87  387 37  HOH HOH A . 
G 5 HOH 88  388 65  HOH HOH A . 
G 5 HOH 89  389 97  HOH HOH A . 
G 5 HOH 90  390 138 HOH HOH A . 
G 5 HOH 91  391 43  HOH HOH A . 
G 5 HOH 92  392 120 HOH HOH A . 
G 5 HOH 93  393 51  HOH HOH A . 
G 5 HOH 94  394 148 HOH HOH A . 
G 5 HOH 95  395 42  HOH HOH A . 
G 5 HOH 96  396 16  HOH HOH A . 
G 5 HOH 97  397 157 HOH HOH A . 
G 5 HOH 98  398 29  HOH HOH A . 
G 5 HOH 99  399 22  HOH HOH A . 
G 5 HOH 100 400 55  HOH HOH A . 
G 5 HOH 101 401 80  HOH HOH A . 
G 5 HOH 102 402 10  HOH HOH A . 
G 5 HOH 103 403 32  HOH HOH A . 
G 5 HOH 104 404 95  HOH HOH A . 
G 5 HOH 105 405 36  HOH HOH A . 
G 5 HOH 106 406 113 HOH HOH A . 
G 5 HOH 107 407 41  HOH HOH A . 
G 5 HOH 108 408 38  HOH HOH A . 
G 5 HOH 109 409 34  HOH HOH A . 
G 5 HOH 110 410 83  HOH HOH A . 
G 5 HOH 111 411 137 HOH HOH A . 
G 5 HOH 112 412 75  HOH HOH A . 
G 5 HOH 113 413 50  HOH HOH A . 
G 5 HOH 114 414 149 HOH HOH A . 
G 5 HOH 115 415 122 HOH HOH A . 
G 5 HOH 116 416 123 HOH HOH A . 
G 5 HOH 117 417 56  HOH HOH A . 
G 5 HOH 118 418 25  HOH HOH A . 
G 5 HOH 119 419 89  HOH HOH A . 
G 5 HOH 120 420 103 HOH HOH A . 
G 5 HOH 121 421 127 HOH HOH A . 
G 5 HOH 122 422 159 HOH HOH A . 
G 5 HOH 123 423 101 HOH HOH A . 
G 5 HOH 124 424 81  HOH HOH A . 
G 5 HOH 125 425 98  HOH HOH A . 
G 5 HOH 126 426 68  HOH HOH A . 
G 5 HOH 127 427 59  HOH HOH A . 
G 5 HOH 128 428 67  HOH HOH A . 
G 5 HOH 129 429 163 HOH HOH A . 
G 5 HOH 130 430 57  HOH HOH A . 
G 5 HOH 131 431 141 HOH HOH A . 
G 5 HOH 132 432 146 HOH HOH A . 
G 5 HOH 133 433 53  HOH HOH A . 
G 5 HOH 134 434 153 HOH HOH A . 
G 5 HOH 135 435 121 HOH HOH A . 
G 5 HOH 136 436 72  HOH HOH A . 
G 5 HOH 137 437 130 HOH HOH A . 
G 5 HOH 138 438 114 HOH HOH A . 
G 5 HOH 139 439 164 HOH HOH A . 
G 5 HOH 140 440 151 HOH HOH A . 
G 5 HOH 141 441 88  HOH HOH A . 
G 5 HOH 142 442 134 HOH HOH A . 
G 5 HOH 143 443 131 HOH HOH A . 
G 5 HOH 144 444 104 HOH HOH A . 
G 5 HOH 145 445 112 HOH HOH A . 
G 5 HOH 146 446 14  HOH HOH A . 
G 5 HOH 147 447 166 HOH HOH A . 
G 5 HOH 148 448 136 HOH HOH A . 
G 5 HOH 149 449 79  HOH HOH A . 
G 5 HOH 150 450 84  HOH HOH A . 
G 5 HOH 151 451 154 HOH HOH A . 
G 5 HOH 152 452 155 HOH HOH A . 
G 5 HOH 153 453 158 HOH HOH A . 
G 5 HOH 154 454 93  HOH HOH A . 
G 5 HOH 155 455 144 HOH HOH A . 
G 5 HOH 156 456 162 HOH HOH A . 
G 5 HOH 157 457 165 HOH HOH A . 
G 5 HOH 158 458 125 HOH HOH A . 
G 5 HOH 159 459 71  HOH HOH A . 
G 5 HOH 160 460 108 HOH HOH A . 
G 5 HOH 161 461 116 HOH HOH A . 
G 5 HOH 162 462 82  HOH HOH A . 
G 5 HOH 163 463 150 HOH HOH A . 
G 5 HOH 164 464 152 HOH HOH A . 
G 5 HOH 165 465 85  HOH HOH A . 
G 5 HOH 166 466 115 HOH HOH A . 
G 5 HOH 167 467 129 HOH HOH A . 
G 5 HOH 168 468 143 HOH HOH A . 
G 5 HOH 169 469 86  HOH HOH A . 
# 
_pdbx_struct_assembly.id                   1 
_pdbx_struct_assembly.details              author_and_software_defined_assembly 
_pdbx_struct_assembly.method_details       PISA 
_pdbx_struct_assembly.oligomeric_details   monomeric 
_pdbx_struct_assembly.oligomeric_count     1 
# 
_pdbx_struct_assembly_gen.assembly_id       1 
_pdbx_struct_assembly_gen.oper_expression   1 
_pdbx_struct_assembly_gen.asym_id_list      A,B,C,D,E,F,G 
# 
loop_
_pdbx_struct_assembly_prop.biol_id 
_pdbx_struct_assembly_prop.type 
_pdbx_struct_assembly_prop.value 
_pdbx_struct_assembly_prop.details 
1 'ABSA (A^2)' 180  ? 
1 MORE         -14  ? 
1 'SSA (A^2)'  7670 ? 
# 
_pdbx_struct_oper_list.id                   1 
_pdbx_struct_oper_list.type                 'identity operation' 
_pdbx_struct_oper_list.name                 1_555 
_pdbx_struct_oper_list.symmetry_operation   x,y,z 
_pdbx_struct_oper_list.matrix[1][1]         1.0000000000 
_pdbx_struct_oper_list.matrix[1][2]         0.0000000000 
_pdbx_struct_oper_list.matrix[1][3]         0.0000000000 
_pdbx_struct_oper_list.vector[1]            0.0000000000 
_pdbx_struct_oper_list.matrix[2][1]         0.0000000000 
_pdbx_struct_oper_list.matrix[2][2]         1.0000000000 
_pdbx_struct_oper_list.matrix[2][3]         0.0000000000 
_pdbx_struct_oper_list.vector[2]            0.0000000000 
_pdbx_struct_oper_list.matrix[3][1]         0.0000000000 
_pdbx_struct_oper_list.matrix[3][2]         0.0000000000 
_pdbx_struct_oper_list.matrix[3][3]         1.0000000000 
_pdbx_struct_oper_list.vector[3]            0.0000000000 
# 
loop_
_pdbx_struct_special_symmetry.id 
_pdbx_struct_special_symmetry.PDB_model_num 
_pdbx_struct_special_symmetry.auth_asym_id 
_pdbx_struct_special_symmetry.auth_comp_id 
_pdbx_struct_special_symmetry.auth_seq_id 
_pdbx_struct_special_symmetry.PDB_ins_code 
_pdbx_struct_special_symmetry.label_asym_id 
_pdbx_struct_special_symmetry.label_comp_id 
_pdbx_struct_special_symmetry.label_seq_id 
1 1 A HOH 368 ? G HOH . 
2 1 A HOH 402 ? G HOH . 
# 
loop_
_pdbx_audit_revision_history.ordinal 
_pdbx_audit_revision_history.data_content_type 
_pdbx_audit_revision_history.major_revision 
_pdbx_audit_revision_history.minor_revision 
_pdbx_audit_revision_history.revision_date 
1 'Structure model' 1 0 2021-07-14 
2 'Structure model' 1 1 2023-11-29 
# 
_pdbx_audit_revision_details.ordinal             1 
_pdbx_audit_revision_details.revision_ordinal    1 
_pdbx_audit_revision_details.data_content_type   'Structure model' 
_pdbx_audit_revision_details.provider            repository 
_pdbx_audit_revision_details.type                'Initial release' 
_pdbx_audit_revision_details.description         ? 
_pdbx_audit_revision_details.details             ? 
# 
loop_
_pdbx_audit_revision_group.ordinal 
_pdbx_audit_revision_group.revision_ordinal 
_pdbx_audit_revision_group.data_content_type 
_pdbx_audit_revision_group.group 
1 2 'Structure model' 'Data collection'        
2 2 'Structure model' 'Database references'    
3 2 'Structure model' 'Refinement description' 
# 
loop_
_pdbx_audit_revision_category.ordinal 
_pdbx_audit_revision_category.revision_ordinal 
_pdbx_audit_revision_category.data_content_type 
_pdbx_audit_revision_category.category 
1 2 'Structure model' chem_comp_atom                
2 2 'Structure model' chem_comp_bond                
3 2 'Structure model' database_2                    
4 2 'Structure model' pdbx_initial_refinement_model 
# 
loop_
_pdbx_audit_revision_item.ordinal 
_pdbx_audit_revision_item.revision_ordinal 
_pdbx_audit_revision_item.data_content_type 
_pdbx_audit_revision_item.item 
1 2 'Structure model' '_database_2.pdbx_DOI'                
2 2 'Structure model' '_database_2.pdbx_database_accession' 
# 
_phasing.method   MR 
# 
loop_
_software.citation_id 
_software.classification 
_software.compiler_name 
_software.compiler_version 
_software.contact_author 
_software.contact_author_email 
_software.date 
_software.description 
_software.dependencies 
_software.hardware 
_software.language 
_software.location 
_software.mods 
_software.name 
_software.os 
_software.os_version 
_software.type 
_software.version 
_software.pdbx_ordinal 
? 'data reduction'  ? ? 'Zbyszek Otwinowski' hkl@hkl-xray.com         ?               ? ? ? ?          http://www.hkl-xray.com/ ? 
HKL-2000    ? ? package .           1 
? 'data scaling'    ? ? 'Zbyszek Otwinowski' hkl@hkl-xray.com         ?               ? ? ? ?          http://www.hkl-xray.com/ ? 
HKL-2000    ? ? package .           2 
? phasing           ? ? 'Alexei Vaguine'     alexei@ysbl.york.ac.uk   ?               ? ? ? Fortran_77 
http://www.ccp4.ac.uk/dist/html/molrep.html ? MOLREP      ? ? program .           3 
? refinement        ? ? 'Paul D. Adams'      PDAdams@lbl.gov          ?               ? ? ? C++        
http://www.phenix-online.org/               ? PHENIX      ? ? package 1.18.2_3874 4 
? 'data extraction' ? ? PDB                  deposit@deposit.rcsb.org 'Oct. 31, 2020' ? ? ? C++        
http://sw-tools.pdb.org/apps/PDB_EXTRACT/   ? PDB_EXTRACT ? ? package 3.27        5 
# 
_pdbx_entry_details.entry_id                 7E25 
_pdbx_entry_details.has_ligand_of_interest   Y 
_pdbx_entry_details.compound_details         ? 
_pdbx_entry_details.source_details           ? 
_pdbx_entry_details.nonpolymer_details       ? 
_pdbx_entry_details.sequence_details         ? 
# 
loop_
_pdbx_validate_close_contact.id 
_pdbx_validate_close_contact.PDB_model_num 
_pdbx_validate_close_contact.auth_atom_id_1 
_pdbx_validate_close_contact.auth_asym_id_1 
_pdbx_validate_close_contact.auth_comp_id_1 
_pdbx_validate_close_contact.auth_seq_id_1 
_pdbx_validate_close_contact.PDB_ins_code_1 
_pdbx_validate_close_contact.label_alt_id_1 
_pdbx_validate_close_contact.auth_atom_id_2 
_pdbx_validate_close_contact.auth_asym_id_2 
_pdbx_validate_close_contact.auth_comp_id_2 
_pdbx_validate_close_contact.auth_seq_id_2 
_pdbx_validate_close_contact.PDB_ins_code_2 
_pdbx_validate_close_contact.label_alt_id_2 
_pdbx_validate_close_contact.dist 
1 1 O A HOH 391 ? ? O A HOH 393 ? ? 2.13 
2 1 O A HOH 388 ? ? O A HOH 438 ? ? 2.13 
# 
_pdbx_validate_rmsd_angle.id                         1 
_pdbx_validate_rmsd_angle.PDB_model_num              1 
_pdbx_validate_rmsd_angle.auth_atom_id_1             CG 
_pdbx_validate_rmsd_angle.auth_asym_id_1             A 
_pdbx_validate_rmsd_angle.auth_comp_id_1             MET 
_pdbx_validate_rmsd_angle.auth_seq_id_1              116 
_pdbx_validate_rmsd_angle.PDB_ins_code_1             ? 
_pdbx_validate_rmsd_angle.label_alt_id_1             ? 
_pdbx_validate_rmsd_angle.auth_atom_id_2             SD 
_pdbx_validate_rmsd_angle.auth_asym_id_2             A 
_pdbx_validate_rmsd_angle.auth_comp_id_2             MET 
_pdbx_validate_rmsd_angle.auth_seq_id_2              116 
_pdbx_validate_rmsd_angle.PDB_ins_code_2             ? 
_pdbx_validate_rmsd_angle.label_alt_id_2             ? 
_pdbx_validate_rmsd_angle.auth_atom_id_3             CE 
_pdbx_validate_rmsd_angle.auth_asym_id_3             A 
_pdbx_validate_rmsd_angle.auth_comp_id_3             MET 
_pdbx_validate_rmsd_angle.auth_seq_id_3              116 
_pdbx_validate_rmsd_angle.PDB_ins_code_3             ? 
_pdbx_validate_rmsd_angle.label_alt_id_3             ? 
_pdbx_validate_rmsd_angle.angle_value                88.14 
_pdbx_validate_rmsd_angle.angle_target_value         100.20 
_pdbx_validate_rmsd_angle.angle_deviation            -12.06 
_pdbx_validate_rmsd_angle.angle_standard_deviation   1.60 
_pdbx_validate_rmsd_angle.linker_flag                N 
# 
_pdbx_validate_torsion.id              1 
_pdbx_validate_torsion.PDB_model_num   1 
_pdbx_validate_torsion.auth_comp_id    PHE 
_pdbx_validate_torsion.auth_asym_id    A 
_pdbx_validate_torsion.auth_seq_id     58 
_pdbx_validate_torsion.PDB_ins_code    ? 
_pdbx_validate_torsion.label_alt_id    ? 
_pdbx_validate_torsion.phi             -132.61 
_pdbx_validate_torsion.psi             -79.81 
# 
loop_
_chem_comp_atom.comp_id 
_chem_comp_atom.atom_id 
_chem_comp_atom.type_symbol 
_chem_comp_atom.pdbx_aromatic_flag 
_chem_comp_atom.pdbx_stereo_config 
_chem_comp_atom.pdbx_ordinal 
ALA N    N N N 1   
ALA CA   C N S 2   
ALA C    C N N 3   
ALA O    O N N 4   
ALA CB   C N N 5   
ALA OXT  O N N 6   
ALA H    H N N 7   
ALA H2   H N N 8   
ALA HA   H N N 9   
ALA HB1  H N N 10  
ALA HB2  H N N 11  
ALA HB3  H N N 12  
ALA HXT  H N N 13  
ARG N    N N N 14  
ARG CA   C N S 15  
ARG C    C N N 16  
ARG O    O N N 17  
ARG CB   C N N 18  
ARG CG   C N N 19  
ARG CD   C N N 20  
ARG NE   N N N 21  
ARG CZ   C N N 22  
ARG NH1  N N N 23  
ARG NH2  N N N 24  
ARG OXT  O N N 25  
ARG H    H N N 26  
ARG H2   H N N 27  
ARG HA   H N N 28  
ARG HB2  H N N 29  
ARG HB3  H N N 30  
ARG HG2  H N N 31  
ARG HG3  H N N 32  
ARG HD2  H N N 33  
ARG HD3  H N N 34  
ARG HE   H N N 35  
ARG HH11 H N N 36  
ARG HH12 H N N 37  
ARG HH21 H N N 38  
ARG HH22 H N N 39  
ARG HXT  H N N 40  
ASN N    N N N 41  
ASN CA   C N S 42  
ASN C    C N N 43  
ASN O    O N N 44  
ASN CB   C N N 45  
ASN CG   C N N 46  
ASN OD1  O N N 47  
ASN ND2  N N N 48  
ASN OXT  O N N 49  
ASN H    H N N 50  
ASN H2   H N N 51  
ASN HA   H N N 52  
ASN HB2  H N N 53  
ASN HB3  H N N 54  
ASN HD21 H N N 55  
ASN HD22 H N N 56  
ASN HXT  H N N 57  
ASP N    N N N 58  
ASP CA   C N S 59  
ASP C    C N N 60  
ASP O    O N N 61  
ASP CB   C N N 62  
ASP CG   C N N 63  
ASP OD1  O N N 64  
ASP OD2  O N N 65  
ASP OXT  O N N 66  
ASP H    H N N 67  
ASP H2   H N N 68  
ASP HA   H N N 69  
ASP HB2  H N N 70  
ASP HB3  H N N 71  
ASP HD2  H N N 72  
ASP HXT  H N N 73  
CYS N    N N N 74  
CYS CA   C N R 75  
CYS C    C N N 76  
CYS O    O N N 77  
CYS CB   C N N 78  
CYS SG   S N N 79  
CYS OXT  O N N 80  
CYS H    H N N 81  
CYS H2   H N N 82  
CYS HA   H N N 83  
CYS HB2  H N N 84  
CYS HB3  H N N 85  
CYS HG   H N N 86  
CYS HXT  H N N 87  
GLN N    N N N 88  
GLN CA   C N S 89  
GLN C    C N N 90  
GLN O    O N N 91  
GLN CB   C N N 92  
GLN CG   C N N 93  
GLN CD   C N N 94  
GLN OE1  O N N 95  
GLN NE2  N N N 96  
GLN OXT  O N N 97  
GLN H    H N N 98  
GLN H2   H N N 99  
GLN HA   H N N 100 
GLN HB2  H N N 101 
GLN HB3  H N N 102 
GLN HG2  H N N 103 
GLN HG3  H N N 104 
GLN HE21 H N N 105 
GLN HE22 H N N 106 
GLN HXT  H N N 107 
GLU N    N N N 108 
GLU CA   C N S 109 
GLU C    C N N 110 
GLU O    O N N 111 
GLU CB   C N N 112 
GLU CG   C N N 113 
GLU CD   C N N 114 
GLU OE1  O N N 115 
GLU OE2  O N N 116 
GLU OXT  O N N 117 
GLU H    H N N 118 
GLU H2   H N N 119 
GLU HA   H N N 120 
GLU HB2  H N N 121 
GLU HB3  H N N 122 
GLU HG2  H N N 123 
GLU HG3  H N N 124 
GLU HE2  H N N 125 
GLU HXT  H N N 126 
GLY N    N N N 127 
GLY CA   C N N 128 
GLY C    C N N 129 
GLY O    O N N 130 
GLY OXT  O N N 131 
GLY H    H N N 132 
GLY H2   H N N 133 
GLY HA2  H N N 134 
GLY HA3  H N N 135 
GLY HXT  H N N 136 
GOL C1   C N N 137 
GOL O1   O N N 138 
GOL C2   C N N 139 
GOL O2   O N N 140 
GOL C3   C N N 141 
GOL O3   O N N 142 
GOL H11  H N N 143 
GOL H12  H N N 144 
GOL HO1  H N N 145 
GOL H2   H N N 146 
GOL HO2  H N N 147 
GOL H31  H N N 148 
GOL H32  H N N 149 
GOL HO3  H N N 150 
HIS N    N N N 151 
HIS CA   C N S 152 
HIS C    C N N 153 
HIS O    O N N 154 
HIS CB   C N N 155 
HIS CG   C Y N 156 
HIS ND1  N Y N 157 
HIS CD2  C Y N 158 
HIS CE1  C Y N 159 
HIS NE2  N Y N 160 
HIS OXT  O N N 161 
HIS H    H N N 162 
HIS H2   H N N 163 
HIS HA   H N N 164 
HIS HB2  H N N 165 
HIS HB3  H N N 166 
HIS HD1  H N N 167 
HIS HD2  H N N 168 
HIS HE1  H N N 169 
HIS HE2  H N N 170 
HIS HXT  H N N 171 
HOH O    O N N 172 
HOH H1   H N N 173 
HOH H2   H N N 174 
ILE N    N N N 175 
ILE CA   C N S 176 
ILE C    C N N 177 
ILE O    O N N 178 
ILE CB   C N S 179 
ILE CG1  C N N 180 
ILE CG2  C N N 181 
ILE CD1  C N N 182 
ILE OXT  O N N 183 
ILE H    H N N 184 
ILE H2   H N N 185 
ILE HA   H N N 186 
ILE HB   H N N 187 
ILE HG12 H N N 188 
ILE HG13 H N N 189 
ILE HG21 H N N 190 
ILE HG22 H N N 191 
ILE HG23 H N N 192 
ILE HD11 H N N 193 
ILE HD12 H N N 194 
ILE HD13 H N N 195 
ILE HXT  H N N 196 
LEU N    N N N 197 
LEU CA   C N S 198 
LEU C    C N N 199 
LEU O    O N N 200 
LEU CB   C N N 201 
LEU CG   C N N 202 
LEU CD1  C N N 203 
LEU CD2  C N N 204 
LEU OXT  O N N 205 
LEU H    H N N 206 
LEU H2   H N N 207 
LEU HA   H N N 208 
LEU HB2  H N N 209 
LEU HB3  H N N 210 
LEU HG   H N N 211 
LEU HD11 H N N 212 
LEU HD12 H N N 213 
LEU HD13 H N N 214 
LEU HD21 H N N 215 
LEU HD22 H N N 216 
LEU HD23 H N N 217 
LEU HXT  H N N 218 
LYS N    N N N 219 
LYS CA   C N S 220 
LYS C    C N N 221 
LYS O    O N N 222 
LYS CB   C N N 223 
LYS CG   C N N 224 
LYS CD   C N N 225 
LYS CE   C N N 226 
LYS NZ   N N N 227 
LYS OXT  O N N 228 
LYS H    H N N 229 
LYS H2   H N N 230 
LYS HA   H N N 231 
LYS HB2  H N N 232 
LYS HB3  H N N 233 
LYS HG2  H N N 234 
LYS HG3  H N N 235 
LYS HD2  H N N 236 
LYS HD3  H N N 237 
LYS HE2  H N N 238 
LYS HE3  H N N 239 
LYS HZ1  H N N 240 
LYS HZ2  H N N 241 
LYS HZ3  H N N 242 
LYS HXT  H N N 243 
MET N    N N N 244 
MET CA   C N S 245 
MET C    C N N 246 
MET O    O N N 247 
MET CB   C N N 248 
MET CG   C N N 249 
MET SD   S N N 250 
MET CE   C N N 251 
MET OXT  O N N 252 
MET H    H N N 253 
MET H2   H N N 254 
MET HA   H N N 255 
MET HB2  H N N 256 
MET HB3  H N N 257 
MET HG2  H N N 258 
MET HG3  H N N 259 
MET HE1  H N N 260 
MET HE2  H N N 261 
MET HE3  H N N 262 
MET HXT  H N N 263 
PHE N    N N N 264 
PHE CA   C N S 265 
PHE C    C N N 266 
PHE O    O N N 267 
PHE CB   C N N 268 
PHE CG   C Y N 269 
PHE CD1  C Y N 270 
PHE CD2  C Y N 271 
PHE CE1  C Y N 272 
PHE CE2  C Y N 273 
PHE CZ   C Y N 274 
PHE OXT  O N N 275 
PHE H    H N N 276 
PHE H2   H N N 277 
PHE HA   H N N 278 
PHE HB2  H N N 279 
PHE HB3  H N N 280 
PHE HD1  H N N 281 
PHE HD2  H N N 282 
PHE HE1  H N N 283 
PHE HE2  H N N 284 
PHE HZ   H N N 285 
PHE HXT  H N N 286 
PLM C1   C N N 287 
PLM O1   O N N 288 
PLM O2   O N N 289 
PLM C2   C N N 290 
PLM C3   C N N 291 
PLM C4   C N N 292 
PLM C5   C N N 293 
PLM C6   C N N 294 
PLM C7   C N N 295 
PLM C8   C N N 296 
PLM C9   C N N 297 
PLM CA   C N N 298 
PLM CB   C N N 299 
PLM CC   C N N 300 
PLM CD   C N N 301 
PLM CE   C N N 302 
PLM CF   C N N 303 
PLM CG   C N N 304 
PLM H    H N N 305 
PLM H21  H N N 306 
PLM H22  H N N 307 
PLM H31  H N N 308 
PLM H32  H N N 309 
PLM H41  H N N 310 
PLM H42  H N N 311 
PLM H51  H N N 312 
PLM H52  H N N 313 
PLM H61  H N N 314 
PLM H62  H N N 315 
PLM H71  H N N 316 
PLM H72  H N N 317 
PLM H81  H N N 318 
PLM H82  H N N 319 
PLM H91  H N N 320 
PLM H92  H N N 321 
PLM HA1  H N N 322 
PLM HA2  H N N 323 
PLM HB1  H N N 324 
PLM HB2  H N N 325 
PLM HC1  H N N 326 
PLM HC2  H N N 327 
PLM HD1  H N N 328 
PLM HD2  H N N 329 
PLM HE1  H N N 330 
PLM HE2  H N N 331 
PLM HF1  H N N 332 
PLM HF2  H N N 333 
PLM HG1  H N N 334 
PLM HG2  H N N 335 
PLM HG3  H N N 336 
PRO N    N N N 337 
PRO CA   C N S 338 
PRO C    C N N 339 
PRO O    O N N 340 
PRO CB   C N N 341 
PRO CG   C N N 342 
PRO CD   C N N 343 
PRO OXT  O N N 344 
PRO H    H N N 345 
PRO HA   H N N 346 
PRO HB2  H N N 347 
PRO HB3  H N N 348 
PRO HG2  H N N 349 
PRO HG3  H N N 350 
PRO HD2  H N N 351 
PRO HD3  H N N 352 
PRO HXT  H N N 353 
SER N    N N N 354 
SER CA   C N S 355 
SER C    C N N 356 
SER O    O N N 357 
SER CB   C N N 358 
SER OG   O N N 359 
SER OXT  O N N 360 
SER H    H N N 361 
SER H2   H N N 362 
SER HA   H N N 363 
SER HB2  H N N 364 
SER HB3  H N N 365 
SER HG   H N N 366 
SER HXT  H N N 367 
SO4 S    S N N 368 
SO4 O1   O N N 369 
SO4 O2   O N N 370 
SO4 O3   O N N 371 
SO4 O4   O N N 372 
THR N    N N N 373 
THR CA   C N S 374 
THR C    C N N 375 
THR O    O N N 376 
THR CB   C N R 377 
THR OG1  O N N 378 
THR CG2  C N N 379 
THR OXT  O N N 380 
THR H    H N N 381 
THR H2   H N N 382 
THR HA   H N N 383 
THR HB   H N N 384 
THR HG1  H N N 385 
THR HG21 H N N 386 
THR HG22 H N N 387 
THR HG23 H N N 388 
THR HXT  H N N 389 
TRP N    N N N 390 
TRP CA   C N S 391 
TRP C    C N N 392 
TRP O    O N N 393 
TRP CB   C N N 394 
TRP CG   C Y N 395 
TRP CD1  C Y N 396 
TRP CD2  C Y N 397 
TRP NE1  N Y N 398 
TRP CE2  C Y N 399 
TRP CE3  C Y N 400 
TRP CZ2  C Y N 401 
TRP CZ3  C Y N 402 
TRP CH2  C Y N 403 
TRP OXT  O N N 404 
TRP H    H N N 405 
TRP H2   H N N 406 
TRP HA   H N N 407 
TRP HB2  H N N 408 
TRP HB3  H N N 409 
TRP HD1  H N N 410 
TRP HE1  H N N 411 
TRP HE3  H N N 412 
TRP HZ2  H N N 413 
TRP HZ3  H N N 414 
TRP HH2  H N N 415 
TRP HXT  H N N 416 
TYR N    N N N 417 
TYR CA   C N S 418 
TYR C    C N N 419 
TYR O    O N N 420 
TYR CB   C N N 421 
TYR CG   C Y N 422 
TYR CD1  C Y N 423 
TYR CD2  C Y N 424 
TYR CE1  C Y N 425 
TYR CE2  C Y N 426 
TYR CZ   C Y N 427 
TYR OH   O N N 428 
TYR OXT  O N N 429 
TYR H    H N N 430 
TYR H2   H N N 431 
TYR HA   H N N 432 
TYR HB2  H N N 433 
TYR HB3  H N N 434 
TYR HD1  H N N 435 
TYR HD2  H N N 436 
TYR HE1  H N N 437 
TYR HE2  H N N 438 
TYR HH   H N N 439 
TYR HXT  H N N 440 
VAL N    N N N 441 
VAL CA   C N S 442 
VAL C    C N N 443 
VAL O    O N N 444 
VAL CB   C N N 445 
VAL CG1  C N N 446 
VAL CG2  C N N 447 
VAL OXT  O N N 448 
VAL H    H N N 449 
VAL H2   H N N 450 
VAL HA   H N N 451 
VAL HB   H N N 452 
VAL HG11 H N N 453 
VAL HG12 H N N 454 
VAL HG13 H N N 455 
VAL HG21 H N N 456 
VAL HG22 H N N 457 
VAL HG23 H N N 458 
VAL HXT  H N N 459 
# 
loop_
_chem_comp_bond.comp_id 
_chem_comp_bond.atom_id_1 
_chem_comp_bond.atom_id_2 
_chem_comp_bond.value_order 
_chem_comp_bond.pdbx_aromatic_flag 
_chem_comp_bond.pdbx_stereo_config 
_chem_comp_bond.pdbx_ordinal 
ALA N   CA   sing N N 1   
ALA N   H    sing N N 2   
ALA N   H2   sing N N 3   
ALA CA  C    sing N N 4   
ALA CA  CB   sing N N 5   
ALA CA  HA   sing N N 6   
ALA C   O    doub N N 7   
ALA C   OXT  sing N N 8   
ALA CB  HB1  sing N N 9   
ALA CB  HB2  sing N N 10  
ALA CB  HB3  sing N N 11  
ALA OXT HXT  sing N N 12  
ARG N   CA   sing N N 13  
ARG N   H    sing N N 14  
ARG N   H2   sing N N 15  
ARG CA  C    sing N N 16  
ARG CA  CB   sing N N 17  
ARG CA  HA   sing N N 18  
ARG C   O    doub N N 19  
ARG C   OXT  sing N N 20  
ARG CB  CG   sing N N 21  
ARG CB  HB2  sing N N 22  
ARG CB  HB3  sing N N 23  
ARG CG  CD   sing N N 24  
ARG CG  HG2  sing N N 25  
ARG CG  HG3  sing N N 26  
ARG CD  NE   sing N N 27  
ARG CD  HD2  sing N N 28  
ARG CD  HD3  sing N N 29  
ARG NE  CZ   sing N N 30  
ARG NE  HE   sing N N 31  
ARG CZ  NH1  sing N N 32  
ARG CZ  NH2  doub N N 33  
ARG NH1 HH11 sing N N 34  
ARG NH1 HH12 sing N N 35  
ARG NH2 HH21 sing N N 36  
ARG NH2 HH22 sing N N 37  
ARG OXT HXT  sing N N 38  
ASN N   CA   sing N N 39  
ASN N   H    sing N N 40  
ASN N   H2   sing N N 41  
ASN CA  C    sing N N 42  
ASN CA  CB   sing N N 43  
ASN CA  HA   sing N N 44  
ASN C   O    doub N N 45  
ASN C   OXT  sing N N 46  
ASN CB  CG   sing N N 47  
ASN CB  HB2  sing N N 48  
ASN CB  HB3  sing N N 49  
ASN CG  OD1  doub N N 50  
ASN CG  ND2  sing N N 51  
ASN ND2 HD21 sing N N 52  
ASN ND2 HD22 sing N N 53  
ASN OXT HXT  sing N N 54  
ASP N   CA   sing N N 55  
ASP N   H    sing N N 56  
ASP N   H2   sing N N 57  
ASP CA  C    sing N N 58  
ASP CA  CB   sing N N 59  
ASP CA  HA   sing N N 60  
ASP C   O    doub N N 61  
ASP C   OXT  sing N N 62  
ASP CB  CG   sing N N 63  
ASP CB  HB2  sing N N 64  
ASP CB  HB3  sing N N 65  
ASP CG  OD1  doub N N 66  
ASP CG  OD2  sing N N 67  
ASP OD2 HD2  sing N N 68  
ASP OXT HXT  sing N N 69  
CYS N   CA   sing N N 70  
CYS N   H    sing N N 71  
CYS N   H2   sing N N 72  
CYS CA  C    sing N N 73  
CYS CA  CB   sing N N 74  
CYS CA  HA   sing N N 75  
CYS C   O    doub N N 76  
CYS C   OXT  sing N N 77  
CYS CB  SG   sing N N 78  
CYS CB  HB2  sing N N 79  
CYS CB  HB3  sing N N 80  
CYS SG  HG   sing N N 81  
CYS OXT HXT  sing N N 82  
GLN N   CA   sing N N 83  
GLN N   H    sing N N 84  
GLN N   H2   sing N N 85  
GLN CA  C    sing N N 86  
GLN CA  CB   sing N N 87  
GLN CA  HA   sing N N 88  
GLN C   O    doub N N 89  
GLN C   OXT  sing N N 90  
GLN CB  CG   sing N N 91  
GLN CB  HB2  sing N N 92  
GLN CB  HB3  sing N N 93  
GLN CG  CD   sing N N 94  
GLN CG  HG2  sing N N 95  
GLN CG  HG3  sing N N 96  
GLN CD  OE1  doub N N 97  
GLN CD  NE2  sing N N 98  
GLN NE2 HE21 sing N N 99  
GLN NE2 HE22 sing N N 100 
GLN OXT HXT  sing N N 101 
GLU N   CA   sing N N 102 
GLU N   H    sing N N 103 
GLU N   H2   sing N N 104 
GLU CA  C    sing N N 105 
GLU CA  CB   sing N N 106 
GLU CA  HA   sing N N 107 
GLU C   O    doub N N 108 
GLU C   OXT  sing N N 109 
GLU CB  CG   sing N N 110 
GLU CB  HB2  sing N N 111 
GLU CB  HB3  sing N N 112 
GLU CG  CD   sing N N 113 
GLU CG  HG2  sing N N 114 
GLU CG  HG3  sing N N 115 
GLU CD  OE1  doub N N 116 
GLU CD  OE2  sing N N 117 
GLU OE2 HE2  sing N N 118 
GLU OXT HXT  sing N N 119 
GLY N   CA   sing N N 120 
GLY N   H    sing N N 121 
GLY N   H2   sing N N 122 
GLY CA  C    sing N N 123 
GLY CA  HA2  sing N N 124 
GLY CA  HA3  sing N N 125 
GLY C   O    doub N N 126 
GLY C   OXT  sing N N 127 
GLY OXT HXT  sing N N 128 
GOL C1  O1   sing N N 129 
GOL C1  C2   sing N N 130 
GOL C1  H11  sing N N 131 
GOL C1  H12  sing N N 132 
GOL O1  HO1  sing N N 133 
GOL C2  O2   sing N N 134 
GOL C2  C3   sing N N 135 
GOL C2  H2   sing N N 136 
GOL O2  HO2  sing N N 137 
GOL C3  O3   sing N N 138 
GOL C3  H31  sing N N 139 
GOL C3  H32  sing N N 140 
GOL O3  HO3  sing N N 141 
HIS N   CA   sing N N 142 
HIS N   H    sing N N 143 
HIS N   H2   sing N N 144 
HIS CA  C    sing N N 145 
HIS CA  CB   sing N N 146 
HIS CA  HA   sing N N 147 
HIS C   O    doub N N 148 
HIS C   OXT  sing N N 149 
HIS CB  CG   sing N N 150 
HIS CB  HB2  sing N N 151 
HIS CB  HB3  sing N N 152 
HIS CG  ND1  sing Y N 153 
HIS CG  CD2  doub Y N 154 
HIS ND1 CE1  doub Y N 155 
HIS ND1 HD1  sing N N 156 
HIS CD2 NE2  sing Y N 157 
HIS CD2 HD2  sing N N 158 
HIS CE1 NE2  sing Y N 159 
HIS CE1 HE1  sing N N 160 
HIS NE2 HE2  sing N N 161 
HIS OXT HXT  sing N N 162 
HOH O   H1   sing N N 163 
HOH O   H2   sing N N 164 
ILE N   CA   sing N N 165 
ILE N   H    sing N N 166 
ILE N   H2   sing N N 167 
ILE CA  C    sing N N 168 
ILE CA  CB   sing N N 169 
ILE CA  HA   sing N N 170 
ILE C   O    doub N N 171 
ILE C   OXT  sing N N 172 
ILE CB  CG1  sing N N 173 
ILE CB  CG2  sing N N 174 
ILE CB  HB   sing N N 175 
ILE CG1 CD1  sing N N 176 
ILE CG1 HG12 sing N N 177 
ILE CG1 HG13 sing N N 178 
ILE CG2 HG21 sing N N 179 
ILE CG2 HG22 sing N N 180 
ILE CG2 HG23 sing N N 181 
ILE CD1 HD11 sing N N 182 
ILE CD1 HD12 sing N N 183 
ILE CD1 HD13 sing N N 184 
ILE OXT HXT  sing N N 185 
LEU N   CA   sing N N 186 
LEU N   H    sing N N 187 
LEU N   H2   sing N N 188 
LEU CA  C    sing N N 189 
LEU CA  CB   sing N N 190 
LEU CA  HA   sing N N 191 
LEU C   O    doub N N 192 
LEU C   OXT  sing N N 193 
LEU CB  CG   sing N N 194 
LEU CB  HB2  sing N N 195 
LEU CB  HB3  sing N N 196 
LEU CG  CD1  sing N N 197 
LEU CG  CD2  sing N N 198 
LEU CG  HG   sing N N 199 
LEU CD1 HD11 sing N N 200 
LEU CD1 HD12 sing N N 201 
LEU CD1 HD13 sing N N 202 
LEU CD2 HD21 sing N N 203 
LEU CD2 HD22 sing N N 204 
LEU CD2 HD23 sing N N 205 
LEU OXT HXT  sing N N 206 
LYS N   CA   sing N N 207 
LYS N   H    sing N N 208 
LYS N   H2   sing N N 209 
LYS CA  C    sing N N 210 
LYS CA  CB   sing N N 211 
LYS CA  HA   sing N N 212 
LYS C   O    doub N N 213 
LYS C   OXT  sing N N 214 
LYS CB  CG   sing N N 215 
LYS CB  HB2  sing N N 216 
LYS CB  HB3  sing N N 217 
LYS CG  CD   sing N N 218 
LYS CG  HG2  sing N N 219 
LYS CG  HG3  sing N N 220 
LYS CD  CE   sing N N 221 
LYS CD  HD2  sing N N 222 
LYS CD  HD3  sing N N 223 
LYS CE  NZ   sing N N 224 
LYS CE  HE2  sing N N 225 
LYS CE  HE3  sing N N 226 
LYS NZ  HZ1  sing N N 227 
LYS NZ  HZ2  sing N N 228 
LYS NZ  HZ3  sing N N 229 
LYS OXT HXT  sing N N 230 
MET N   CA   sing N N 231 
MET N   H    sing N N 232 
MET N   H2   sing N N 233 
MET CA  C    sing N N 234 
MET CA  CB   sing N N 235 
MET CA  HA   sing N N 236 
MET C   O    doub N N 237 
MET C   OXT  sing N N 238 
MET CB  CG   sing N N 239 
MET CB  HB2  sing N N 240 
MET CB  HB3  sing N N 241 
MET CG  SD   sing N N 242 
MET CG  HG2  sing N N 243 
MET CG  HG3  sing N N 244 
MET SD  CE   sing N N 245 
MET CE  HE1  sing N N 246 
MET CE  HE2  sing N N 247 
MET CE  HE3  sing N N 248 
MET OXT HXT  sing N N 249 
PHE N   CA   sing N N 250 
PHE N   H    sing N N 251 
PHE N   H2   sing N N 252 
PHE CA  C    sing N N 253 
PHE CA  CB   sing N N 254 
PHE CA  HA   sing N N 255 
PHE C   O    doub N N 256 
PHE C   OXT  sing N N 257 
PHE CB  CG   sing N N 258 
PHE CB  HB2  sing N N 259 
PHE CB  HB3  sing N N 260 
PHE CG  CD1  doub Y N 261 
PHE CG  CD2  sing Y N 262 
PHE CD1 CE1  sing Y N 263 
PHE CD1 HD1  sing N N 264 
PHE CD2 CE2  doub Y N 265 
PHE CD2 HD2  sing N N 266 
PHE CE1 CZ   doub Y N 267 
PHE CE1 HE1  sing N N 268 
PHE CE2 CZ   sing Y N 269 
PHE CE2 HE2  sing N N 270 
PHE CZ  HZ   sing N N 271 
PHE OXT HXT  sing N N 272 
PLM C1  O1   sing N N 273 
PLM C1  O2   doub N N 274 
PLM C1  C2   sing N N 275 
PLM O1  H    sing N N 276 
PLM C2  C3   sing N N 277 
PLM C2  H21  sing N N 278 
PLM C2  H22  sing N N 279 
PLM C3  C4   sing N N 280 
PLM C3  H31  sing N N 281 
PLM C3  H32  sing N N 282 
PLM C4  C5   sing N N 283 
PLM C4  H41  sing N N 284 
PLM C4  H42  sing N N 285 
PLM C5  C6   sing N N 286 
PLM C5  H51  sing N N 287 
PLM C5  H52  sing N N 288 
PLM C6  C7   sing N N 289 
PLM C6  H61  sing N N 290 
PLM C6  H62  sing N N 291 
PLM C7  C8   sing N N 292 
PLM C7  H71  sing N N 293 
PLM C7  H72  sing N N 294 
PLM C8  C9   sing N N 295 
PLM C8  H81  sing N N 296 
PLM C8  H82  sing N N 297 
PLM C9  CA   sing N N 298 
PLM C9  H91  sing N N 299 
PLM C9  H92  sing N N 300 
PLM CA  CB   sing N N 301 
PLM CA  HA1  sing N N 302 
PLM CA  HA2  sing N N 303 
PLM CB  CC   sing N N 304 
PLM CB  HB1  sing N N 305 
PLM CB  HB2  sing N N 306 
PLM CC  CD   sing N N 307 
PLM CC  HC1  sing N N 308 
PLM CC  HC2  sing N N 309 
PLM CD  CE   sing N N 310 
PLM CD  HD1  sing N N 311 
PLM CD  HD2  sing N N 312 
PLM CE  CF   sing N N 313 
PLM CE  HE1  sing N N 314 
PLM CE  HE2  sing N N 315 
PLM CF  CG   sing N N 316 
PLM CF  HF1  sing N N 317 
PLM CF  HF2  sing N N 318 
PLM CG  HG1  sing N N 319 
PLM CG  HG2  sing N N 320 
PLM CG  HG3  sing N N 321 
PRO N   CA   sing N N 322 
PRO N   CD   sing N N 323 
PRO N   H    sing N N 324 
PRO CA  C    sing N N 325 
PRO CA  CB   sing N N 326 
PRO CA  HA   sing N N 327 
PRO C   O    doub N N 328 
PRO C   OXT  sing N N 329 
PRO CB  CG   sing N N 330 
PRO CB  HB2  sing N N 331 
PRO CB  HB3  sing N N 332 
PRO CG  CD   sing N N 333 
PRO CG  HG2  sing N N 334 
PRO CG  HG3  sing N N 335 
PRO CD  HD2  sing N N 336 
PRO CD  HD3  sing N N 337 
PRO OXT HXT  sing N N 338 
SER N   CA   sing N N 339 
SER N   H    sing N N 340 
SER N   H2   sing N N 341 
SER CA  C    sing N N 342 
SER CA  CB   sing N N 343 
SER CA  HA   sing N N 344 
SER C   O    doub N N 345 
SER C   OXT  sing N N 346 
SER CB  OG   sing N N 347 
SER CB  HB2  sing N N 348 
SER CB  HB3  sing N N 349 
SER OG  HG   sing N N 350 
SER OXT HXT  sing N N 351 
SO4 S   O1   doub N N 352 
SO4 S   O2   doub N N 353 
SO4 S   O3   sing N N 354 
SO4 S   O4   sing N N 355 
THR N   CA   sing N N 356 
THR N   H    sing N N 357 
THR N   H2   sing N N 358 
THR CA  C    sing N N 359 
THR CA  CB   sing N N 360 
THR CA  HA   sing N N 361 
THR C   O    doub N N 362 
THR C   OXT  sing N N 363 
THR CB  OG1  sing N N 364 
THR CB  CG2  sing N N 365 
THR CB  HB   sing N N 366 
THR OG1 HG1  sing N N 367 
THR CG2 HG21 sing N N 368 
THR CG2 HG22 sing N N 369 
THR CG2 HG23 sing N N 370 
THR OXT HXT  sing N N 371 
TRP N   CA   sing N N 372 
TRP N   H    sing N N 373 
TRP N   H2   sing N N 374 
TRP CA  C    sing N N 375 
TRP CA  CB   sing N N 376 
TRP CA  HA   sing N N 377 
TRP C   O    doub N N 378 
TRP C   OXT  sing N N 379 
TRP CB  CG   sing N N 380 
TRP CB  HB2  sing N N 381 
TRP CB  HB3  sing N N 382 
TRP CG  CD1  doub Y N 383 
TRP CG  CD2  sing Y N 384 
TRP CD1 NE1  sing Y N 385 
TRP CD1 HD1  sing N N 386 
TRP CD2 CE2  doub Y N 387 
TRP CD2 CE3  sing Y N 388 
TRP NE1 CE2  sing Y N 389 
TRP NE1 HE1  sing N N 390 
TRP CE2 CZ2  sing Y N 391 
TRP CE3 CZ3  doub Y N 392 
TRP CE3 HE3  sing N N 393 
TRP CZ2 CH2  doub Y N 394 
TRP CZ2 HZ2  sing N N 395 
TRP CZ3 CH2  sing Y N 396 
TRP CZ3 HZ3  sing N N 397 
TRP CH2 HH2  sing N N 398 
TRP OXT HXT  sing N N 399 
TYR N   CA   sing N N 400 
TYR N   H    sing N N 401 
TYR N   H2   sing N N 402 
TYR CA  C    sing N N 403 
TYR CA  CB   sing N N 404 
TYR CA  HA   sing N N 405 
TYR C   O    doub N N 406 
TYR C   OXT  sing N N 407 
TYR CB  CG   sing N N 408 
TYR CB  HB2  sing N N 409 
TYR CB  HB3  sing N N 410 
TYR CG  CD1  doub Y N 411 
TYR CG  CD2  sing Y N 412 
TYR CD1 CE1  sing Y N 413 
TYR CD1 HD1  sing N N 414 
TYR CD2 CE2  doub Y N 415 
TYR CD2 HD2  sing N N 416 
TYR CE1 CZ   doub Y N 417 
TYR CE1 HE1  sing N N 418 
TYR CE2 CZ   sing Y N 419 
TYR CE2 HE2  sing N N 420 
TYR CZ  OH   sing N N 421 
TYR OH  HH   sing N N 422 
TYR OXT HXT  sing N N 423 
VAL N   CA   sing N N 424 
VAL N   H    sing N N 425 
VAL N   H2   sing N N 426 
VAL CA  C    sing N N 427 
VAL CA  CB   sing N N 428 
VAL CA  HA   sing N N 429 
VAL C   O    doub N N 430 
VAL C   OXT  sing N N 431 
VAL CB  CG1  sing N N 432 
VAL CB  CG2  sing N N 433 
VAL CB  HB   sing N N 434 
VAL CG1 HG11 sing N N 435 
VAL CG1 HG12 sing N N 436 
VAL CG1 HG13 sing N N 437 
VAL CG2 HG21 sing N N 438 
VAL CG2 HG22 sing N N 439 
VAL CG2 HG23 sing N N 440 
VAL OXT HXT  sing N N 441 
# 
loop_
_pdbx_audit_support.funding_organization 
_pdbx_audit_support.country 
_pdbx_audit_support.grant_number 
_pdbx_audit_support.ordinal 
'National Research Foundation (NRF, Korea)' 'Korea, Republic Of' NRF-2017R1D1A1B03033087 1 
'National Research Foundation (NRF, Korea)' 'Korea, Republic Of' NRF-2017M3A9F6029736    2 
# 
_pdbx_entity_instance_feature.ordinal        1 
_pdbx_entity_instance_feature.comp_id        PLM 
_pdbx_entity_instance_feature.asym_id        ? 
_pdbx_entity_instance_feature.seq_num        ? 
_pdbx_entity_instance_feature.auth_comp_id   PLM 
_pdbx_entity_instance_feature.auth_asym_id   ? 
_pdbx_entity_instance_feature.auth_seq_num   ? 
_pdbx_entity_instance_feature.feature_type   'SUBJECT OF INVESTIGATION' 
_pdbx_entity_instance_feature.details        ? 
# 
loop_
_pdbx_entity_nonpoly.entity_id 
_pdbx_entity_nonpoly.name 
_pdbx_entity_nonpoly.comp_id 
2 GLYCEROL        GOL 
3 'PALMITIC ACID' PLM 
4 'SULFATE ION'   SO4 
5 water           HOH 
# 
_pdbx_initial_refinement_model.id               1 
_pdbx_initial_refinement_model.entity_id_list   ? 
_pdbx_initial_refinement_model.type             'experimental model' 
_pdbx_initial_refinement_model.source_name      PDB 
_pdbx_initial_refinement_model.accession_code   1FE3 
_pdbx_initial_refinement_model.details          ? 
# 
_pdbx_struct_assembly_auth_evidence.id                     1 
_pdbx_struct_assembly_auth_evidence.assembly_id            1 
_pdbx_struct_assembly_auth_evidence.experimental_support   'gel filtration' 
_pdbx_struct_assembly_auth_evidence.details                ? 
# 
